data_8TZM
#
_entry.id   8TZM
#
_entity_poly.entity_id   1
_entity_poly.type   'polypeptide(L)'
_entity_poly.pdbx_seq_one_letter_code
;MAHHHHHHMFLDDVNVFLDDLNTNPITDEWYMSNFADKHIKILESYEAFDILKQFVDYMIEEHDEKSEYEIMEILRQLKY
QADTNEKFYTNTQKQKIVELYKQEISQDILNEIFR
;
_entity_poly.pdbx_strand_id   A
#
# COMPACT_ATOMS: atom_id res chain seq x y z
N MET A 1 -36.06 -8.80 -4.43
CA MET A 1 -37.33 -8.84 -3.69
C MET A 1 -37.07 -8.75 -2.19
N ALA A 2 -37.43 -7.61 -1.59
CA ALA A 2 -37.26 -7.37 -0.15
C ALA A 2 -35.79 -7.12 0.20
N HIS A 3 -34.93 -8.10 -0.07
CA HIS A 3 -33.51 -7.98 0.23
C HIS A 3 -32.80 -7.10 -0.78
N HIS A 4 -32.89 -5.79 -0.55
CA HIS A 4 -32.10 -4.82 -1.31
C HIS A 4 -30.66 -4.89 -0.83
N HIS A 5 -29.75 -5.27 -1.73
CA HIS A 5 -28.35 -5.50 -1.37
C HIS A 5 -27.74 -4.25 -0.74
N HIS A 6 -27.48 -4.32 0.56
CA HIS A 6 -26.89 -3.21 1.30
C HIS A 6 -25.65 -3.69 2.04
N HIS A 7 -24.51 -3.64 1.36
CA HIS A 7 -23.24 -4.10 1.92
C HIS A 7 -22.09 -3.47 1.14
N HIS A 8 -21.22 -2.75 1.84
CA HIS A 8 -20.07 -2.11 1.20
C HIS A 8 -19.02 -3.15 0.85
N MET A 9 -18.95 -3.52 -0.42
CA MET A 9 -18.05 -4.57 -0.89
C MET A 9 -17.12 -4.05 -1.99
N PHE A 10 -15.85 -4.42 -1.88
CA PHE A 10 -14.85 -4.15 -2.91
C PHE A 10 -14.66 -2.64 -3.15
N LEU A 11 -14.91 -1.83 -2.13
CA LEU A 11 -14.60 -0.40 -2.21
C LEU A 11 -13.11 -0.19 -1.99
N ASP A 12 -12.60 -0.84 -0.94
CA ASP A 12 -11.20 -0.75 -0.58
C ASP A 12 -10.41 -1.86 -1.27
N ASP A 13 -9.87 -1.55 -2.45
CA ASP A 13 -9.09 -2.52 -3.22
C ASP A 13 -7.91 -3.03 -2.41
N VAL A 14 -7.13 -2.11 -1.83
CA VAL A 14 -5.98 -2.46 -1.00
C VAL A 14 -6.41 -3.38 0.14
N ASN A 15 -7.53 -3.07 0.77
CA ASN A 15 -8.02 -3.87 1.89
C ASN A 15 -8.30 -5.29 1.42
N VAL A 16 -8.93 -5.40 0.25
CA VAL A 16 -9.27 -6.70 -0.32
C VAL A 16 -8.01 -7.53 -0.60
N PHE A 17 -6.99 -6.90 -1.20
CA PHE A 17 -5.75 -7.61 -1.50
C PHE A 17 -5.10 -8.13 -0.22
N LEU A 18 -4.87 -7.23 0.74
CA LEU A 18 -4.23 -7.59 2.00
C LEU A 18 -5.05 -8.63 2.76
N ASP A 19 -6.36 -8.47 2.74
CA ASP A 19 -7.26 -9.38 3.46
C ASP A 19 -7.28 -10.74 2.79
N ASP A 20 -7.42 -10.74 1.46
CA ASP A 20 -7.54 -11.98 0.69
C ASP A 20 -6.26 -12.79 0.77
N LEU A 21 -5.12 -12.11 0.63
CA LEU A 21 -3.82 -12.78 0.64
C LEU A 21 -3.40 -13.15 2.05
N ASN A 22 -4.06 -12.57 3.05
CA ASN A 22 -3.82 -12.91 4.45
C ASN A 22 -4.65 -14.12 4.85
N THR A 23 -5.94 -14.10 4.52
CA THR A 23 -6.86 -15.17 4.88
C THR A 23 -6.59 -16.42 4.06
N ASN A 24 -5.93 -16.24 2.93
CA ASN A 24 -5.53 -17.33 2.07
C ASN A 24 -4.00 -17.39 2.02
N PRO A 25 -3.40 -18.59 2.12
CA PRO A 25 -1.93 -18.75 2.16
C PRO A 25 -1.24 -18.37 0.84
N ILE A 26 -1.95 -17.68 -0.02
CA ILE A 26 -1.41 -17.18 -1.29
C ILE A 26 -0.11 -16.41 -1.08
N THR A 27 -0.21 -15.36 -0.28
CA THR A 27 0.93 -14.50 0.06
C THR A 27 1.80 -14.19 -1.16
N ASP A 28 1.17 -13.99 -2.31
CA ASP A 28 1.89 -13.66 -3.55
C ASP A 28 1.71 -12.19 -3.87
N GLU A 29 2.72 -11.40 -3.52
CA GLU A 29 2.70 -9.94 -3.66
C GLU A 29 2.61 -9.52 -5.12
N TRP A 30 2.93 -10.44 -6.01
CA TRP A 30 3.02 -10.16 -7.45
C TRP A 30 1.69 -9.65 -8.02
N TYR A 31 0.58 -10.10 -7.43
CA TYR A 31 -0.75 -9.68 -7.87
C TYR A 31 -0.92 -8.18 -7.66
N MET A 32 -0.34 -7.67 -6.57
CA MET A 32 -0.41 -6.25 -6.26
C MET A 32 0.27 -5.43 -7.34
N SER A 33 1.43 -5.89 -7.80
CA SER A 33 2.17 -5.20 -8.85
C SER A 33 1.35 -5.21 -10.14
N ASN A 34 0.64 -6.30 -10.37
CA ASN A 34 -0.26 -6.42 -11.53
C ASN A 34 -1.35 -5.35 -11.47
N PHE A 35 -1.82 -5.05 -10.26
CA PHE A 35 -2.83 -4.03 -10.05
C PHE A 35 -2.24 -2.63 -10.22
N ALA A 36 -1.11 -2.39 -9.56
CA ALA A 36 -0.45 -1.08 -9.57
C ALA A 36 0.06 -0.72 -10.97
N ASP A 37 0.18 -1.72 -11.82
CA ASP A 37 0.59 -1.54 -13.21
C ASP A 37 -0.45 -0.73 -13.99
N LYS A 38 -1.71 -0.90 -13.62
CA LYS A 38 -2.82 -0.25 -14.33
C LYS A 38 -2.74 1.26 -14.16
N HIS A 39 -2.38 1.96 -15.24
CA HIS A 39 -2.18 3.41 -15.19
C HIS A 39 -3.53 4.13 -15.10
N ILE A 40 -4.02 4.29 -13.87
CA ILE A 40 -5.26 5.01 -13.62
C ILE A 40 -5.08 5.95 -12.44
N LYS A 41 -5.74 7.11 -12.49
CA LYS A 41 -5.68 8.07 -11.40
C LYS A 41 -6.65 7.68 -10.30
N ILE A 42 -6.10 7.02 -9.28
CA ILE A 42 -6.90 6.46 -8.19
C ILE A 42 -7.37 7.53 -7.20
N LEU A 43 -6.50 8.49 -6.90
CA LEU A 43 -6.77 9.49 -5.87
C LEU A 43 -6.22 10.86 -6.27
N GLU A 44 -6.45 11.85 -5.42
CA GLU A 44 -5.88 13.18 -5.59
C GLU A 44 -4.60 13.30 -4.76
N SER A 45 -3.90 14.40 -4.92
CA SER A 45 -2.62 14.60 -4.24
C SER A 45 -2.75 14.48 -2.72
N TYR A 46 -3.64 15.29 -2.14
CA TYR A 46 -3.83 15.31 -0.70
C TYR A 46 -4.49 14.03 -0.20
N GLU A 47 -5.37 13.47 -1.03
CA GLU A 47 -6.07 12.23 -0.69
C GLU A 47 -5.08 11.09 -0.52
N ALA A 48 -4.28 10.88 -1.56
CA ALA A 48 -3.28 9.81 -1.53
C ALA A 48 -2.24 10.07 -0.46
N PHE A 49 -1.83 11.34 -0.33
CA PHE A 49 -0.81 11.73 0.65
C PHE A 49 -1.25 11.35 2.06
N ASP A 50 -2.50 11.66 2.38
CA ASP A 50 -3.05 11.35 3.71
C ASP A 50 -3.25 9.84 3.87
N ILE A 51 -3.72 9.21 2.80
CA ILE A 51 -3.92 7.78 2.78
C ILE A 51 -2.57 7.05 2.93
N LEU A 52 -1.48 7.71 2.54
CA LEU A 52 -0.14 7.18 2.82
C LEU A 52 -0.01 6.94 4.33
N LYS A 53 -0.30 7.98 5.09
CA LYS A 53 -0.24 7.94 6.56
C LYS A 53 -1.14 6.82 7.09
N GLN A 54 -2.39 6.85 6.62
CA GLN A 54 -3.38 5.86 7.06
C GLN A 54 -2.85 4.44 6.83
N PHE A 55 -2.44 4.16 5.60
CA PHE A 55 -1.94 2.84 5.24
C PHE A 55 -0.65 2.53 5.98
N VAL A 56 0.17 3.54 6.23
CA VAL A 56 1.38 3.37 7.02
C VAL A 56 1.03 2.72 8.35
N ASP A 57 0.10 3.33 9.08
CA ASP A 57 -0.34 2.78 10.37
C ASP A 57 -0.92 1.37 10.19
N TYR A 58 -1.91 1.26 9.29
CA TYR A 58 -2.62 0.00 9.09
C TYR A 58 -1.67 -1.14 8.70
N MET A 59 -0.63 -0.79 7.95
CA MET A 59 0.37 -1.78 7.53
C MET A 59 1.24 -2.18 8.71
N ILE A 60 1.64 -1.19 9.51
CA ILE A 60 2.46 -1.47 10.67
C ILE A 60 1.73 -2.41 11.63
N GLU A 61 0.41 -2.24 11.71
CA GLU A 61 -0.42 -3.07 12.59
C GLU A 61 -0.29 -4.56 12.26
N GLU A 62 0.02 -4.90 11.00
CA GLU A 62 0.08 -6.31 10.59
C GLU A 62 1.51 -6.85 10.64
N HIS A 63 2.49 -5.94 10.72
CA HIS A 63 3.92 -6.27 10.84
C HIS A 63 4.35 -7.42 9.92
N ASP A 64 3.73 -7.52 8.76
CA ASP A 64 3.92 -8.68 7.90
C ASP A 64 5.01 -8.44 6.87
N GLU A 65 6.06 -9.26 6.91
CA GLU A 65 7.18 -9.15 5.98
C GLU A 65 6.78 -9.53 4.55
N LYS A 66 5.84 -10.46 4.43
CA LYS A 66 5.51 -11.08 3.14
C LYS A 66 4.55 -10.23 2.34
N SER A 67 4.22 -9.05 2.83
CA SER A 67 3.42 -8.09 2.08
C SER A 67 4.26 -6.88 1.68
N GLU A 68 5.56 -6.93 1.97
CA GLU A 68 6.47 -5.81 1.72
C GLU A 68 6.28 -5.23 0.31
N TYR A 69 6.42 -6.09 -0.68
CA TYR A 69 6.25 -5.72 -2.09
C TYR A 69 4.85 -5.16 -2.34
N GLU A 70 3.85 -5.66 -1.59
CA GLU A 70 2.48 -5.17 -1.73
C GLU A 70 2.42 -3.73 -1.29
N ILE A 71 2.86 -3.51 -0.05
CA ILE A 71 2.84 -2.18 0.57
C ILE A 71 3.66 -1.20 -0.28
N MET A 72 4.77 -1.68 -0.83
CA MET A 72 5.61 -0.86 -1.71
C MET A 72 4.81 -0.42 -2.94
N GLU A 73 4.20 -1.38 -3.63
CA GLU A 73 3.42 -1.08 -4.83
C GLU A 73 2.21 -0.19 -4.52
N ILE A 74 1.57 -0.45 -3.39
CA ILE A 74 0.47 0.40 -2.93
C ILE A 74 0.95 1.83 -2.70
N LEU A 75 2.01 1.98 -1.90
CA LEU A 75 2.50 3.29 -1.52
C LEU A 75 3.07 4.01 -2.72
N ARG A 76 3.64 3.25 -3.65
CA ARG A 76 4.26 3.84 -4.82
C ARG A 76 3.20 4.35 -5.78
N GLN A 77 2.13 3.58 -6.00
CA GLN A 77 1.05 4.04 -6.86
C GLN A 77 0.35 5.25 -6.24
N LEU A 78 0.20 5.22 -4.91
CA LEU A 78 -0.43 6.31 -4.18
C LEU A 78 0.35 7.62 -4.33
N LYS A 79 1.65 7.58 -4.02
CA LYS A 79 2.47 8.80 -4.06
C LYS A 79 2.81 9.18 -5.49
N TYR A 80 2.85 8.20 -6.39
CA TYR A 80 3.09 8.46 -7.81
C TYR A 80 1.92 9.26 -8.37
N GLN A 81 0.71 8.87 -7.96
CA GLN A 81 -0.50 9.60 -8.31
C GLN A 81 -0.52 10.95 -7.59
N ALA A 82 -0.14 10.93 -6.31
CA ALA A 82 -0.05 12.15 -5.51
C ALA A 82 1.04 13.09 -6.04
N ASP A 83 2.00 12.49 -6.74
CA ASP A 83 3.15 13.22 -7.30
C ASP A 83 3.95 13.88 -6.18
N THR A 84 4.61 13.04 -5.39
CA THR A 84 5.44 13.51 -4.27
C THR A 84 6.48 12.46 -3.89
N ASN A 85 7.70 12.91 -3.64
CA ASN A 85 8.78 12.01 -3.22
C ASN A 85 8.79 11.89 -1.70
N GLU A 86 8.03 12.76 -1.03
CA GLU A 86 8.01 12.83 0.43
C GLU A 86 7.36 11.58 1.05
N LYS A 87 7.35 11.54 2.37
CA LYS A 87 6.71 10.47 3.13
C LYS A 87 6.38 10.98 4.53
N PHE A 88 5.26 10.53 5.07
CA PHE A 88 4.81 10.98 6.38
C PHE A 88 4.00 9.87 7.05
N TYR A 89 3.92 9.91 8.38
CA TYR A 89 3.27 8.85 9.15
C TYR A 89 2.31 9.46 10.16
N THR A 90 1.44 8.63 10.72
CA THR A 90 0.47 9.08 11.71
C THR A 90 1.14 9.40 13.04
N ASN A 91 0.45 10.18 13.87
CA ASN A 91 0.98 10.58 15.18
C ASN A 91 1.27 9.34 16.03
N THR A 92 0.45 8.32 15.84
CA THR A 92 0.56 7.07 16.59
C THR A 92 1.71 6.22 16.08
N GLN A 93 1.96 6.28 14.77
CA GLN A 93 2.93 5.39 14.13
C GLN A 93 4.30 5.44 14.81
N LYS A 94 4.88 6.64 14.93
CA LYS A 94 6.18 6.83 15.59
C LYS A 94 7.26 5.89 15.04
N GLN A 95 7.03 5.30 13.87
CA GLN A 95 7.93 4.26 13.33
C GLN A 95 7.99 4.34 11.81
N LYS A 96 9.20 4.35 11.26
CA LYS A 96 9.39 4.39 9.81
C LYS A 96 9.36 2.97 9.24
N ILE A 97 8.41 2.70 8.35
CA ILE A 97 8.32 1.39 7.70
C ILE A 97 9.56 1.14 6.86
N VAL A 98 10.08 2.22 6.28
CA VAL A 98 11.29 2.18 5.47
C VAL A 98 12.43 1.41 6.19
N GLU A 99 12.47 1.53 7.51
CA GLU A 99 13.51 0.87 8.31
C GLU A 99 13.40 -0.65 8.22
N LEU A 100 12.19 -1.18 8.05
CA LEU A 100 11.99 -2.62 7.91
C LEU A 100 12.09 -3.01 6.44
N TYR A 101 11.74 -2.06 5.56
CA TYR A 101 11.78 -2.25 4.11
C TYR A 101 13.16 -2.73 3.64
N LYS A 102 13.14 -3.62 2.65
CA LYS A 102 14.35 -3.99 1.92
C LYS A 102 14.70 -2.85 0.97
N GLN A 103 15.77 -2.12 1.29
CA GLN A 103 16.18 -0.97 0.50
C GLN A 103 16.40 -1.36 -0.96
N GLU A 104 16.82 -2.60 -1.17
CA GLU A 104 17.02 -3.14 -2.52
C GLU A 104 15.74 -3.00 -3.35
N ILE A 105 14.60 -3.25 -2.72
CA ILE A 105 13.30 -3.14 -3.37
C ILE A 105 12.94 -1.67 -3.59
N SER A 106 13.15 -0.86 -2.55
CA SER A 106 12.75 0.56 -2.58
C SER A 106 13.48 1.33 -3.68
N GLN A 107 14.67 0.84 -4.09
CA GLN A 107 15.46 1.50 -5.13
C GLN A 107 14.66 1.60 -6.42
N ASP A 108 14.09 0.47 -6.85
CA ASP A 108 13.34 0.39 -8.10
C ASP A 108 12.05 1.19 -8.00
N ILE A 109 11.41 1.11 -6.83
CA ILE A 109 10.18 1.84 -6.57
C ILE A 109 10.38 3.34 -6.78
N LEU A 110 11.37 3.89 -6.11
CA LEU A 110 11.69 5.31 -6.27
C LEU A 110 12.21 5.60 -7.67
N ASN A 111 12.91 4.64 -8.25
CA ASN A 111 13.44 4.77 -9.61
C ASN A 111 12.32 5.14 -10.57
N GLU A 112 11.15 4.57 -10.33
CA GLU A 112 9.95 4.84 -11.12
C GLU A 112 9.29 6.15 -10.69
N ILE A 113 9.02 6.25 -9.39
CA ILE A 113 8.26 7.37 -8.84
C ILE A 113 8.92 8.71 -9.09
N PHE A 114 10.24 8.76 -8.94
CA PHE A 114 10.96 10.04 -8.99
C PHE A 114 11.09 10.50 -10.44
N ARG A 115 10.90 9.55 -11.34
CA ARG A 115 10.95 9.79 -12.76
C ARG A 115 9.85 10.76 -13.20
N MET A 1 -30.39 -8.91 18.57
CA MET A 1 -31.48 -9.05 17.58
C MET A 1 -31.10 -10.04 16.47
N ALA A 2 -30.13 -10.90 16.77
CA ALA A 2 -29.75 -12.01 15.89
C ALA A 2 -29.08 -11.53 14.59
N HIS A 3 -29.85 -10.89 13.72
CA HIS A 3 -29.38 -10.50 12.40
C HIS A 3 -28.17 -9.58 12.48
N HIS A 4 -26.99 -10.13 12.22
CA HIS A 4 -25.76 -9.35 12.14
C HIS A 4 -25.73 -8.62 10.80
N HIS A 5 -25.79 -7.29 10.85
CA HIS A 5 -25.80 -6.48 9.64
C HIS A 5 -24.49 -6.66 8.86
N HIS A 6 -24.61 -6.93 7.56
CA HIS A 6 -23.46 -7.21 6.70
C HIS A 6 -22.74 -5.92 6.28
N HIS A 7 -22.73 -4.93 7.15
CA HIS A 7 -22.10 -3.64 6.85
C HIS A 7 -20.58 -3.73 6.97
N HIS A 8 -20.10 -4.75 7.68
CA HIS A 8 -18.66 -4.98 7.82
C HIS A 8 -18.04 -5.40 6.48
N MET A 9 -17.82 -4.41 5.63
CA MET A 9 -17.17 -4.58 4.34
C MET A 9 -16.37 -3.32 4.04
N PHE A 10 -15.05 -3.40 4.07
CA PHE A 10 -14.21 -2.24 3.82
C PHE A 10 -13.99 -2.09 2.32
N LEU A 11 -14.73 -1.15 1.71
CA LEU A 11 -14.67 -0.95 0.26
C LEU A 11 -13.36 -0.29 -0.15
N ASP A 12 -12.30 -1.09 -0.24
CA ASP A 12 -11.00 -0.62 -0.72
C ASP A 12 -10.23 -1.79 -1.31
N ASP A 13 -9.50 -1.54 -2.37
CA ASP A 13 -8.74 -2.58 -3.05
C ASP A 13 -7.58 -3.06 -2.19
N VAL A 14 -6.79 -2.12 -1.70
CA VAL A 14 -5.59 -2.44 -0.92
C VAL A 14 -5.94 -3.25 0.31
N ASN A 15 -6.90 -2.76 1.09
CA ASN A 15 -7.36 -3.44 2.29
C ASN A 15 -7.72 -4.89 1.97
N VAL A 16 -8.47 -5.08 0.89
CA VAL A 16 -8.89 -6.41 0.48
C VAL A 16 -7.69 -7.27 0.08
N PHE A 17 -6.72 -6.67 -0.61
CA PHE A 17 -5.54 -7.41 -1.06
C PHE A 17 -4.77 -7.99 0.13
N LEU A 18 -4.41 -7.10 1.07
CA LEU A 18 -3.62 -7.50 2.24
C LEU A 18 -4.46 -8.39 3.17
N ASP A 19 -5.74 -8.05 3.32
CA ASP A 19 -6.64 -8.82 4.17
C ASP A 19 -6.81 -10.23 3.63
N ASP A 20 -7.00 -10.34 2.32
CA ASP A 20 -7.22 -11.62 1.66
C ASP A 20 -5.98 -12.50 1.76
N LEU A 21 -4.82 -11.90 1.52
CA LEU A 21 -3.55 -12.62 1.60
C LEU A 21 -3.18 -12.91 3.05
N ASN A 22 -3.80 -12.18 3.98
CA ASN A 22 -3.59 -12.43 5.41
C ASN A 22 -4.29 -13.73 5.81
N THR A 23 -5.59 -13.78 5.54
CA THR A 23 -6.40 -14.94 5.80
C THR A 23 -5.95 -16.13 4.97
N ASN A 24 -5.53 -15.85 3.76
CA ASN A 24 -5.05 -16.86 2.84
C ASN A 24 -3.66 -16.50 2.34
N PRO A 25 -2.60 -17.12 2.91
CA PRO A 25 -1.22 -16.75 2.62
C PRO A 25 -0.70 -17.34 1.31
N ILE A 26 -1.39 -16.98 0.27
CA ILE A 26 -1.04 -17.35 -1.10
C ILE A 26 0.30 -16.71 -1.48
N THR A 27 0.45 -15.46 -1.06
CA THR A 27 1.68 -14.68 -1.26
C THR A 27 2.14 -14.68 -2.71
N ASP A 28 1.35 -14.07 -3.58
CA ASP A 28 1.75 -13.80 -4.96
C ASP A 28 1.74 -12.31 -5.21
N GLU A 29 2.85 -11.66 -4.92
CA GLU A 29 2.97 -10.20 -5.03
C GLU A 29 2.70 -9.75 -6.46
N TRP A 30 2.95 -10.64 -7.41
CA TRP A 30 2.87 -10.31 -8.83
C TRP A 30 1.47 -9.89 -9.26
N TYR A 31 0.43 -10.41 -8.60
CA TYR A 31 -0.93 -10.03 -8.97
C TYR A 31 -1.23 -8.62 -8.48
N MET A 32 -0.47 -8.20 -7.47
CA MET A 32 -0.59 -6.86 -6.92
C MET A 32 0.22 -5.92 -7.80
N SER A 33 1.30 -6.48 -8.32
CA SER A 33 2.12 -5.81 -9.32
C SER A 33 1.27 -5.44 -10.53
N ASN A 34 0.38 -6.36 -10.94
CA ASN A 34 -0.53 -6.10 -12.05
C ASN A 34 -1.43 -4.91 -11.74
N PHE A 35 -1.85 -4.80 -10.48
CA PHE A 35 -2.71 -3.70 -10.05
C PHE A 35 -1.92 -2.40 -9.97
N ALA A 36 -0.69 -2.49 -9.48
CA ALA A 36 0.16 -1.31 -9.26
C ALA A 36 0.54 -0.65 -10.59
N ASP A 37 0.39 -1.39 -11.68
CA ASP A 37 0.63 -0.85 -13.02
C ASP A 37 -0.30 0.34 -13.30
N LYS A 38 -1.38 0.43 -12.53
CA LYS A 38 -2.35 1.53 -12.63
C LYS A 38 -1.64 2.88 -12.45
N HIS A 39 -1.19 3.45 -13.56
CA HIS A 39 -0.38 4.67 -13.53
C HIS A 39 -1.16 5.90 -14.02
N ILE A 40 -2.47 5.75 -14.14
CA ILE A 40 -3.34 6.88 -14.51
C ILE A 40 -3.85 7.60 -13.26
N LYS A 41 -4.77 8.54 -13.44
CA LYS A 41 -5.29 9.31 -12.32
C LYS A 41 -6.19 8.44 -11.45
N ILE A 42 -5.57 7.75 -10.48
CA ILE A 42 -6.30 6.86 -9.59
C ILE A 42 -6.99 7.62 -8.46
N LEU A 43 -6.32 8.65 -7.95
CA LEU A 43 -6.80 9.45 -6.82
C LEU A 43 -6.35 10.89 -6.97
N GLU A 44 -6.92 11.79 -6.20
CA GLU A 44 -6.47 13.18 -6.20
C GLU A 44 -5.22 13.31 -5.35
N SER A 45 -4.66 14.50 -5.34
CA SER A 45 -3.43 14.77 -4.59
C SER A 45 -3.67 14.59 -3.08
N TYR A 46 -4.66 15.29 -2.57
CA TYR A 46 -5.03 15.20 -1.16
C TYR A 46 -5.53 13.80 -0.81
N GLU A 47 -6.29 13.19 -1.73
CA GLU A 47 -6.82 11.84 -1.53
C GLU A 47 -5.69 10.86 -1.29
N ALA A 48 -4.73 10.83 -2.21
CA ALA A 48 -3.62 9.90 -2.15
C ALA A 48 -2.71 10.22 -0.96
N PHE A 49 -2.39 11.50 -0.79
CA PHE A 49 -1.51 11.95 0.29
C PHE A 49 -2.04 11.50 1.66
N ASP A 50 -3.33 11.71 1.89
CA ASP A 50 -3.96 11.31 3.14
C ASP A 50 -3.99 9.80 3.26
N ILE A 51 -4.32 9.15 2.13
CA ILE A 51 -4.34 7.71 2.06
C ILE A 51 -2.96 7.13 2.38
N LEU A 52 -1.90 7.89 2.08
CA LEU A 52 -0.54 7.50 2.43
C LEU A 52 -0.43 7.32 3.94
N LYS A 53 -0.94 8.30 4.68
CA LYS A 53 -0.83 8.29 6.14
C LYS A 53 -1.67 7.17 6.71
N GLN A 54 -2.95 7.13 6.34
CA GLN A 54 -3.86 6.13 6.91
C GLN A 54 -3.36 4.72 6.57
N PHE A 55 -2.71 4.58 5.42
CA PHE A 55 -2.07 3.31 5.06
C PHE A 55 -0.84 3.07 5.94
N VAL A 56 -0.10 4.13 6.26
CA VAL A 56 1.02 4.02 7.21
C VAL A 56 0.54 3.37 8.50
N ASP A 57 -0.54 3.92 9.05
CA ASP A 57 -1.12 3.39 10.29
C ASP A 57 -1.54 1.93 10.10
N TYR A 58 -2.38 1.67 9.10
CA TYR A 58 -2.91 0.33 8.87
C TYR A 58 -1.79 -0.68 8.58
N MET A 59 -0.75 -0.22 7.92
CA MET A 59 0.41 -1.06 7.63
C MET A 59 1.21 -1.30 8.90
N ILE A 60 1.21 -0.33 9.80
CA ILE A 60 1.91 -0.46 11.07
C ILE A 60 1.19 -1.45 11.98
N GLU A 61 -0.13 -1.49 11.84
CA GLU A 61 -0.97 -2.40 12.63
C GLU A 61 -0.54 -3.86 12.46
N GLU A 62 -0.35 -4.30 11.20
CA GLU A 62 0.02 -5.69 10.93
C GLU A 62 1.53 -5.82 10.70
N HIS A 63 2.19 -4.69 10.42
CA HIS A 63 3.66 -4.61 10.26
C HIS A 63 4.22 -5.83 9.51
N ASP A 64 3.46 -6.34 8.55
CA ASP A 64 3.78 -7.61 7.90
C ASP A 64 4.84 -7.45 6.82
N GLU A 65 5.93 -8.20 6.98
CA GLU A 65 7.05 -8.20 6.02
C GLU A 65 6.66 -8.86 4.69
N LYS A 66 5.73 -9.79 4.72
CA LYS A 66 5.41 -10.62 3.54
C LYS A 66 4.65 -9.82 2.47
N SER A 67 4.26 -8.61 2.81
CA SER A 67 3.47 -7.77 1.91
C SER A 67 4.25 -6.52 1.52
N GLU A 68 5.49 -6.43 2.01
CA GLU A 68 6.35 -5.26 1.80
C GLU A 68 6.32 -4.81 0.35
N TYR A 69 6.42 -5.77 -0.57
CA TYR A 69 6.47 -5.48 -1.99
C TYR A 69 5.18 -4.77 -2.42
N GLU A 70 4.06 -5.23 -1.86
CA GLU A 70 2.75 -4.68 -2.20
C GLU A 70 2.64 -3.29 -1.59
N ILE A 71 3.02 -3.18 -0.32
CA ILE A 71 3.02 -1.92 0.40
C ILE A 71 3.83 -0.87 -0.36
N MET A 72 5.00 -1.27 -0.83
CA MET A 72 5.88 -0.38 -1.57
C MET A 72 5.24 0.03 -2.90
N GLU A 73 4.68 -0.95 -3.63
CA GLU A 73 4.05 -0.66 -4.91
C GLU A 73 2.83 0.25 -4.73
N ILE A 74 2.06 0.02 -3.68
CA ILE A 74 0.92 0.85 -3.35
C ILE A 74 1.37 2.29 -3.09
N LEU A 75 2.39 2.42 -2.26
CA LEU A 75 2.87 3.73 -1.85
C LEU A 75 3.52 4.44 -3.01
N ARG A 76 4.14 3.68 -3.90
CA ARG A 76 4.82 4.27 -5.03
C ARG A 76 3.83 4.79 -6.06
N GLN A 77 2.79 4.00 -6.36
CA GLN A 77 1.77 4.41 -7.33
C GLN A 77 0.99 5.63 -6.79
N LEU A 78 0.62 5.56 -5.50
CA LEU A 78 -0.12 6.65 -4.87
C LEU A 78 0.64 7.97 -4.96
N LYS A 79 1.95 7.93 -4.68
CA LYS A 79 2.79 9.14 -4.78
C LYS A 79 2.99 9.53 -6.24
N TYR A 80 3.10 8.52 -7.10
CA TYR A 80 3.26 8.74 -8.54
C TYR A 80 2.09 9.55 -9.07
N GLN A 81 0.92 9.32 -8.45
CA GLN A 81 -0.29 10.08 -8.76
C GLN A 81 -0.34 11.38 -7.95
N ALA A 82 0.06 11.31 -6.68
CA ALA A 82 -0.01 12.45 -5.76
C ALA A 82 1.06 13.50 -6.06
N ASP A 83 1.95 13.18 -7.01
CA ASP A 83 3.06 14.02 -7.39
C ASP A 83 3.85 14.53 -6.18
N THR A 84 3.93 13.71 -5.14
CA THR A 84 4.64 14.06 -3.93
C THR A 84 5.81 13.11 -3.70
N ASN A 85 6.86 13.64 -3.10
CA ASN A 85 8.06 12.86 -2.79
C ASN A 85 8.09 12.51 -1.30
N GLU A 86 7.06 12.92 -0.57
CA GLU A 86 7.03 12.77 0.88
C GLU A 86 6.27 11.51 1.32
N LYS A 87 6.51 11.15 2.58
CA LYS A 87 5.73 10.13 3.27
C LYS A 87 5.42 10.63 4.68
N PHE A 88 4.15 10.66 5.04
CA PHE A 88 3.72 11.22 6.30
C PHE A 88 3.31 10.08 7.22
N TYR A 89 3.34 10.35 8.52
CA TYR A 89 3.11 9.34 9.52
C TYR A 89 2.66 9.97 10.83
N THR A 90 2.21 9.13 11.75
CA THR A 90 1.69 9.58 13.04
C THR A 90 2.66 9.21 14.16
N ASN A 91 2.45 9.81 15.33
CA ASN A 91 3.22 9.45 16.52
C ASN A 91 2.98 7.99 16.86
N THR A 92 1.78 7.51 16.52
CA THR A 92 1.38 6.14 16.77
C THR A 92 2.29 5.14 16.06
N GLN A 93 2.80 5.54 14.88
CA GLN A 93 3.65 4.67 14.08
C GLN A 93 4.88 4.22 14.88
N LYS A 94 5.62 5.21 15.41
CA LYS A 94 6.82 4.96 16.21
C LYS A 94 7.93 4.34 15.36
N GLN A 95 7.77 3.07 15.00
CA GLN A 95 8.73 2.37 14.17
C GLN A 95 8.37 2.60 12.70
N LYS A 96 9.22 3.34 11.99
CA LYS A 96 8.93 3.71 10.61
C LYS A 96 9.01 2.49 9.70
N ILE A 97 8.03 2.36 8.82
CA ILE A 97 7.94 1.21 7.91
C ILE A 97 9.19 1.13 7.03
N VAL A 98 9.73 2.30 6.69
CA VAL A 98 10.96 2.40 5.93
C VAL A 98 12.10 1.65 6.64
N GLU A 99 12.08 1.69 7.97
CA GLU A 99 13.12 1.06 8.78
C GLU A 99 12.97 -0.47 8.74
N LEU A 100 11.79 -0.92 8.29
CA LEU A 100 11.50 -2.34 8.14
C LEU A 100 11.86 -2.79 6.73
N TYR A 101 11.59 -1.90 5.77
CA TYR A 101 11.78 -2.17 4.34
C TYR A 101 13.14 -2.80 4.01
N LYS A 102 13.13 -3.65 2.97
CA LYS A 102 14.37 -4.18 2.37
C LYS A 102 14.92 -3.17 1.37
N GLN A 103 16.24 -3.00 1.38
CA GLN A 103 16.91 -2.05 0.49
C GLN A 103 16.64 -2.40 -0.98
N GLU A 104 16.78 -3.67 -1.30
CA GLU A 104 16.65 -4.16 -2.67
C GLU A 104 15.34 -3.69 -3.32
N ILE A 105 14.25 -3.81 -2.57
CA ILE A 105 12.93 -3.46 -3.08
C ILE A 105 12.81 -1.96 -3.30
N SER A 106 13.25 -1.19 -2.29
CA SER A 106 13.11 0.27 -2.32
C SER A 106 13.88 0.89 -3.48
N GLN A 107 14.89 0.17 -3.98
CA GLN A 107 15.70 0.67 -5.10
C GLN A 107 14.85 0.87 -6.36
N ASP A 108 14.12 -0.17 -6.75
CA ASP A 108 13.26 -0.11 -7.94
C ASP A 108 12.18 0.95 -7.75
N ILE A 109 11.63 1.00 -6.55
CA ILE A 109 10.57 1.94 -6.21
C ILE A 109 11.04 3.39 -6.40
N LEU A 110 12.17 3.71 -5.79
CA LEU A 110 12.75 5.05 -5.89
C LEU A 110 13.18 5.35 -7.32
N ASN A 111 13.76 4.35 -7.96
CA ASN A 111 14.21 4.46 -9.35
C ASN A 111 13.06 4.88 -10.27
N GLU A 112 11.87 4.36 -10.00
CA GLU A 112 10.69 4.63 -10.81
C GLU A 112 10.04 5.97 -10.48
N ILE A 113 9.76 6.20 -9.19
CA ILE A 113 8.98 7.37 -8.79
C ILE A 113 9.81 8.66 -8.86
N PHE A 114 11.08 8.56 -8.50
CA PHE A 114 11.97 9.73 -8.54
C PHE A 114 12.67 9.80 -9.90
N ARG A 115 12.29 8.88 -10.77
CA ARG A 115 12.78 8.83 -12.14
C ARG A 115 12.52 10.17 -12.85
N MET A 1 -24.49 -15.80 -6.09
CA MET A 1 -23.79 -14.59 -6.57
C MET A 1 -22.31 -14.88 -6.78
N ALA A 2 -21.63 -14.00 -7.51
CA ALA A 2 -20.21 -14.18 -7.81
C ALA A 2 -19.35 -13.91 -6.58
N HIS A 3 -18.28 -14.67 -6.43
CA HIS A 3 -17.39 -14.55 -5.29
C HIS A 3 -16.42 -13.39 -5.47
N HIS A 4 -16.78 -12.23 -4.94
CA HIS A 4 -15.91 -11.05 -4.97
C HIS A 4 -15.96 -10.34 -3.61
N HIS A 5 -14.92 -9.56 -3.32
CA HIS A 5 -14.81 -8.86 -2.04
C HIS A 5 -14.74 -7.35 -2.27
N HIS A 6 -15.85 -6.65 -2.05
CA HIS A 6 -15.90 -5.19 -2.16
C HIS A 6 -17.30 -4.68 -1.85
N HIS A 7 -17.40 -3.79 -0.87
CA HIS A 7 -18.64 -3.09 -0.56
C HIS A 7 -18.63 -1.69 -1.16
N HIS A 8 -19.80 -1.09 -1.31
CA HIS A 8 -19.90 0.27 -1.83
C HIS A 8 -19.54 1.28 -0.73
N MET A 9 -19.49 0.79 0.50
CA MET A 9 -19.03 1.56 1.65
C MET A 9 -17.88 0.82 2.33
N PHE A 10 -16.71 1.45 2.37
CA PHE A 10 -15.52 0.82 2.91
C PHE A 10 -14.52 1.88 3.38
N LEU A 11 -13.43 1.43 4.00
CA LEU A 11 -12.36 2.32 4.41
C LEU A 11 -11.21 2.20 3.43
N ASP A 12 -10.90 0.95 3.07
CA ASP A 12 -9.81 0.64 2.14
C ASP A 12 -10.02 -0.76 1.56
N ASP A 13 -9.72 -0.91 0.27
CA ASP A 13 -9.77 -2.22 -0.37
C ASP A 13 -8.61 -3.08 0.09
N VAL A 14 -7.50 -2.42 0.41
CA VAL A 14 -6.23 -3.08 0.69
C VAL A 14 -6.35 -4.13 1.81
N ASN A 15 -7.17 -3.84 2.83
CA ASN A 15 -7.36 -4.76 3.95
C ASN A 15 -7.73 -6.16 3.45
N VAL A 16 -8.75 -6.22 2.60
CA VAL A 16 -9.23 -7.50 2.09
C VAL A 16 -8.32 -7.98 0.96
N PHE A 17 -7.75 -7.04 0.23
CA PHE A 17 -6.80 -7.35 -0.83
C PHE A 17 -5.68 -8.23 -0.29
N LEU A 18 -5.04 -7.76 0.77
CA LEU A 18 -3.96 -8.49 1.43
C LEU A 18 -4.51 -9.71 2.16
N ASP A 19 -5.59 -9.52 2.93
CA ASP A 19 -6.16 -10.60 3.74
C ASP A 19 -6.53 -11.80 2.88
N ASP A 20 -7.18 -11.53 1.76
CA ASP A 20 -7.67 -12.57 0.86
C ASP A 20 -6.51 -13.39 0.31
N LEU A 21 -5.38 -12.74 0.07
CA LEU A 21 -4.18 -13.42 -0.42
C LEU A 21 -3.72 -14.50 0.56
N ASN A 22 -3.87 -14.22 1.85
CA ASN A 22 -3.42 -15.16 2.88
C ASN A 22 -4.31 -16.41 2.89
N THR A 23 -5.56 -16.25 2.48
CA THR A 23 -6.52 -17.35 2.49
C THR A 23 -6.68 -17.95 1.08
N ASN A 24 -5.84 -17.52 0.14
CA ASN A 24 -5.82 -18.08 -1.22
C ASN A 24 -4.41 -18.54 -1.56
N PRO A 25 -4.26 -19.71 -2.21
CA PRO A 25 -2.95 -20.32 -2.49
C PRO A 25 -2.14 -19.55 -3.55
N ILE A 26 -2.64 -18.37 -3.94
CA ILE A 26 -1.98 -17.55 -4.96
C ILE A 26 -0.51 -17.30 -4.61
N THR A 27 -0.29 -16.42 -3.65
CA THR A 27 1.05 -16.07 -3.17
C THR A 27 1.99 -15.73 -4.34
N ASP A 28 1.50 -14.88 -5.24
CA ASP A 28 2.29 -14.39 -6.38
C ASP A 28 2.17 -12.88 -6.48
N GLU A 29 3.15 -12.18 -5.92
CA GLU A 29 3.18 -10.72 -5.87
C GLU A 29 3.15 -10.11 -7.28
N TRP A 30 3.43 -10.93 -8.28
CA TRP A 30 3.53 -10.48 -9.67
C TRP A 30 2.22 -9.84 -10.13
N TYR A 31 1.09 -10.30 -9.59
CA TYR A 31 -0.21 -9.78 -9.98
C TYR A 31 -0.43 -8.38 -9.38
N MET A 32 0.29 -8.11 -8.29
CA MET A 32 0.18 -6.82 -7.61
C MET A 32 1.01 -5.82 -8.36
N SER A 33 2.13 -6.32 -8.85
CA SER A 33 2.99 -5.60 -9.77
C SER A 33 2.16 -5.12 -10.97
N ASN A 34 1.24 -5.98 -11.42
CA ASN A 34 0.36 -5.65 -12.55
C ASN A 34 -0.78 -4.73 -12.13
N PHE A 35 -1.20 -4.84 -10.87
CA PHE A 35 -2.25 -3.97 -10.34
C PHE A 35 -1.78 -2.52 -10.32
N ALA A 36 -0.57 -2.31 -9.81
CA ALA A 36 0.03 -0.98 -9.74
C ALA A 36 0.52 -0.53 -11.12
N ASP A 37 0.68 -1.49 -12.01
CA ASP A 37 1.15 -1.23 -13.38
C ASP A 37 0.12 -0.44 -14.19
N LYS A 38 -1.13 -0.49 -13.73
CA LYS A 38 -2.23 0.25 -14.38
C LYS A 38 -1.98 1.76 -14.37
N HIS A 39 -2.91 2.52 -14.92
CA HIS A 39 -2.82 3.97 -14.91
C HIS A 39 -2.95 4.48 -13.48
N ILE A 40 -2.00 5.31 -13.08
CA ILE A 40 -1.78 5.65 -11.68
C ILE A 40 -2.86 6.60 -11.13
N LYS A 41 -3.71 7.13 -12.01
CA LYS A 41 -4.81 8.00 -11.59
C LYS A 41 -5.77 7.25 -10.65
N ILE A 42 -5.49 7.33 -9.36
CA ILE A 42 -6.32 6.67 -8.34
C ILE A 42 -7.00 7.68 -7.41
N LEU A 43 -6.33 8.81 -7.19
CA LEU A 43 -6.81 9.87 -6.29
C LEU A 43 -6.22 11.20 -6.75
N GLU A 44 -6.40 12.23 -5.93
CA GLU A 44 -5.71 13.51 -6.13
C GLU A 44 -4.43 13.52 -5.32
N SER A 45 -3.70 14.62 -5.42
CA SER A 45 -2.41 14.75 -4.76
C SER A 45 -2.57 14.71 -3.23
N TYR A 46 -3.41 15.60 -2.71
CA TYR A 46 -3.67 15.67 -1.28
C TYR A 46 -4.35 14.39 -0.78
N GLU A 47 -5.31 13.89 -1.55
CA GLU A 47 -6.02 12.67 -1.21
C GLU A 47 -5.04 11.52 -1.00
N ALA A 48 -4.20 11.29 -2.01
CA ALA A 48 -3.22 10.21 -1.96
C ALA A 48 -2.25 10.42 -0.81
N PHE A 49 -1.82 11.67 -0.63
CA PHE A 49 -0.87 12.04 0.41
C PHE A 49 -1.37 11.61 1.79
N ASP A 50 -2.62 11.95 2.09
CA ASP A 50 -3.19 11.61 3.41
C ASP A 50 -3.42 10.11 3.52
N ILE A 51 -3.91 9.50 2.44
CA ILE A 51 -4.10 8.06 2.38
C ILE A 51 -2.79 7.33 2.68
N LEU A 52 -1.66 7.95 2.31
CA LEU A 52 -0.35 7.39 2.64
C LEU A 52 -0.24 7.20 4.15
N LYS A 53 -0.50 8.28 4.88
CA LYS A 53 -0.46 8.27 6.33
C LYS A 53 -1.39 7.20 6.89
N GLN A 54 -2.63 7.18 6.38
CA GLN A 54 -3.63 6.22 6.81
C GLN A 54 -3.09 4.79 6.66
N PHE A 55 -2.47 4.52 5.51
CA PHE A 55 -1.93 3.20 5.22
C PHE A 55 -0.65 2.93 6.01
N VAL A 56 0.14 3.97 6.27
CA VAL A 56 1.32 3.84 7.12
C VAL A 56 0.92 3.23 8.45
N ASP A 57 -0.04 3.87 9.12
CA ASP A 57 -0.53 3.39 10.40
C ASP A 57 -1.19 2.01 10.24
N TYR A 58 -2.07 1.93 9.25
CA TYR A 58 -2.84 0.72 8.96
C TYR A 58 -1.92 -0.49 8.81
N MET A 59 -0.84 -0.31 8.05
CA MET A 59 0.12 -1.37 7.81
C MET A 59 0.97 -1.63 9.03
N ILE A 60 1.29 -0.57 9.78
CA ILE A 60 2.10 -0.74 10.98
C ILE A 60 1.35 -1.62 11.98
N GLU A 61 0.02 -1.55 11.96
CA GLU A 61 -0.80 -2.38 12.83
C GLU A 61 -0.62 -3.89 12.56
N GLU A 62 -0.22 -4.27 11.34
CA GLU A 62 -0.15 -5.70 10.98
C GLU A 62 1.28 -6.23 10.93
N HIS A 63 2.27 -5.33 10.87
CA HIS A 63 3.70 -5.71 10.92
C HIS A 63 4.03 -6.92 10.02
N ASP A 64 3.36 -7.02 8.89
CA ASP A 64 3.48 -8.21 8.04
C ASP A 64 4.61 -8.06 7.01
N GLU A 65 5.61 -8.94 7.10
CA GLU A 65 6.76 -8.91 6.19
C GLU A 65 6.36 -9.31 4.77
N LYS A 66 5.48 -10.29 4.65
CA LYS A 66 5.09 -10.83 3.34
C LYS A 66 4.24 -9.82 2.56
N SER A 67 3.92 -8.71 3.23
CA SER A 67 3.06 -7.70 2.64
C SER A 67 3.92 -6.56 2.11
N GLU A 68 5.16 -6.51 2.59
CA GLU A 68 6.08 -5.40 2.32
C GLU A 68 6.07 -4.99 0.85
N TYR A 69 6.22 -5.94 -0.07
CA TYR A 69 6.25 -5.64 -1.49
C TYR A 69 4.90 -5.09 -1.96
N GLU A 70 3.81 -5.63 -1.40
CA GLU A 70 2.48 -5.23 -1.82
C GLU A 70 2.21 -3.80 -1.36
N ILE A 71 2.63 -3.50 -0.13
CA ILE A 71 2.51 -2.17 0.42
C ILE A 71 3.35 -1.19 -0.40
N MET A 72 4.52 -1.65 -0.84
CA MET A 72 5.38 -0.85 -1.73
C MET A 72 4.62 -0.49 -3.00
N GLU A 73 3.96 -1.49 -3.59
CA GLU A 73 3.16 -1.27 -4.80
C GLU A 73 2.06 -0.24 -4.54
N ILE A 74 1.27 -0.49 -3.49
CA ILE A 74 0.19 0.41 -3.09
C ILE A 74 0.72 1.83 -2.88
N LEU A 75 1.81 1.93 -2.13
CA LEU A 75 2.36 3.22 -1.73
C LEU A 75 3.01 3.91 -2.92
N ARG A 76 3.57 3.13 -3.83
CA ARG A 76 4.28 3.71 -4.97
C ARG A 76 3.29 4.28 -5.99
N GLN A 77 2.17 3.58 -6.19
CA GLN A 77 1.13 4.13 -7.07
C GLN A 77 0.50 5.35 -6.42
N LEU A 78 0.17 5.24 -5.12
CA LEU A 78 -0.39 6.35 -4.38
C LEU A 78 0.56 7.56 -4.42
N LYS A 79 1.85 7.31 -4.20
CA LYS A 79 2.86 8.36 -4.18
C LYS A 79 3.02 8.98 -5.57
N TYR A 80 3.03 8.14 -6.59
CA TYR A 80 3.23 8.59 -7.96
C TYR A 80 2.07 9.51 -8.37
N GLN A 81 0.86 9.16 -7.93
CA GLN A 81 -0.31 10.01 -8.17
C GLN A 81 -0.30 11.23 -7.25
N ALA A 82 0.19 11.02 -6.03
CA ALA A 82 0.30 12.10 -5.04
C ALA A 82 1.23 13.20 -5.53
N ASP A 83 2.19 12.82 -6.38
CA ASP A 83 3.13 13.77 -6.99
C ASP A 83 3.96 14.46 -5.91
N THR A 84 4.91 13.71 -5.34
CA THR A 84 5.82 14.22 -4.31
C THR A 84 6.85 13.16 -3.95
N ASN A 85 7.92 13.58 -3.27
CA ASN A 85 8.94 12.66 -2.79
C ASN A 85 8.74 12.41 -1.30
N GLU A 86 8.17 13.41 -0.63
CA GLU A 86 8.02 13.42 0.82
C GLU A 86 7.16 12.25 1.31
N LYS A 87 7.14 12.07 2.63
CA LYS A 87 6.31 11.05 3.26
C LYS A 87 5.92 11.51 4.66
N PHE A 88 4.80 11.02 5.16
CA PHE A 88 4.30 11.41 6.47
C PHE A 88 3.70 10.20 7.17
N TYR A 89 3.63 10.24 8.50
CA TYR A 89 3.13 9.12 9.29
C TYR A 89 2.16 9.63 10.35
N THR A 90 1.50 8.70 11.03
CA THR A 90 0.65 9.05 12.16
C THR A 90 1.51 9.29 13.40
N ASN A 91 0.98 10.02 14.37
CA ASN A 91 1.68 10.24 15.62
C ASN A 91 1.85 8.93 16.37
N THR A 92 0.92 8.01 16.12
CA THR A 92 0.96 6.68 16.70
C THR A 92 2.10 5.84 16.11
N GLN A 93 2.39 6.04 14.82
CA GLN A 93 3.49 5.35 14.15
C GLN A 93 4.81 5.87 14.71
N LYS A 94 4.95 7.20 14.72
CA LYS A 94 6.03 7.88 15.46
C LYS A 94 7.43 7.56 14.90
N GLN A 95 7.49 6.87 13.76
CA GLN A 95 8.78 6.48 13.19
C GLN A 95 8.63 6.24 11.68
N LYS A 96 9.54 5.48 11.06
CA LYS A 96 9.48 5.22 9.62
C LYS A 96 9.36 3.72 9.34
N ILE A 97 8.38 3.36 8.51
CA ILE A 97 8.25 2.00 7.99
C ILE A 97 9.45 1.66 7.12
N VAL A 98 9.96 2.67 6.42
CA VAL A 98 11.13 2.53 5.55
C VAL A 98 12.27 1.78 6.24
N GLU A 99 12.42 1.97 7.55
CA GLU A 99 13.47 1.30 8.32
C GLU A 99 13.23 -0.21 8.37
N LEU A 100 11.95 -0.57 8.41
CA LEU A 100 11.52 -1.96 8.36
C LEU A 100 11.71 -2.52 6.95
N TYR A 101 11.36 -1.71 5.97
CA TYR A 101 11.37 -2.09 4.55
C TYR A 101 12.74 -2.60 4.09
N LYS A 102 12.72 -3.62 3.24
CA LYS A 102 13.92 -4.04 2.51
C LYS A 102 14.32 -2.93 1.55
N GLN A 103 15.49 -2.35 1.79
CA GLN A 103 16.00 -1.27 0.94
C GLN A 103 16.18 -1.78 -0.49
N GLU A 104 16.42 -3.08 -0.62
CA GLU A 104 16.54 -3.74 -1.91
C GLU A 104 15.31 -3.48 -2.78
N ILE A 105 14.14 -3.49 -2.15
CA ILE A 105 12.88 -3.30 -2.85
C ILE A 105 12.62 -1.82 -3.10
N SER A 106 12.85 -1.00 -2.08
CA SER A 106 12.55 0.42 -2.15
C SER A 106 13.34 1.10 -3.28
N GLN A 107 14.53 0.57 -3.59
CA GLN A 107 15.35 1.09 -4.69
C GLN A 107 14.61 0.98 -6.02
N ASP A 108 14.07 -0.21 -6.29
CA ASP A 108 13.32 -0.47 -7.54
C ASP A 108 12.11 0.45 -7.62
N ILE A 109 11.43 0.59 -6.49
CA ILE A 109 10.23 1.40 -6.39
C ILE A 109 10.52 2.88 -6.70
N LEU A 110 11.52 3.43 -6.00
CA LEU A 110 11.91 4.82 -6.20
C LEU A 110 12.45 5.01 -7.62
N ASN A 111 13.16 4.02 -8.13
CA ASN A 111 13.69 4.05 -9.49
C ASN A 111 12.57 4.31 -10.51
N GLU A 112 11.38 3.82 -10.19
CA GLU A 112 10.20 4.06 -11.01
C GLU A 112 9.60 5.44 -10.73
N ILE A 113 9.32 5.72 -9.46
CA ILE A 113 8.61 6.94 -9.07
C ILE A 113 9.40 8.21 -9.40
N PHE A 114 10.69 8.21 -9.11
CA PHE A 114 11.52 9.40 -9.28
C PHE A 114 11.91 9.59 -10.75
N ARG A 115 11.65 8.54 -11.55
CA ARG A 115 12.04 8.51 -12.95
C ARG A 115 11.51 9.76 -13.68
N MET A 1 -22.90 -24.73 4.11
CA MET A 1 -24.26 -24.41 3.59
C MET A 1 -24.17 -23.43 2.43
N ALA A 2 -24.96 -23.68 1.40
CA ALA A 2 -24.92 -22.88 0.17
C ALA A 2 -25.22 -21.40 0.46
N HIS A 3 -24.41 -20.50 -0.10
CA HIS A 3 -24.64 -19.07 0.05
C HIS A 3 -25.76 -18.62 -0.88
N HIS A 4 -26.99 -18.69 -0.37
CA HIS A 4 -28.18 -18.34 -1.14
C HIS A 4 -28.26 -16.83 -1.39
N HIS A 5 -27.72 -16.05 -0.45
CA HIS A 5 -27.68 -14.60 -0.57
C HIS A 5 -26.31 -14.16 -1.10
N HIS A 6 -26.29 -13.15 -1.96
CA HIS A 6 -25.03 -12.67 -2.54
C HIS A 6 -24.89 -11.16 -2.39
N HIS A 7 -24.11 -10.75 -1.39
CA HIS A 7 -23.70 -9.35 -1.25
C HIS A 7 -22.66 -9.22 -0.14
N HIS A 8 -21.69 -8.34 -0.35
CA HIS A 8 -20.62 -8.09 0.60
C HIS A 8 -19.93 -6.78 0.25
N MET A 9 -20.06 -5.79 1.11
CA MET A 9 -19.49 -4.47 0.87
C MET A 9 -18.03 -4.43 1.31
N PHE A 10 -17.26 -3.56 0.67
CA PHE A 10 -15.84 -3.41 0.99
C PHE A 10 -15.48 -1.93 0.97
N LEU A 11 -14.91 -1.45 2.09
CA LEU A 11 -14.62 -0.03 2.25
C LEU A 11 -13.27 0.33 1.64
N ASP A 12 -12.18 -0.08 2.32
CA ASP A 12 -10.83 0.27 1.87
C ASP A 12 -10.29 -0.81 0.95
N ASP A 13 -9.91 -0.40 -0.26
CA ASP A 13 -9.46 -1.34 -1.30
C ASP A 13 -8.15 -2.03 -0.90
N VAL A 14 -7.22 -1.28 -0.32
CA VAL A 14 -5.92 -1.83 0.08
C VAL A 14 -6.10 -2.87 1.20
N ASN A 15 -6.87 -2.51 2.21
CA ASN A 15 -7.13 -3.40 3.34
C ASN A 15 -7.76 -4.69 2.84
N VAL A 16 -8.74 -4.57 1.96
CA VAL A 16 -9.40 -5.73 1.36
C VAL A 16 -8.42 -6.55 0.54
N PHE A 17 -7.51 -5.89 -0.16
CA PHE A 17 -6.48 -6.57 -0.94
C PHE A 17 -5.66 -7.48 -0.03
N LEU A 18 -5.22 -6.93 1.09
CA LEU A 18 -4.43 -7.69 2.06
C LEU A 18 -5.28 -8.77 2.73
N ASP A 19 -6.49 -8.39 3.14
CA ASP A 19 -7.40 -9.31 3.84
C ASP A 19 -7.80 -10.46 2.92
N ASP A 20 -7.95 -10.17 1.64
CA ASP A 20 -8.35 -11.18 0.67
C ASP A 20 -7.24 -12.20 0.47
N LEU A 21 -6.00 -11.73 0.48
CA LEU A 21 -4.84 -12.61 0.41
C LEU A 21 -4.57 -13.27 1.77
N ASN A 22 -5.26 -12.79 2.80
CA ASN A 22 -5.20 -13.37 4.13
C ASN A 22 -6.19 -14.54 4.22
N THR A 23 -7.41 -14.31 3.72
CA THR A 23 -8.46 -15.35 3.73
C THR A 23 -8.23 -16.34 2.59
N ASN A 24 -7.52 -15.89 1.56
CA ASN A 24 -7.11 -16.74 0.46
C ASN A 24 -5.58 -16.73 0.36
N PRO A 25 -4.92 -17.84 0.72
CA PRO A 25 -3.46 -17.90 0.84
C PRO A 25 -2.77 -18.05 -0.50
N ILE A 26 -2.98 -17.06 -1.31
CA ILE A 26 -2.35 -16.91 -2.61
C ILE A 26 -1.03 -16.15 -2.47
N THR A 27 -1.16 -14.87 -2.15
CA THR A 27 -0.03 -13.98 -1.84
C THR A 27 0.94 -13.77 -3.02
N ASP A 28 0.56 -14.25 -4.21
CA ASP A 28 1.34 -14.03 -5.42
C ASP A 28 1.51 -12.54 -5.69
N GLU A 29 2.66 -12.00 -5.32
CA GLU A 29 2.96 -10.57 -5.49
C GLU A 29 2.91 -10.15 -6.96
N TRP A 30 3.08 -11.12 -7.84
CA TRP A 30 3.11 -10.87 -9.27
C TRP A 30 1.85 -10.16 -9.75
N TYR A 31 0.72 -10.39 -9.07
CA TYR A 31 -0.50 -9.67 -9.38
C TYR A 31 -0.33 -8.19 -9.05
N MET A 32 0.26 -7.95 -7.89
CA MET A 32 0.32 -6.62 -7.31
C MET A 32 1.14 -5.69 -8.19
N SER A 33 2.28 -6.17 -8.67
CA SER A 33 3.16 -5.36 -9.50
C SER A 33 2.46 -5.04 -10.83
N ASN A 34 1.64 -5.98 -11.30
CA ASN A 34 0.85 -5.79 -12.51
C ASN A 34 -0.14 -4.64 -12.34
N PHE A 35 -0.69 -4.54 -11.13
CA PHE A 35 -1.61 -3.45 -10.80
C PHE A 35 -0.86 -2.13 -10.63
N ALA A 36 0.21 -2.18 -9.84
CA ALA A 36 0.99 -0.98 -9.52
C ALA A 36 1.74 -0.43 -10.73
N ASP A 37 1.90 -1.28 -11.75
CA ASP A 37 2.54 -0.85 -13.00
C ASP A 37 1.63 0.06 -13.81
N LYS A 38 0.32 -0.04 -13.56
CA LYS A 38 -0.67 0.71 -14.33
C LYS A 38 -0.62 2.20 -13.99
N HIS A 39 0.15 2.94 -14.78
CA HIS A 39 0.31 4.38 -14.59
C HIS A 39 -0.86 5.13 -15.22
N ILE A 40 -1.95 5.25 -14.48
CA ILE A 40 -3.13 6.01 -14.94
C ILE A 40 -3.57 6.99 -13.85
N LYS A 41 -4.42 6.53 -12.94
CA LYS A 41 -4.89 7.34 -11.83
C LYS A 41 -5.74 6.48 -10.89
N ILE A 42 -5.55 6.67 -9.59
CA ILE A 42 -6.29 5.90 -8.58
C ILE A 42 -6.98 6.82 -7.56
N LEU A 43 -6.31 7.91 -7.20
CA LEU A 43 -6.83 8.85 -6.19
C LEU A 43 -6.37 10.27 -6.50
N GLU A 44 -6.92 11.24 -5.78
CA GLU A 44 -6.45 12.64 -5.86
C GLU A 44 -5.16 12.79 -5.05
N SER A 45 -4.61 14.00 -5.04
CA SER A 45 -3.39 14.27 -4.28
C SER A 45 -3.67 14.11 -2.79
N TYR A 46 -4.68 14.82 -2.30
CA TYR A 46 -5.05 14.77 -0.88
C TYR A 46 -5.55 13.37 -0.51
N GLU A 47 -6.32 12.76 -1.42
CA GLU A 47 -6.83 11.41 -1.19
C GLU A 47 -5.69 10.43 -0.99
N ALA A 48 -4.76 10.40 -1.94
CA ALA A 48 -3.63 9.48 -1.89
C ALA A 48 -2.77 9.78 -0.66
N PHE A 49 -2.57 11.07 -0.39
CA PHE A 49 -1.70 11.51 0.71
C PHE A 49 -2.24 11.02 2.05
N ASP A 50 -3.54 11.14 2.23
CA ASP A 50 -4.18 10.74 3.49
C ASP A 50 -4.20 9.21 3.61
N ILE A 51 -4.50 8.55 2.50
CA ILE A 51 -4.45 7.10 2.45
C ILE A 51 -3.02 6.60 2.72
N LEU A 52 -2.01 7.43 2.36
CA LEU A 52 -0.63 7.13 2.73
C LEU A 52 -0.53 6.98 4.23
N LYS A 53 -1.08 7.95 4.94
CA LYS A 53 -1.06 8.02 6.40
C LYS A 53 -1.75 6.79 7.01
N GLN A 54 -2.99 6.59 6.61
CA GLN A 54 -3.82 5.53 7.17
C GLN A 54 -3.17 4.16 6.91
N PHE A 55 -2.68 3.97 5.71
CA PHE A 55 -2.00 2.75 5.35
C PHE A 55 -0.65 2.66 6.04
N VAL A 56 0.00 3.80 6.27
CA VAL A 56 1.27 3.85 6.99
C VAL A 56 1.10 3.20 8.37
N ASP A 57 0.14 3.68 9.16
CA ASP A 57 -0.07 3.11 10.49
C ASP A 57 -0.66 1.71 10.38
N TYR A 58 -1.51 1.48 9.39
CA TYR A 58 -2.10 0.16 9.19
C TYR A 58 -1.01 -0.88 8.91
N MET A 59 -0.05 -0.52 8.05
CA MET A 59 0.99 -1.46 7.66
C MET A 59 1.96 -1.66 8.80
N ILE A 60 2.19 -0.61 9.59
CA ILE A 60 3.03 -0.75 10.77
C ILE A 60 2.36 -1.71 11.77
N GLU A 61 1.03 -1.65 11.81
CA GLU A 61 0.25 -2.55 12.65
C GLU A 61 0.22 -3.97 12.08
N GLU A 62 0.08 -4.07 10.75
CA GLU A 62 -0.07 -5.38 10.12
C GLU A 62 1.28 -6.07 9.95
N HIS A 63 2.36 -5.27 10.03
CA HIS A 63 3.75 -5.75 10.13
C HIS A 63 4.00 -7.00 9.27
N ASP A 64 3.37 -7.06 8.11
CA ASP A 64 3.35 -8.29 7.31
C ASP A 64 4.68 -8.53 6.59
N GLU A 65 5.30 -9.66 6.89
CA GLU A 65 6.58 -10.05 6.32
C GLU A 65 6.49 -10.36 4.81
N LYS A 66 5.35 -10.91 4.39
CA LYS A 66 5.22 -11.45 3.03
C LYS A 66 4.85 -10.37 2.02
N SER A 67 4.49 -9.19 2.51
CA SER A 67 3.85 -8.19 1.68
C SER A 67 4.66 -6.92 1.65
N GLU A 68 5.90 -7.02 2.10
CA GLU A 68 6.83 -5.88 2.08
C GLU A 68 6.83 -5.22 0.70
N TYR A 69 7.03 -6.03 -0.33
CA TYR A 69 6.98 -5.57 -1.71
C TYR A 69 5.63 -4.90 -1.99
N GLU A 70 4.56 -5.47 -1.43
CA GLU A 70 3.21 -5.03 -1.74
C GLU A 70 2.91 -3.67 -1.09
N ILE A 71 3.30 -3.50 0.18
CA ILE A 71 3.16 -2.19 0.84
C ILE A 71 3.97 -1.15 0.07
N MET A 72 5.16 -1.54 -0.38
CA MET A 72 5.98 -0.65 -1.20
C MET A 72 5.24 -0.29 -2.50
N GLU A 73 4.63 -1.28 -3.15
CA GLU A 73 3.89 -1.05 -4.38
C GLU A 73 2.71 -0.10 -4.16
N ILE A 74 1.96 -0.34 -3.10
CA ILE A 74 0.80 0.49 -2.78
C ILE A 74 1.23 1.93 -2.56
N LEU A 75 2.29 2.10 -1.78
CA LEU A 75 2.77 3.42 -1.42
C LEU A 75 3.41 4.10 -2.62
N ARG A 76 4.05 3.31 -3.47
CA ARG A 76 4.73 3.86 -4.61
C ARG A 76 3.71 4.45 -5.58
N GLN A 77 2.65 3.68 -5.85
CA GLN A 77 1.62 4.12 -6.79
C GLN A 77 0.83 5.29 -6.21
N LEU A 78 0.51 5.21 -4.92
CA LEU A 78 -0.25 6.27 -4.26
C LEU A 78 0.53 7.58 -4.24
N LYS A 79 1.82 7.52 -3.88
CA LYS A 79 2.63 8.74 -3.77
C LYS A 79 2.91 9.31 -5.15
N TYR A 80 3.19 8.43 -6.11
CA TYR A 80 3.44 8.83 -7.49
C TYR A 80 2.19 9.49 -8.06
N GLN A 81 1.04 8.97 -7.65
CA GLN A 81 -0.26 9.52 -8.04
C GLN A 81 -0.48 10.88 -7.37
N ALA A 82 -0.18 10.93 -6.06
CA ALA A 82 -0.29 12.17 -5.29
C ALA A 82 0.57 13.26 -5.90
N ASP A 83 1.56 12.82 -6.70
CA ASP A 83 2.42 13.71 -7.48
C ASP A 83 3.32 14.52 -6.55
N THR A 84 3.45 14.07 -5.32
CA THR A 84 4.29 14.73 -4.34
C THR A 84 5.54 13.91 -4.10
N ASN A 85 6.66 14.60 -3.93
CA ASN A 85 7.93 13.96 -3.63
C ASN A 85 7.98 13.55 -2.16
N GLU A 86 7.18 14.23 -1.34
CA GLU A 86 7.18 14.02 0.11
C GLU A 86 6.30 12.83 0.52
N LYS A 87 6.38 12.51 1.80
CA LYS A 87 5.55 11.49 2.42
C LYS A 87 5.67 11.64 3.93
N PHE A 88 4.65 11.23 4.68
CA PHE A 88 4.60 11.47 6.10
C PHE A 88 3.91 10.31 6.80
N TYR A 89 3.81 10.40 8.11
CA TYR A 89 3.20 9.36 8.92
C TYR A 89 2.30 9.98 9.98
N THR A 90 1.58 9.13 10.69
CA THR A 90 0.58 9.59 11.66
C THR A 90 1.18 9.62 13.08
N ASN A 91 0.43 10.24 13.99
CA ASN A 91 0.78 10.30 15.41
C ASN A 91 1.07 8.90 15.97
N THR A 92 0.28 7.93 15.52
CA THR A 92 0.38 6.55 16.00
C THR A 92 1.67 5.88 15.51
N GLN A 93 2.18 6.34 14.37
CA GLN A 93 3.30 5.67 13.70
C GLN A 93 4.57 5.67 14.54
N LYS A 94 4.97 6.84 15.02
CA LYS A 94 6.20 7.02 15.80
C LYS A 94 7.45 6.80 14.93
N GLN A 95 7.72 5.55 14.58
CA GLN A 95 8.93 5.17 13.84
C GLN A 95 8.78 5.46 12.34
N LYS A 96 9.83 5.19 11.59
CA LYS A 96 9.79 5.30 10.13
C LYS A 96 9.78 3.89 9.51
N ILE A 97 8.79 3.64 8.64
CA ILE A 97 8.60 2.33 8.02
C ILE A 97 9.83 1.95 7.20
N VAL A 98 10.45 2.96 6.60
CA VAL A 98 11.66 2.79 5.80
C VAL A 98 12.69 1.90 6.52
N GLU A 99 12.73 2.00 7.84
CA GLU A 99 13.65 1.21 8.65
C GLU A 99 13.42 -0.29 8.48
N LEU A 100 12.14 -0.70 8.43
CA LEU A 100 11.81 -2.11 8.26
C LEU A 100 11.79 -2.47 6.77
N TYR A 101 11.60 -1.45 5.94
CA TYR A 101 11.59 -1.62 4.49
C TYR A 101 12.92 -2.18 3.98
N LYS A 102 12.82 -3.12 3.05
CA LYS A 102 14.00 -3.72 2.43
C LYS A 102 14.56 -2.76 1.37
N GLN A 103 15.83 -2.39 1.53
CA GLN A 103 16.49 -1.48 0.60
C GLN A 103 16.40 -2.01 -0.83
N GLU A 104 16.64 -3.31 -0.97
CA GLU A 104 16.61 -4.00 -2.26
C GLU A 104 15.30 -3.71 -3.01
N ILE A 105 14.21 -3.58 -2.27
CA ILE A 105 12.90 -3.34 -2.87
C ILE A 105 12.73 -1.85 -3.18
N SER A 106 13.13 -1.02 -2.23
CA SER A 106 12.95 0.43 -2.34
C SER A 106 13.71 0.98 -3.55
N GLN A 107 14.71 0.23 -4.02
CA GLN A 107 15.49 0.61 -5.20
C GLN A 107 14.59 0.74 -6.43
N ASP A 108 13.79 -0.29 -6.68
CA ASP A 108 12.90 -0.32 -7.85
C ASP A 108 11.73 0.66 -7.66
N ILE A 109 11.31 0.81 -6.41
CA ILE A 109 10.26 1.74 -6.05
C ILE A 109 10.66 3.18 -6.40
N LEU A 110 11.83 3.61 -5.93
CA LEU A 110 12.35 4.92 -6.26
C LEU A 110 12.61 5.04 -7.75
N ASN A 111 13.01 3.92 -8.36
CA ASN A 111 13.21 3.83 -9.81
C ASN A 111 11.96 4.31 -10.55
N GLU A 112 10.79 3.90 -10.05
CA GLU A 112 9.51 4.27 -10.65
C GLU A 112 9.09 5.70 -10.27
N ILE A 113 9.27 6.05 -9.01
CA ILE A 113 8.81 7.35 -8.50
C ILE A 113 9.66 8.51 -9.02
N PHE A 114 10.96 8.30 -9.14
CA PHE A 114 11.86 9.37 -9.61
C PHE A 114 11.94 9.34 -11.14
N ARG A 115 11.30 8.32 -11.71
CA ARG A 115 11.30 8.09 -13.15
C ARG A 115 10.73 9.29 -13.91
N MET A 1 -35.21 -11.21 4.12
CA MET A 1 -34.15 -11.40 5.13
C MET A 1 -32.91 -10.58 4.77
N ALA A 2 -32.98 -9.85 3.66
CA ALA A 2 -31.86 -9.05 3.18
C ALA A 2 -31.39 -8.05 4.25
N HIS A 3 -30.10 -8.06 4.52
CA HIS A 3 -29.47 -7.15 5.47
C HIS A 3 -28.31 -6.43 4.79
N HIS A 4 -28.64 -5.40 4.03
CA HIS A 4 -27.68 -4.73 3.16
C HIS A 4 -26.68 -3.88 3.96
N HIS A 5 -25.65 -4.54 4.47
CA HIS A 5 -24.55 -3.85 5.13
C HIS A 5 -23.41 -3.67 4.13
N HIS A 6 -22.89 -2.44 4.04
CA HIS A 6 -21.80 -2.14 3.12
C HIS A 6 -20.65 -3.11 3.35
N HIS A 7 -20.42 -3.98 2.37
CA HIS A 7 -19.43 -5.05 2.48
C HIS A 7 -18.07 -4.49 2.89
N HIS A 8 -17.41 -5.17 3.84
CA HIS A 8 -16.19 -4.67 4.50
C HIS A 8 -15.11 -4.23 3.51
N MET A 9 -15.29 -4.56 2.24
CA MET A 9 -14.37 -4.14 1.18
C MET A 9 -14.26 -2.61 1.11
N PHE A 10 -15.33 -1.92 1.53
CA PHE A 10 -15.38 -0.46 1.45
C PHE A 10 -14.47 0.19 2.49
N LEU A 11 -14.15 -0.57 3.54
CA LEU A 11 -13.33 -0.07 4.64
C LEU A 11 -11.96 0.35 4.10
N ASP A 12 -11.39 -0.53 3.28
CA ASP A 12 -10.11 -0.28 2.62
C ASP A 12 -9.83 -1.36 1.59
N ASP A 13 -9.42 -0.93 0.41
CA ASP A 13 -9.14 -1.83 -0.70
C ASP A 13 -7.91 -2.68 -0.38
N VAL A 14 -6.88 -2.05 0.15
CA VAL A 14 -5.61 -2.72 0.39
C VAL A 14 -5.78 -3.82 1.44
N ASN A 15 -6.41 -3.47 2.55
CA ASN A 15 -6.65 -4.43 3.64
C ASN A 15 -7.41 -5.65 3.10
N VAL A 16 -8.40 -5.42 2.25
CA VAL A 16 -9.23 -6.50 1.73
C VAL A 16 -8.44 -7.35 0.72
N PHE A 17 -7.55 -6.70 -0.02
CA PHE A 17 -6.67 -7.41 -0.95
C PHE A 17 -5.72 -8.34 -0.18
N LEU A 18 -5.03 -7.77 0.82
CA LEU A 18 -4.09 -8.53 1.63
C LEU A 18 -4.81 -9.66 2.35
N ASP A 19 -5.95 -9.32 2.94
CA ASP A 19 -6.75 -10.28 3.69
C ASP A 19 -7.16 -11.45 2.79
N ASP A 20 -7.56 -11.10 1.57
CA ASP A 20 -7.93 -12.09 0.57
C ASP A 20 -6.78 -13.06 0.33
N LEU A 21 -5.60 -12.51 0.07
CA LEU A 21 -4.43 -13.32 -0.26
C LEU A 21 -4.04 -14.26 0.88
N ASN A 22 -4.46 -13.93 2.09
CA ASN A 22 -4.19 -14.76 3.25
C ASN A 22 -5.17 -15.94 3.34
N THR A 23 -6.45 -15.65 3.12
CA THR A 23 -7.52 -16.65 3.28
C THR A 23 -7.89 -17.31 1.95
N ASN A 24 -7.37 -16.77 0.85
CA ASN A 24 -7.67 -17.25 -0.49
C ASN A 24 -6.38 -17.70 -1.18
N PRO A 25 -6.34 -18.96 -1.67
CA PRO A 25 -5.11 -19.61 -2.18
C PRO A 25 -4.46 -18.92 -3.40
N ILE A 26 -4.95 -17.74 -3.78
CA ILE A 26 -4.31 -16.98 -4.86
C ILE A 26 -2.88 -16.65 -4.48
N THR A 27 -2.74 -15.73 -3.52
CA THR A 27 -1.44 -15.38 -2.94
C THR A 27 -0.39 -15.11 -4.02
N ASP A 28 -0.83 -14.62 -5.17
CA ASP A 28 0.04 -14.40 -6.31
C ASP A 28 0.63 -12.99 -6.26
N GLU A 29 1.94 -12.93 -6.17
CA GLU A 29 2.67 -11.67 -6.10
C GLU A 29 2.62 -10.93 -7.45
N TRP A 30 2.56 -11.69 -8.54
CA TRP A 30 2.70 -11.12 -9.87
C TRP A 30 1.50 -10.29 -10.29
N TYR A 31 0.30 -10.68 -9.86
CA TYR A 31 -0.90 -9.94 -10.24
C TYR A 31 -0.93 -8.58 -9.54
N MET A 32 -0.24 -8.50 -8.41
CA MET A 32 -0.10 -7.24 -7.70
C MET A 32 0.69 -6.25 -8.55
N SER A 33 1.69 -6.79 -9.25
CA SER A 33 2.50 -5.99 -10.17
C SER A 33 1.63 -5.38 -11.27
N ASN A 34 0.57 -6.10 -11.64
CA ASN A 34 -0.37 -5.63 -12.66
C ASN A 34 -1.29 -4.56 -12.10
N PHE A 35 -1.55 -4.62 -10.80
CA PHE A 35 -2.41 -3.65 -10.13
C PHE A 35 -1.68 -2.31 -10.03
N ALA A 36 -0.46 -2.35 -9.52
CA ALA A 36 0.35 -1.15 -9.33
C ALA A 36 0.78 -0.56 -10.67
N ASP A 37 0.70 -1.36 -11.73
CA ASP A 37 1.11 -0.95 -13.07
C ASP A 37 0.23 0.16 -13.63
N LYS A 38 -1.07 0.07 -13.35
CA LYS A 38 -2.06 0.98 -13.95
C LYS A 38 -1.67 2.45 -13.78
N HIS A 39 -1.50 2.87 -12.53
CA HIS A 39 -1.30 4.28 -12.19
C HIS A 39 -2.55 5.09 -12.58
N ILE A 40 -2.56 5.60 -13.82
CA ILE A 40 -3.70 6.33 -14.40
C ILE A 40 -4.26 7.39 -13.43
N LYS A 41 -5.13 6.96 -12.53
CA LYS A 41 -5.76 7.83 -11.55
C LYS A 41 -6.49 6.98 -10.51
N ILE A 42 -5.77 6.63 -9.45
CA ILE A 42 -6.34 5.83 -8.37
C ILE A 42 -6.95 6.75 -7.30
N LEU A 43 -6.32 7.90 -7.09
CA LEU A 43 -6.76 8.91 -6.13
C LEU A 43 -6.26 10.28 -6.57
N GLU A 44 -6.80 11.34 -5.98
CA GLU A 44 -6.24 12.68 -6.17
C GLU A 44 -4.97 12.80 -5.34
N SER A 45 -4.22 13.87 -5.58
CA SER A 45 -2.93 14.07 -4.94
C SER A 45 -3.05 14.06 -3.41
N TYR A 46 -3.92 14.92 -2.90
CA TYR A 46 -4.13 15.04 -1.45
C TYR A 46 -4.75 13.78 -0.88
N GLU A 47 -5.64 13.14 -1.63
CA GLU A 47 -6.26 11.90 -1.19
C GLU A 47 -5.20 10.84 -0.97
N ALA A 48 -4.38 10.61 -1.99
CA ALA A 48 -3.33 9.61 -1.92
C ALA A 48 -2.36 9.93 -0.79
N PHE A 49 -2.02 11.21 -0.66
CA PHE A 49 -1.10 11.68 0.37
C PHE A 49 -1.59 11.28 1.77
N ASP A 50 -2.84 11.62 2.05
CA ASP A 50 -3.43 11.33 3.37
C ASP A 50 -3.58 9.82 3.56
N ILE A 51 -3.94 9.16 2.47
CA ILE A 51 -4.06 7.71 2.45
C ILE A 51 -2.72 7.05 2.77
N LEU A 52 -1.61 7.70 2.38
CA LEU A 52 -0.27 7.20 2.74
C LEU A 52 -0.19 7.07 4.25
N LYS A 53 -0.50 8.17 4.93
CA LYS A 53 -0.52 8.22 6.39
C LYS A 53 -1.40 7.10 6.96
N GLN A 54 -2.63 7.02 6.46
CA GLN A 54 -3.58 6.01 6.90
C GLN A 54 -2.99 4.61 6.78
N PHE A 55 -2.44 4.31 5.60
CA PHE A 55 -1.86 2.99 5.33
C PHE A 55 -0.60 2.77 6.14
N VAL A 56 0.15 3.84 6.39
CA VAL A 56 1.31 3.74 7.26
C VAL A 56 0.89 3.17 8.61
N ASP A 57 -0.12 3.79 9.19
CA ASP A 57 -0.66 3.33 10.49
C ASP A 57 -1.20 1.90 10.37
N TYR A 58 -2.01 1.66 9.34
CA TYR A 58 -2.67 0.36 9.12
C TYR A 58 -1.65 -0.75 8.94
N MET A 59 -0.57 -0.47 8.22
CA MET A 59 0.49 -1.45 7.99
C MET A 59 1.27 -1.68 9.27
N ILE A 60 1.46 -0.62 10.06
CA ILE A 60 2.06 -0.76 11.38
C ILE A 60 1.22 -1.69 12.26
N GLU A 61 -0.11 -1.60 12.12
CA GLU A 61 -1.00 -2.49 12.86
C GLU A 61 -0.71 -3.95 12.53
N GLU A 62 -0.80 -4.30 11.24
CA GLU A 62 -0.69 -5.70 10.83
C GLU A 62 0.76 -6.17 10.78
N HIS A 63 1.71 -5.21 10.76
CA HIS A 63 3.15 -5.50 10.82
C HIS A 63 3.53 -6.75 10.01
N ASP A 64 2.86 -6.94 8.88
CA ASP A 64 2.99 -8.18 8.11
C ASP A 64 4.11 -8.11 7.10
N GLU A 65 5.19 -8.83 7.40
CA GLU A 65 6.34 -8.94 6.50
C GLU A 65 5.99 -9.73 5.23
N LYS A 66 4.96 -10.57 5.29
CA LYS A 66 4.65 -11.49 4.17
C LYS A 66 4.20 -10.73 2.92
N SER A 67 3.96 -9.43 3.05
CA SER A 67 3.38 -8.64 1.96
C SER A 67 4.25 -7.42 1.69
N GLU A 68 5.46 -7.47 2.22
CA GLU A 68 6.38 -6.34 2.22
C GLU A 68 6.43 -5.65 0.85
N TYR A 69 6.86 -6.38 -0.17
CA TYR A 69 6.93 -5.84 -1.53
C TYR A 69 5.57 -5.34 -2.01
N GLU A 70 4.50 -5.99 -1.56
CA GLU A 70 3.16 -5.66 -2.03
C GLU A 70 2.73 -4.31 -1.43
N ILE A 71 3.15 -4.08 -0.19
CA ILE A 71 2.92 -2.80 0.46
C ILE A 71 3.74 -1.72 -0.23
N MET A 72 4.95 -2.09 -0.66
CA MET A 72 5.77 -1.20 -1.49
C MET A 72 5.02 -0.85 -2.77
N GLU A 73 4.38 -1.84 -3.39
CA GLU A 73 3.56 -1.61 -4.58
C GLU A 73 2.48 -0.58 -4.30
N ILE A 74 1.74 -0.80 -3.21
CA ILE A 74 0.69 0.11 -2.78
C ILE A 74 1.22 1.53 -2.61
N LEU A 75 2.30 1.66 -1.83
CA LEU A 75 2.83 2.97 -1.50
C LEU A 75 3.45 3.63 -2.70
N ARG A 76 4.02 2.82 -3.60
CA ARG A 76 4.69 3.38 -4.76
C ARG A 76 3.67 3.96 -5.72
N GLN A 77 2.58 3.24 -5.96
CA GLN A 77 1.55 3.70 -6.88
C GLN A 77 0.81 4.90 -6.29
N LEU A 78 0.54 4.85 -4.99
CA LEU A 78 -0.14 5.95 -4.30
C LEU A 78 0.71 7.21 -4.32
N LYS A 79 1.99 7.06 -3.93
CA LYS A 79 2.91 8.20 -3.86
C LYS A 79 3.18 8.75 -5.27
N TYR A 80 3.28 7.84 -6.23
CA TYR A 80 3.47 8.20 -7.64
C TYR A 80 2.30 9.04 -8.13
N GLN A 81 1.10 8.62 -7.74
CA GLN A 81 -0.13 9.32 -8.10
C GLN A 81 -0.24 10.63 -7.31
N ALA A 82 0.20 10.60 -6.06
CA ALA A 82 0.13 11.77 -5.18
C ALA A 82 1.00 12.92 -5.69
N ASP A 83 1.97 12.60 -6.55
CA ASP A 83 2.82 13.61 -7.20
C ASP A 83 3.66 14.36 -6.17
N THR A 84 3.83 13.76 -4.99
CA THR A 84 4.53 14.41 -3.90
C THR A 84 5.86 13.73 -3.59
N ASN A 85 6.87 14.54 -3.36
CA ASN A 85 8.21 14.05 -3.01
C ASN A 85 8.25 13.64 -1.54
N GLU A 86 7.49 14.35 -0.72
CA GLU A 86 7.50 14.17 0.74
C GLU A 86 6.70 12.95 1.20
N LYS A 87 6.60 12.83 2.53
CA LYS A 87 5.97 11.69 3.19
C LYS A 87 5.54 12.11 4.59
N PHE A 88 4.68 11.30 5.23
CA PHE A 88 4.19 11.58 6.58
C PHE A 88 3.82 10.29 7.29
N TYR A 89 3.64 10.38 8.60
CA TYR A 89 3.39 9.20 9.43
C TYR A 89 2.50 9.55 10.63
N THR A 90 1.98 8.52 11.29
CA THR A 90 1.09 8.70 12.43
C THR A 90 1.87 8.66 13.75
N ASN A 91 1.15 8.87 14.85
CA ASN A 91 1.74 8.87 16.18
C ASN A 91 2.25 7.47 16.53
N THR A 92 1.57 6.46 16.01
CA THR A 92 1.95 5.06 16.23
C THR A 92 3.28 4.76 15.54
N GLN A 93 3.46 5.32 14.34
CA GLN A 93 4.66 5.07 13.55
C GLN A 93 5.89 5.74 14.18
N LYS A 94 5.73 7.02 14.53
CA LYS A 94 6.80 7.85 15.14
C LYS A 94 8.16 7.68 14.44
N GLN A 95 8.13 7.29 13.16
CA GLN A 95 9.34 7.15 12.35
C GLN A 95 8.94 6.90 10.89
N LYS A 96 9.14 5.67 10.37
CA LYS A 96 8.72 5.31 9.02
C LYS A 96 8.96 3.82 8.77
N ILE A 97 8.06 3.22 7.98
CA ILE A 97 8.08 1.78 7.67
C ILE A 97 9.38 1.41 6.97
N VAL A 98 9.88 2.35 6.17
CA VAL A 98 11.13 2.20 5.43
C VAL A 98 12.23 1.52 6.28
N GLU A 99 12.23 1.80 7.58
CA GLU A 99 13.24 1.23 8.49
C GLU A 99 13.16 -0.30 8.52
N LEU A 100 11.95 -0.83 8.49
CA LEU A 100 11.74 -2.28 8.49
C LEU A 100 11.79 -2.81 7.06
N TYR A 101 11.48 -1.93 6.10
CA TYR A 101 11.52 -2.25 4.68
C TYR A 101 12.89 -2.74 4.23
N LYS A 102 12.90 -3.50 3.15
CA LYS A 102 14.13 -3.92 2.49
C LYS A 102 14.67 -2.74 1.67
N GLN A 103 15.78 -2.18 2.11
CA GLN A 103 16.33 -0.95 1.51
C GLN A 103 16.55 -1.15 0.01
N GLU A 104 17.09 -2.31 -0.31
CA GLU A 104 17.30 -2.73 -1.68
C GLU A 104 16.01 -2.59 -2.52
N ILE A 105 14.89 -3.06 -1.97
CA ILE A 105 13.61 -3.03 -2.69
C ILE A 105 13.14 -1.59 -2.87
N SER A 106 13.26 -0.79 -1.82
CA SER A 106 12.80 0.60 -1.85
C SER A 106 13.54 1.40 -2.92
N GLN A 107 14.75 0.96 -3.27
CA GLN A 107 15.55 1.63 -4.30
C GLN A 107 14.83 1.58 -5.65
N ASP A 108 14.37 0.38 -6.02
CA ASP A 108 13.65 0.16 -7.28
C ASP A 108 12.36 0.98 -7.31
N ILE A 109 11.74 1.10 -6.15
CA ILE A 109 10.52 1.89 -5.99
C ILE A 109 10.81 3.38 -6.25
N LEU A 110 11.81 3.89 -5.53
CA LEU A 110 12.24 5.29 -5.70
C LEU A 110 12.71 5.54 -7.13
N ASN A 111 13.20 4.49 -7.78
CA ASN A 111 13.63 4.58 -9.18
C ASN A 111 12.47 5.02 -10.08
N GLU A 112 11.26 4.57 -9.77
CA GLU A 112 10.07 5.01 -10.48
C GLU A 112 9.60 6.36 -9.96
N ILE A 113 9.31 6.42 -8.66
CA ILE A 113 8.72 7.60 -8.05
C ILE A 113 9.58 8.85 -8.26
N PHE A 114 10.87 8.71 -8.01
CA PHE A 114 11.82 9.82 -8.17
C PHE A 114 12.55 9.71 -9.50
N ARG A 115 11.86 9.17 -10.51
CA ARG A 115 12.41 9.07 -11.87
C ARG A 115 12.77 10.47 -12.38
N MET A 1 -12.02 -12.02 18.63
CA MET A 1 -12.87 -13.22 18.43
C MET A 1 -14.24 -12.81 17.89
N ALA A 2 -14.39 -11.53 17.52
CA ALA A 2 -15.66 -10.99 17.07
C ALA A 2 -16.03 -11.51 15.67
N HIS A 3 -17.24 -12.03 15.54
CA HIS A 3 -17.74 -12.50 14.26
C HIS A 3 -18.25 -11.31 13.44
N HIS A 4 -17.72 -11.17 12.22
CA HIS A 4 -18.08 -10.06 11.35
C HIS A 4 -19.39 -10.34 10.62
N HIS A 5 -20.47 -10.50 11.36
CA HIS A 5 -21.79 -10.73 10.76
C HIS A 5 -22.27 -9.44 10.14
N HIS A 6 -22.00 -8.32 10.81
CA HIS A 6 -22.22 -6.99 10.24
C HIS A 6 -20.95 -6.57 9.52
N HIS A 7 -21.09 -5.91 8.37
CA HIS A 7 -19.93 -5.58 7.54
C HIS A 7 -20.28 -4.48 6.53
N HIS A 8 -19.24 -3.80 6.05
CA HIS A 8 -19.39 -2.73 5.07
C HIS A 8 -19.29 -3.28 3.65
N MET A 9 -19.38 -2.40 2.67
CA MET A 9 -19.14 -2.77 1.27
C MET A 9 -17.76 -2.29 0.85
N PHE A 10 -17.44 -1.04 1.18
CA PHE A 10 -16.21 -0.41 0.73
C PHE A 10 -15.04 -0.78 1.65
N LEU A 11 -14.44 -1.93 1.37
CA LEU A 11 -13.16 -2.30 1.98
C LEU A 11 -12.04 -1.95 1.01
N ASP A 12 -11.00 -1.28 1.49
CA ASP A 12 -9.89 -0.89 0.62
C ASP A 12 -9.21 -2.12 0.05
N ASP A 13 -8.76 -2.02 -1.19
CA ASP A 13 -8.18 -3.15 -1.91
C ASP A 13 -6.96 -3.71 -1.19
N VAL A 14 -6.18 -2.83 -0.57
CA VAL A 14 -5.02 -3.27 0.20
C VAL A 14 -5.46 -4.24 1.29
N ASN A 15 -6.55 -3.91 1.96
CA ASN A 15 -7.11 -4.75 3.01
C ASN A 15 -7.46 -6.13 2.49
N VAL A 16 -8.17 -6.19 1.36
CA VAL A 16 -8.65 -7.46 0.83
C VAL A 16 -7.48 -8.34 0.38
N PHE A 17 -6.49 -7.75 -0.27
CA PHE A 17 -5.32 -8.48 -0.73
C PHE A 17 -4.53 -9.05 0.45
N LEU A 18 -4.15 -8.19 1.38
CA LEU A 18 -3.35 -8.60 2.53
C LEU A 18 -4.10 -9.62 3.39
N ASP A 19 -5.40 -9.41 3.54
CA ASP A 19 -6.23 -10.28 4.37
C ASP A 19 -6.39 -11.65 3.73
N ASP A 20 -6.75 -11.65 2.45
CA ASP A 20 -6.97 -12.90 1.72
C ASP A 20 -5.69 -13.74 1.70
N LEU A 21 -4.58 -13.11 1.34
CA LEU A 21 -3.31 -13.82 1.18
C LEU A 21 -2.82 -14.40 2.51
N ASN A 22 -3.32 -13.86 3.61
CA ASN A 22 -2.97 -14.35 4.94
C ASN A 22 -3.87 -15.53 5.33
N THR A 23 -5.09 -15.56 4.80
CA THR A 23 -6.05 -16.61 5.12
C THR A 23 -6.27 -17.52 3.90
N ASN A 24 -5.46 -17.35 2.86
CA ASN A 24 -5.58 -18.09 1.62
C ASN A 24 -4.19 -18.28 1.01
N PRO A 25 -3.72 -19.55 0.89
CA PRO A 25 -2.31 -19.88 0.60
C PRO A 25 -1.79 -19.46 -0.77
N ILE A 26 -2.55 -18.63 -1.49
CA ILE A 26 -2.13 -18.14 -2.81
C ILE A 26 -0.69 -17.65 -2.77
N THR A 27 -0.46 -16.66 -1.93
CA THR A 27 0.86 -16.06 -1.76
C THR A 27 1.41 -15.57 -3.10
N ASP A 28 0.79 -14.54 -3.64
CA ASP A 28 1.19 -13.98 -4.93
C ASP A 28 1.09 -12.46 -4.92
N GLU A 29 2.19 -11.82 -4.57
CA GLU A 29 2.26 -10.37 -4.54
C GLU A 29 2.21 -9.79 -5.96
N TRP A 30 2.44 -10.66 -6.95
CA TRP A 30 2.50 -10.24 -8.35
C TRP A 30 1.20 -9.58 -8.80
N TYR A 31 0.08 -10.00 -8.20
CA TYR A 31 -1.20 -9.35 -8.48
C TYR A 31 -1.13 -7.85 -8.20
N MET A 32 -0.42 -7.50 -7.13
CA MET A 32 -0.25 -6.09 -6.76
C MET A 32 0.60 -5.37 -7.80
N SER A 33 1.64 -6.04 -8.28
CA SER A 33 2.48 -5.51 -9.35
C SER A 33 1.60 -5.23 -10.57
N ASN A 34 0.71 -6.19 -10.85
CA ASN A 34 -0.26 -6.07 -11.94
C ASN A 34 -1.22 -4.91 -11.69
N PHE A 35 -1.49 -4.63 -10.42
CA PHE A 35 -2.37 -3.52 -10.06
C PHE A 35 -1.67 -2.18 -10.31
N ALA A 36 -0.47 -2.01 -9.78
CA ALA A 36 0.29 -0.77 -9.98
C ALA A 36 0.59 -0.56 -11.46
N ASP A 37 0.72 -1.68 -12.17
CA ASP A 37 0.95 -1.70 -13.62
C ASP A 37 -0.16 -0.94 -14.36
N LYS A 38 -1.34 -0.86 -13.73
CA LYS A 38 -2.49 -0.17 -14.31
C LYS A 38 -2.14 1.28 -14.66
N HIS A 39 -1.35 1.91 -13.78
CA HIS A 39 -0.88 3.29 -13.99
C HIS A 39 -2.06 4.24 -14.26
N ILE A 40 -3.08 4.14 -13.42
CA ILE A 40 -4.31 4.93 -13.57
C ILE A 40 -4.42 5.95 -12.43
N LYS A 41 -5.20 7.01 -12.65
CA LYS A 41 -5.50 7.99 -11.58
C LYS A 41 -6.24 7.30 -10.44
N ILE A 42 -5.51 6.68 -9.53
CA ILE A 42 -6.11 6.04 -8.37
C ILE A 42 -6.75 7.09 -7.46
N LEU A 43 -6.04 8.19 -7.22
CA LEU A 43 -6.50 9.26 -6.34
C LEU A 43 -5.90 10.59 -6.80
N GLU A 44 -6.35 11.68 -6.18
CA GLU A 44 -5.74 12.98 -6.40
C GLU A 44 -4.66 13.24 -5.35
N SER A 45 -4.03 14.41 -5.44
CA SER A 45 -2.91 14.75 -4.56
C SER A 45 -3.31 14.65 -3.09
N TYR A 46 -4.37 15.34 -2.70
CA TYR A 46 -4.81 15.37 -1.30
C TYR A 46 -5.30 13.99 -0.84
N GLU A 47 -6.12 13.34 -1.68
CA GLU A 47 -6.65 12.03 -1.36
C GLU A 47 -5.51 11.05 -1.09
N ALA A 48 -4.61 10.94 -2.05
CA ALA A 48 -3.49 10.01 -1.96
C ALA A 48 -2.62 10.34 -0.74
N PHE A 49 -2.36 11.64 -0.54
CA PHE A 49 -1.50 12.08 0.56
C PHE A 49 -2.04 11.60 1.90
N ASP A 50 -3.33 11.82 2.13
CA ASP A 50 -3.97 11.41 3.40
C ASP A 50 -4.04 9.89 3.48
N ILE A 51 -4.32 9.27 2.35
CA ILE A 51 -4.36 7.82 2.25
C ILE A 51 -3.00 7.22 2.60
N LEU A 52 -1.92 7.96 2.33
CA LEU A 52 -0.59 7.54 2.76
C LEU A 52 -0.58 7.36 4.27
N LYS A 53 -1.07 8.38 4.97
CA LYS A 53 -1.13 8.38 6.44
C LYS A 53 -1.93 7.18 6.94
N GLN A 54 -3.16 7.05 6.44
CA GLN A 54 -4.06 6.00 6.90
C GLN A 54 -3.48 4.62 6.55
N PHE A 55 -2.76 4.55 5.44
CA PHE A 55 -2.09 3.33 5.04
C PHE A 55 -0.87 3.07 5.92
N VAL A 56 -0.20 4.14 6.36
CA VAL A 56 0.91 4.02 7.29
C VAL A 56 0.44 3.32 8.56
N ASP A 57 -0.58 3.88 9.20
CA ASP A 57 -1.08 3.30 10.44
C ASP A 57 -1.71 1.94 10.18
N TYR A 58 -2.39 1.80 9.04
CA TYR A 58 -3.05 0.53 8.70
C TYR A 58 -2.02 -0.59 8.51
N MET A 59 -1.03 -0.36 7.64
CA MET A 59 -0.04 -1.39 7.35
C MET A 59 0.78 -1.67 8.59
N ILE A 60 0.93 -0.67 9.47
CA ILE A 60 1.53 -0.89 10.78
C ILE A 60 0.65 -1.83 11.63
N GLU A 61 -0.67 -1.65 11.56
CA GLU A 61 -1.61 -2.47 12.33
C GLU A 61 -1.38 -3.97 12.10
N GLU A 62 -1.20 -4.37 10.84
CA GLU A 62 -1.03 -5.79 10.52
C GLU A 62 0.44 -6.15 10.28
N HIS A 63 1.27 -5.13 10.05
CA HIS A 63 2.72 -5.29 9.86
C HIS A 63 3.05 -6.51 8.98
N ASP A 64 2.21 -6.77 7.98
CA ASP A 64 2.38 -7.95 7.14
C ASP A 64 3.64 -7.82 6.28
N GLU A 65 4.71 -8.47 6.72
CA GLU A 65 5.99 -8.48 6.00
C GLU A 65 5.89 -9.25 4.68
N LYS A 66 4.98 -10.22 4.62
CA LYS A 66 4.80 -11.05 3.43
C LYS A 66 4.31 -10.19 2.26
N SER A 67 3.70 -9.06 2.60
CA SER A 67 3.09 -8.18 1.62
C SER A 67 3.93 -6.92 1.47
N GLU A 68 5.18 -7.00 1.91
CA GLU A 68 6.10 -5.89 1.83
C GLU A 68 6.17 -5.32 0.41
N TYR A 69 6.26 -6.21 -0.57
CA TYR A 69 6.24 -5.81 -1.97
C TYR A 69 4.94 -5.04 -2.29
N GLU A 70 3.85 -5.47 -1.67
CA GLU A 70 2.54 -4.89 -1.96
C GLU A 70 2.42 -3.49 -1.37
N ILE A 71 2.82 -3.32 -0.10
CA ILE A 71 2.80 -2.01 0.54
C ILE A 71 3.74 -1.04 -0.19
N MET A 72 4.86 -1.56 -0.69
CA MET A 72 5.78 -0.75 -1.51
C MET A 72 5.08 -0.27 -2.78
N GLU A 73 4.48 -1.20 -3.52
CA GLU A 73 3.77 -0.87 -4.76
C GLU A 73 2.66 0.14 -4.50
N ILE A 74 1.88 -0.10 -3.45
CA ILE A 74 0.80 0.79 -3.09
C ILE A 74 1.31 2.20 -2.83
N LEU A 75 2.28 2.32 -1.91
CA LEU A 75 2.78 3.62 -1.51
C LEU A 75 3.45 4.33 -2.68
N ARG A 76 4.07 3.55 -3.56
CA ARG A 76 4.82 4.14 -4.67
C ARG A 76 3.88 4.70 -5.73
N GLN A 77 2.82 3.96 -6.06
CA GLN A 77 1.86 4.44 -7.05
C GLN A 77 1.08 5.62 -6.49
N LEU A 78 0.77 5.56 -5.18
CA LEU A 78 0.07 6.66 -4.51
C LEU A 78 0.93 7.92 -4.51
N LYS A 79 2.22 7.78 -4.22
CA LYS A 79 3.15 8.90 -4.25
C LYS A 79 3.25 9.48 -5.64
N TYR A 80 3.48 8.60 -6.62
CA TYR A 80 3.64 9.00 -8.01
C TYR A 80 2.41 9.76 -8.49
N GLN A 81 1.24 9.31 -8.03
CA GLN A 81 -0.03 9.92 -8.38
C GLN A 81 -0.26 11.22 -7.59
N ALA A 82 0.16 11.21 -6.33
CA ALA A 82 -0.03 12.35 -5.43
C ALA A 82 0.83 13.54 -5.84
N ASP A 83 1.79 13.29 -6.74
CA ASP A 83 2.66 14.35 -7.26
C ASP A 83 3.56 14.89 -6.14
N THR A 84 3.88 14.03 -5.17
CA THR A 84 4.73 14.42 -4.05
C THR A 84 5.69 13.29 -3.68
N ASN A 85 6.94 13.67 -3.38
CA ASN A 85 7.97 12.73 -2.97
C ASN A 85 7.89 12.49 -1.47
N GLU A 86 7.27 13.45 -0.78
CA GLU A 86 7.30 13.52 0.68
C GLU A 86 6.79 12.23 1.33
N LYS A 87 7.57 11.71 2.27
CA LYS A 87 7.16 10.59 3.11
C LYS A 87 6.46 11.12 4.36
N PHE A 88 5.54 10.33 4.91
CA PHE A 88 4.78 10.74 6.09
C PHE A 88 4.52 9.53 6.97
N TYR A 89 4.28 9.78 8.25
CA TYR A 89 3.97 8.73 9.20
C TYR A 89 3.15 9.32 10.34
N THR A 90 2.53 8.45 11.12
CA THR A 90 1.69 8.87 12.23
C THR A 90 2.55 9.15 13.46
N ASN A 91 2.26 10.26 14.13
CA ASN A 91 3.01 10.68 15.32
C ASN A 91 2.91 9.61 16.40
N THR A 92 1.79 8.88 16.39
CA THR A 92 1.56 7.78 17.32
C THR A 92 2.53 6.62 17.05
N GLN A 93 2.78 6.33 15.77
CA GLN A 93 3.64 5.21 15.40
C GLN A 93 5.11 5.54 15.66
N LYS A 94 5.57 6.65 15.08
CA LYS A 94 6.97 7.09 15.17
C LYS A 94 7.89 6.18 14.33
N GLN A 95 7.77 4.87 14.54
CA GLN A 95 8.57 3.88 13.81
C GLN A 95 8.33 4.03 12.31
N LYS A 96 9.41 4.17 11.56
CA LYS A 96 9.32 4.43 10.12
C LYS A 96 9.19 3.13 9.33
N ILE A 97 8.30 3.14 8.34
CA ILE A 97 8.00 1.95 7.54
C ILE A 97 9.18 1.60 6.64
N VAL A 98 9.86 2.61 6.10
CA VAL A 98 11.01 2.40 5.22
C VAL A 98 12.06 1.54 5.93
N GLU A 99 12.18 1.75 7.23
CA GLU A 99 13.14 1.05 8.05
C GLU A 99 12.76 -0.42 8.24
N LEU A 100 11.48 -0.76 8.09
CA LEU A 100 11.05 -2.16 8.15
C LEU A 100 11.14 -2.77 6.75
N TYR A 101 11.05 -1.89 5.75
CA TYR A 101 11.23 -2.28 4.35
C TYR A 101 12.67 -2.71 4.10
N LYS A 102 12.86 -3.67 3.20
CA LYS A 102 14.19 -4.07 2.76
C LYS A 102 14.56 -3.30 1.51
N GLN A 103 15.80 -2.77 1.48
CA GLN A 103 16.23 -1.85 0.42
C GLN A 103 16.06 -2.45 -0.97
N GLU A 104 16.23 -3.77 -1.07
CA GLU A 104 16.24 -4.47 -2.36
C GLU A 104 15.02 -4.12 -3.21
N ILE A 105 13.87 -3.99 -2.57
CA ILE A 105 12.64 -3.65 -3.29
C ILE A 105 12.54 -2.13 -3.48
N SER A 106 12.89 -1.39 -2.44
CA SER A 106 12.73 0.06 -2.45
C SER A 106 13.61 0.74 -3.50
N GLN A 107 14.66 0.03 -3.97
CA GLN A 107 15.55 0.56 -4.99
C GLN A 107 14.77 1.03 -6.22
N ASP A 108 13.90 0.16 -6.73
CA ASP A 108 13.10 0.45 -7.93
C ASP A 108 12.01 1.46 -7.61
N ILE A 109 11.47 1.34 -6.40
CA ILE A 109 10.42 2.24 -5.91
C ILE A 109 10.90 3.70 -5.94
N LEU A 110 12.04 3.93 -5.31
CA LEU A 110 12.64 5.25 -5.26
C LEU A 110 13.05 5.71 -6.65
N ASN A 111 13.47 4.75 -7.48
CA ASN A 111 13.82 5.03 -8.86
C ASN A 111 12.65 5.67 -9.61
N GLU A 112 11.43 5.25 -9.25
CA GLU A 112 10.21 5.76 -9.86
C GLU A 112 9.79 7.10 -9.26
N ILE A 113 9.61 7.13 -7.95
CA ILE A 113 9.06 8.31 -7.30
C ILE A 113 10.07 9.45 -7.30
N PHE A 114 11.31 9.11 -6.96
CA PHE A 114 12.39 10.10 -6.87
C PHE A 114 13.17 10.13 -8.18
N ARG A 115 12.51 9.69 -9.25
CA ARG A 115 13.07 9.74 -10.60
C ARG A 115 13.43 11.19 -10.97
N MET A 1 -42.03 -14.77 2.93
CA MET A 1 -40.76 -14.91 3.66
C MET A 1 -39.59 -14.94 2.69
N ALA A 2 -38.85 -13.85 2.64
CA ALA A 2 -37.62 -13.74 1.85
C ALA A 2 -36.53 -13.12 2.70
N HIS A 3 -35.35 -13.72 2.71
CA HIS A 3 -34.27 -13.24 3.56
C HIS A 3 -33.09 -12.76 2.71
N HIS A 4 -32.93 -11.45 2.62
CA HIS A 4 -31.82 -10.84 1.87
C HIS A 4 -30.80 -10.25 2.81
N HIS A 5 -29.73 -9.69 2.25
CA HIS A 5 -28.67 -9.04 3.03
C HIS A 5 -28.25 -7.74 2.34
N HIS A 6 -27.57 -6.88 3.10
CA HIS A 6 -27.03 -5.64 2.56
C HIS A 6 -25.85 -5.17 3.43
N HIS A 7 -24.71 -4.92 2.80
CA HIS A 7 -23.49 -4.56 3.54
C HIS A 7 -23.51 -3.09 3.95
N HIS A 8 -23.65 -2.86 5.26
CA HIS A 8 -23.48 -1.53 5.82
C HIS A 8 -22.01 -1.34 6.23
N MET A 9 -21.31 -2.48 6.30
CA MET A 9 -19.88 -2.50 6.61
C MET A 9 -19.12 -3.02 5.39
N PHE A 10 -18.17 -2.22 4.90
CA PHE A 10 -17.38 -2.58 3.73
C PHE A 10 -15.90 -2.65 4.09
N LEU A 11 -15.08 -3.19 3.18
CA LEU A 11 -13.65 -3.35 3.41
C LEU A 11 -12.84 -2.69 2.31
N ASP A 12 -11.68 -2.13 2.68
CA ASP A 12 -10.78 -1.50 1.72
C ASP A 12 -10.14 -2.53 0.79
N ASP A 13 -9.77 -2.09 -0.42
CA ASP A 13 -9.22 -2.99 -1.44
C ASP A 13 -7.87 -3.55 -1.02
N VAL A 14 -6.99 -2.70 -0.48
CA VAL A 14 -5.67 -3.13 -0.06
C VAL A 14 -5.78 -4.08 1.14
N ASN A 15 -6.67 -3.73 2.06
CA ASN A 15 -6.95 -4.57 3.22
C ASN A 15 -7.38 -5.96 2.76
N VAL A 16 -8.36 -6.00 1.86
CA VAL A 16 -8.85 -7.26 1.31
C VAL A 16 -7.75 -7.96 0.55
N PHE A 17 -6.93 -7.19 -0.17
CA PHE A 17 -5.84 -7.72 -0.97
C PHE A 17 -4.91 -8.58 -0.10
N LEU A 18 -4.44 -7.99 1.00
CA LEU A 18 -3.52 -8.65 1.89
C LEU A 18 -4.21 -9.85 2.57
N ASP A 19 -5.42 -9.62 3.05
CA ASP A 19 -6.20 -10.69 3.70
C ASP A 19 -6.52 -11.81 2.71
N ASP A 20 -6.71 -11.44 1.46
CA ASP A 20 -7.13 -12.36 0.42
C ASP A 20 -6.05 -13.39 0.15
N LEU A 21 -4.82 -12.90 -0.05
CA LEU A 21 -3.70 -13.78 -0.39
C LEU A 21 -3.33 -14.68 0.77
N ASN A 22 -3.77 -14.29 1.97
CA ASN A 22 -3.53 -15.06 3.18
C ASN A 22 -4.60 -16.15 3.35
N THR A 23 -5.85 -15.84 2.99
CA THR A 23 -6.95 -16.77 3.17
C THR A 23 -6.98 -17.82 2.04
N ASN A 24 -6.67 -17.40 0.82
CA ASN A 24 -6.69 -18.29 -0.33
C ASN A 24 -5.29 -18.78 -0.66
N PRO A 25 -5.18 -19.88 -1.40
CA PRO A 25 -3.89 -20.48 -1.76
C PRO A 25 -3.18 -19.77 -2.92
N ILE A 26 -3.69 -18.62 -3.32
CA ILE A 26 -3.05 -17.82 -4.38
C ILE A 26 -1.65 -17.41 -3.96
N THR A 27 -1.59 -16.52 -2.98
CA THR A 27 -0.34 -16.09 -2.37
C THR A 27 0.66 -15.62 -3.45
N ASP A 28 0.33 -14.52 -4.09
CA ASP A 28 1.17 -13.95 -5.15
C ASP A 28 1.15 -12.42 -5.07
N GLU A 29 2.16 -11.86 -4.42
CA GLU A 29 2.27 -10.42 -4.28
C GLU A 29 2.62 -9.76 -5.62
N TRP A 30 3.09 -10.58 -6.57
CA TRP A 30 3.68 -10.07 -7.80
C TRP A 30 2.64 -9.44 -8.72
N TYR A 31 1.44 -10.01 -8.76
CA TYR A 31 0.38 -9.51 -9.63
C TYR A 31 -0.03 -8.09 -9.24
N MET A 32 0.25 -7.70 -7.99
CA MET A 32 0.01 -6.33 -7.53
C MET A 32 0.76 -5.36 -8.42
N SER A 33 1.92 -5.78 -8.90
CA SER A 33 2.74 -4.96 -9.78
C SER A 33 1.94 -4.55 -11.02
N ASN A 34 1.05 -5.44 -11.48
CA ASN A 34 0.20 -5.17 -12.63
C ASN A 34 -0.80 -4.06 -12.30
N PHE A 35 -1.21 -4.03 -11.02
CA PHE A 35 -2.14 -3.02 -10.54
C PHE A 35 -1.44 -1.67 -10.41
N ALA A 36 -0.21 -1.70 -9.89
CA ALA A 36 0.59 -0.48 -9.72
C ALA A 36 1.02 0.08 -11.07
N ASP A 37 1.02 -0.79 -12.08
CA ASP A 37 1.31 -0.38 -13.46
C ASP A 37 0.24 0.57 -13.99
N LYS A 38 -0.98 0.43 -13.46
CA LYS A 38 -2.14 1.16 -13.98
C LYS A 38 -2.20 2.60 -13.44
N HIS A 39 -1.13 3.35 -13.65
CA HIS A 39 -1.12 4.77 -13.28
C HIS A 39 -1.90 5.59 -14.30
N ILE A 40 -3.22 5.40 -14.31
CA ILE A 40 -4.10 6.17 -15.19
C ILE A 40 -4.60 7.39 -14.43
N LYS A 41 -5.40 7.15 -13.40
CA LYS A 41 -5.94 8.20 -12.55
C LYS A 41 -6.66 7.56 -11.36
N ILE A 42 -5.90 7.25 -10.31
CA ILE A 42 -6.46 6.55 -9.16
C ILE A 42 -7.08 7.51 -8.15
N LEU A 43 -6.32 8.53 -7.74
CA LEU A 43 -6.75 9.46 -6.69
C LEU A 43 -6.31 10.88 -7.01
N GLU A 44 -6.73 11.82 -6.18
CA GLU A 44 -6.23 13.20 -6.24
C GLU A 44 -5.00 13.33 -5.36
N SER A 45 -4.39 14.51 -5.39
CA SER A 45 -3.23 14.80 -4.57
C SER A 45 -3.56 14.61 -3.09
N TYR A 46 -4.59 15.31 -2.63
CA TYR A 46 -5.00 15.26 -1.23
C TYR A 46 -5.54 13.87 -0.86
N GLU A 47 -6.28 13.24 -1.78
CA GLU A 47 -6.82 11.90 -1.53
C GLU A 47 -5.70 10.92 -1.25
N ALA A 48 -4.74 10.86 -2.18
CA ALA A 48 -3.62 9.93 -2.08
C ALA A 48 -2.75 10.26 -0.88
N PHE A 49 -2.39 11.54 -0.73
CA PHE A 49 -1.52 11.99 0.35
C PHE A 49 -2.11 11.59 1.71
N ASP A 50 -3.41 11.78 1.85
CA ASP A 50 -4.12 11.41 3.08
C ASP A 50 -4.13 9.89 3.24
N ILE A 51 -4.44 9.20 2.15
CA ILE A 51 -4.48 7.74 2.15
C ILE A 51 -3.09 7.16 2.45
N LEU A 52 -2.04 7.93 2.16
CA LEU A 52 -0.68 7.54 2.55
C LEU A 52 -0.62 7.44 4.07
N LYS A 53 -1.07 8.49 4.72
CA LYS A 53 -1.04 8.60 6.19
C LYS A 53 -1.85 7.46 6.80
N GLN A 54 -3.06 7.27 6.30
CA GLN A 54 -3.95 6.22 6.76
C GLN A 54 -3.28 4.86 6.64
N PHE A 55 -2.83 4.53 5.44
CA PHE A 55 -2.20 3.25 5.19
C PHE A 55 -0.95 3.08 6.04
N VAL A 56 -0.15 4.13 6.17
CA VAL A 56 1.03 4.09 7.04
C VAL A 56 0.64 3.60 8.44
N ASP A 57 -0.33 4.28 9.04
CA ASP A 57 -0.81 3.94 10.38
C ASP A 57 -1.28 2.48 10.42
N TYR A 58 -2.00 2.07 9.38
CA TYR A 58 -2.58 0.73 9.31
C TYR A 58 -1.50 -0.33 9.10
N MET A 59 -0.44 0.02 8.39
CA MET A 59 0.67 -0.90 8.14
C MET A 59 1.44 -1.11 9.44
N ILE A 60 1.53 -0.05 10.26
CA ILE A 60 2.02 -0.20 11.63
C ILE A 60 1.14 -1.19 12.38
N GLU A 61 -0.17 -0.97 12.28
CA GLU A 61 -1.13 -1.84 12.96
C GLU A 61 -0.95 -3.31 12.59
N GLU A 62 -0.78 -3.60 11.30
CA GLU A 62 -0.74 -5.01 10.87
C GLU A 62 0.69 -5.57 10.87
N HIS A 63 1.70 -4.69 10.91
CA HIS A 63 3.11 -5.09 11.15
C HIS A 63 3.49 -6.42 10.49
N ASP A 64 3.00 -6.67 9.29
CA ASP A 64 3.19 -7.98 8.64
C ASP A 64 4.34 -7.94 7.63
N GLU A 65 5.24 -8.91 7.75
CA GLU A 65 6.45 -8.98 6.91
C GLU A 65 6.11 -9.29 5.44
N LYS A 66 5.08 -10.09 5.22
CA LYS A 66 4.76 -10.57 3.87
C LYS A 66 4.09 -9.51 3.00
N SER A 67 3.95 -8.29 3.52
CA SER A 67 3.19 -7.27 2.83
C SER A 67 4.11 -6.18 2.31
N GLU A 68 5.38 -6.24 2.71
CA GLU A 68 6.35 -5.19 2.40
C GLU A 68 6.28 -4.75 0.94
N TYR A 69 6.34 -5.72 0.04
CA TYR A 69 6.29 -5.45 -1.41
C TYR A 69 4.95 -4.80 -1.79
N GLU A 70 3.88 -5.26 -1.16
CA GLU A 70 2.52 -4.83 -1.51
C GLU A 70 2.32 -3.38 -1.07
N ILE A 71 2.73 -3.12 0.16
CA ILE A 71 2.67 -1.78 0.73
C ILE A 71 3.50 -0.81 -0.12
N MET A 72 4.69 -1.26 -0.49
CA MET A 72 5.60 -0.46 -1.30
C MET A 72 4.96 -0.06 -2.63
N GLU A 73 4.40 -1.02 -3.35
CA GLU A 73 3.79 -0.72 -4.64
C GLU A 73 2.53 0.14 -4.49
N ILE A 74 1.73 -0.15 -3.47
CA ILE A 74 0.57 0.69 -3.18
C ILE A 74 1.02 2.14 -2.93
N LEU A 75 2.03 2.30 -2.09
CA LEU A 75 2.54 3.62 -1.78
C LEU A 75 3.16 4.25 -3.02
N ARG A 76 3.81 3.45 -3.85
CA ARG A 76 4.50 3.98 -5.01
C ARG A 76 3.49 4.60 -5.97
N GLN A 77 2.39 3.89 -6.23
CA GLN A 77 1.38 4.36 -7.16
C GLN A 77 0.64 5.56 -6.57
N LEU A 78 0.33 5.48 -5.28
CA LEU A 78 -0.37 6.57 -4.58
C LEU A 78 0.47 7.85 -4.60
N LYS A 79 1.74 7.75 -4.22
CA LYS A 79 2.62 8.92 -4.15
C LYS A 79 2.88 9.46 -5.55
N TYR A 80 3.07 8.57 -6.51
CA TYR A 80 3.34 8.97 -7.89
C TYR A 80 2.12 9.72 -8.45
N GLN A 81 0.93 9.29 -8.02
CA GLN A 81 -0.31 9.98 -8.39
C GLN A 81 -0.41 11.29 -7.61
N ALA A 82 0.01 11.25 -6.35
CA ALA A 82 -0.02 12.42 -5.47
C ALA A 82 1.04 13.45 -5.87
N ASP A 83 1.95 13.05 -6.77
CA ASP A 83 2.96 13.95 -7.31
C ASP A 83 3.97 14.36 -6.23
N THR A 84 4.15 13.48 -5.24
CA THR A 84 5.10 13.74 -4.16
C THR A 84 6.02 12.55 -3.94
N ASN A 85 7.30 12.83 -3.78
CA ASN A 85 8.30 11.80 -3.48
C ASN A 85 8.42 11.60 -1.98
N GLU A 86 7.87 12.56 -1.23
CA GLU A 86 7.95 12.55 0.23
C GLU A 86 7.08 11.45 0.84
N LYS A 87 7.09 11.36 2.16
CA LYS A 87 6.22 10.46 2.89
C LYS A 87 5.84 11.07 4.22
N PHE A 88 4.58 10.94 4.59
CA PHE A 88 4.10 11.41 5.88
C PHE A 88 3.93 10.20 6.80
N TYR A 89 3.75 10.46 8.08
CA TYR A 89 3.59 9.40 9.06
C TYR A 89 2.87 9.91 10.30
N THR A 90 2.14 9.01 10.96
CA THR A 90 1.46 9.33 12.20
C THR A 90 2.44 9.20 13.38
N ASN A 91 2.09 9.79 14.52
CA ASN A 91 2.86 9.61 15.74
C ASN A 91 2.97 8.13 16.07
N THR A 92 1.94 7.39 15.67
CA THR A 92 1.88 5.95 15.89
C THR A 92 3.06 5.23 15.24
N GLN A 93 3.49 5.70 14.07
CA GLN A 93 4.57 5.05 13.33
C GLN A 93 5.84 4.96 14.18
N LYS A 94 6.29 6.12 14.66
CA LYS A 94 7.53 6.23 15.43
C LYS A 94 8.72 5.69 14.61
N GLN A 95 8.85 4.37 14.54
CA GLN A 95 9.89 3.74 13.75
C GLN A 95 9.54 3.83 12.27
N LYS A 96 10.41 4.48 11.49
CA LYS A 96 10.19 4.68 10.06
C LYS A 96 10.05 3.34 9.34
N ILE A 97 8.87 3.13 8.73
CA ILE A 97 8.55 1.89 8.02
C ILE A 97 9.58 1.61 6.95
N VAL A 98 10.09 2.67 6.35
CA VAL A 98 11.09 2.57 5.29
C VAL A 98 12.31 1.76 5.74
N GLU A 99 12.65 1.87 7.02
CA GLU A 99 13.84 1.19 7.54
C GLU A 99 13.52 -0.26 7.88
N LEU A 100 12.23 -0.58 7.94
CA LEU A 100 11.77 -1.96 8.04
C LEU A 100 11.80 -2.57 6.64
N TYR A 101 11.42 -1.75 5.66
CA TYR A 101 11.34 -2.17 4.27
C TYR A 101 12.67 -2.74 3.78
N LYS A 102 12.61 -3.86 3.08
CA LYS A 102 13.80 -4.40 2.43
C LYS A 102 14.28 -3.43 1.35
N GLN A 103 15.53 -2.98 1.48
CA GLN A 103 16.09 -1.94 0.63
C GLN A 103 16.02 -2.31 -0.87
N GLU A 104 16.02 -3.60 -1.15
CA GLU A 104 15.92 -4.10 -2.53
C GLU A 104 14.55 -3.78 -3.11
N ILE A 105 13.53 -3.73 -2.26
CA ILE A 105 12.18 -3.42 -2.70
C ILE A 105 12.01 -1.90 -2.84
N SER A 106 12.48 -1.17 -1.83
CA SER A 106 12.31 0.28 -1.77
C SER A 106 13.10 0.98 -2.89
N GLN A 107 14.24 0.40 -3.27
CA GLN A 107 15.06 0.96 -4.34
C GLN A 107 14.30 1.08 -5.64
N ASP A 108 13.53 0.06 -5.97
CA ASP A 108 12.81 0.06 -7.23
C ASP A 108 11.69 1.08 -7.17
N ILE A 109 11.05 1.15 -6.01
CA ILE A 109 9.97 2.10 -5.77
C ILE A 109 10.46 3.52 -6.02
N LEU A 110 11.56 3.90 -5.38
CA LEU A 110 12.18 5.20 -5.61
C LEU A 110 12.61 5.34 -7.06
N ASN A 111 13.12 4.25 -7.64
CA ASN A 111 13.54 4.23 -9.04
C ASN A 111 12.40 4.69 -9.97
N GLU A 112 11.18 4.35 -9.58
CA GLU A 112 9.99 4.74 -10.33
C GLU A 112 9.58 6.19 -10.02
N ILE A 113 9.43 6.49 -8.72
CA ILE A 113 8.89 7.77 -8.29
C ILE A 113 9.82 8.94 -8.61
N PHE A 114 11.13 8.70 -8.51
CA PHE A 114 12.11 9.79 -8.73
C PHE A 114 12.31 10.01 -10.23
N ARG A 115 11.76 9.10 -11.02
CA ARG A 115 11.90 9.14 -12.47
C ARG A 115 11.01 10.24 -13.06
N MET A 1 -38.76 -19.94 7.86
CA MET A 1 -37.75 -19.39 8.80
C MET A 1 -36.37 -19.35 8.14
N ALA A 2 -36.32 -19.59 6.83
CA ALA A 2 -35.06 -19.64 6.08
C ALA A 2 -34.22 -18.38 6.32
N HIS A 3 -33.21 -18.51 7.18
CA HIS A 3 -32.30 -17.42 7.48
C HIS A 3 -31.03 -17.52 6.65
N HIS A 4 -30.89 -16.63 5.66
CA HIS A 4 -29.72 -16.60 4.79
C HIS A 4 -29.23 -15.17 4.62
N HIS A 5 -27.92 -14.97 4.80
CA HIS A 5 -27.31 -13.65 4.58
C HIS A 5 -25.79 -13.77 4.51
N HIS A 6 -25.17 -12.85 3.79
CA HIS A 6 -23.72 -12.80 3.65
C HIS A 6 -23.29 -11.37 3.31
N HIS A 7 -22.72 -10.68 4.29
CA HIS A 7 -22.34 -9.28 4.12
C HIS A 7 -21.17 -8.91 5.02
N HIS A 8 -20.08 -8.45 4.41
CA HIS A 8 -18.92 -7.95 5.14
C HIS A 8 -18.28 -6.81 4.36
N MET A 9 -18.59 -5.58 4.76
CA MET A 9 -18.13 -4.38 4.05
C MET A 9 -16.96 -3.73 4.80
N PHE A 10 -15.88 -3.49 4.06
CA PHE A 10 -14.71 -2.81 4.62
C PHE A 10 -14.30 -1.66 3.70
N LEU A 11 -13.84 -0.57 4.31
CA LEU A 11 -13.47 0.63 3.57
C LEU A 11 -12.06 0.53 3.00
N ASP A 12 -11.26 -0.36 3.58
CA ASP A 12 -9.86 -0.51 3.19
C ASP A 12 -9.66 -1.72 2.27
N ASP A 13 -9.18 -1.45 1.06
CA ASP A 13 -8.94 -2.49 0.05
C ASP A 13 -7.71 -3.33 0.41
N VAL A 14 -6.75 -2.73 1.08
CA VAL A 14 -5.46 -3.36 1.34
C VAL A 14 -5.61 -4.61 2.21
N ASN A 15 -6.29 -4.46 3.34
CA ASN A 15 -6.50 -5.57 4.27
C ASN A 15 -7.19 -6.74 3.60
N VAL A 16 -8.32 -6.46 2.93
CA VAL A 16 -9.11 -7.51 2.29
C VAL A 16 -8.29 -8.18 1.19
N PHE A 17 -7.49 -7.37 0.51
CA PHE A 17 -6.60 -7.85 -0.55
C PHE A 17 -5.62 -8.89 -0.01
N LEU A 18 -4.92 -8.53 1.07
CA LEU A 18 -3.93 -9.39 1.68
C LEU A 18 -4.60 -10.59 2.35
N ASP A 19 -5.77 -10.36 2.94
CA ASP A 19 -6.52 -11.40 3.63
C ASP A 19 -7.10 -12.39 2.63
N ASP A 20 -7.46 -11.89 1.45
CA ASP A 20 -8.00 -12.74 0.38
C ASP A 20 -6.99 -13.82 0.02
N LEU A 21 -5.73 -13.43 -0.09
CA LEU A 21 -4.66 -14.35 -0.45
C LEU A 21 -4.44 -15.41 0.64
N ASN A 22 -5.01 -15.16 1.83
CA ASN A 22 -4.89 -16.10 2.94
C ASN A 22 -5.96 -17.19 2.83
N THR A 23 -7.20 -16.79 2.57
CA THR A 23 -8.31 -17.73 2.46
C THR A 23 -8.39 -18.33 1.05
N ASN A 24 -7.88 -17.59 0.08
CA ASN A 24 -7.90 -18.01 -1.32
C ASN A 24 -6.52 -18.55 -1.71
N PRO A 25 -6.45 -19.78 -2.24
CA PRO A 25 -5.17 -20.46 -2.55
C PRO A 25 -4.29 -19.75 -3.59
N ILE A 26 -4.67 -18.54 -4.00
CA ILE A 26 -3.87 -17.77 -4.94
C ILE A 26 -2.43 -17.64 -4.45
N THR A 27 -2.29 -17.00 -3.29
CA THR A 27 -0.99 -16.77 -2.66
C THR A 27 0.08 -16.35 -3.68
N ASP A 28 -0.27 -15.37 -4.51
CA ASP A 28 0.63 -14.93 -5.58
C ASP A 28 0.91 -13.43 -5.45
N GLU A 29 2.11 -13.12 -4.97
CA GLU A 29 2.54 -11.73 -4.82
C GLU A 29 2.79 -11.07 -6.19
N TRP A 30 2.88 -11.86 -7.25
CA TRP A 30 3.24 -11.34 -8.57
C TRP A 30 2.09 -10.52 -9.17
N TYR A 31 0.86 -11.02 -9.07
CA TYR A 31 -0.28 -10.34 -9.67
C TYR A 31 -0.51 -8.99 -8.99
N MET A 32 -0.03 -8.86 -7.75
CA MET A 32 -0.03 -7.58 -7.06
C MET A 32 0.72 -6.54 -7.88
N SER A 33 1.88 -6.94 -8.41
CA SER A 33 2.69 -6.04 -9.22
C SER A 33 1.94 -5.72 -10.52
N ASN A 34 1.26 -6.73 -11.07
CA ASN A 34 0.43 -6.55 -12.25
C ASN A 34 -0.68 -5.54 -11.97
N PHE A 35 -1.15 -5.54 -10.73
CA PHE A 35 -2.17 -4.59 -10.29
C PHE A 35 -1.58 -3.19 -10.16
N ALA A 36 -0.43 -3.10 -9.49
CA ALA A 36 0.23 -1.81 -9.25
C ALA A 36 0.75 -1.21 -10.55
N ASP A 37 0.91 -2.05 -11.57
CA ASP A 37 1.31 -1.60 -12.91
C ASP A 37 0.38 -0.49 -13.41
N LYS A 38 -0.88 -0.58 -13.02
CA LYS A 38 -1.91 0.35 -13.47
C LYS A 38 -1.80 1.70 -12.73
N HIS A 39 -0.58 2.07 -12.35
CA HIS A 39 -0.33 3.32 -11.64
C HIS A 39 -0.46 4.52 -12.59
N ILE A 40 -1.70 4.83 -12.97
CA ILE A 40 -1.99 5.98 -13.81
C ILE A 40 -2.61 7.09 -12.95
N LYS A 41 -3.87 6.91 -12.57
CA LYS A 41 -4.56 7.80 -11.63
C LYS A 41 -5.50 6.99 -10.75
N ILE A 42 -5.13 6.83 -9.48
CA ILE A 42 -5.95 6.11 -8.52
C ILE A 42 -6.70 7.09 -7.61
N LEU A 43 -6.04 8.20 -7.34
CA LEU A 43 -6.60 9.28 -6.52
C LEU A 43 -6.10 10.61 -7.06
N GLU A 44 -6.42 11.71 -6.39
CA GLU A 44 -5.81 12.98 -6.69
C GLU A 44 -4.57 13.18 -5.81
N SER A 45 -3.88 14.28 -6.00
CA SER A 45 -2.64 14.55 -5.30
C SER A 45 -2.84 14.62 -3.78
N TYR A 46 -3.76 15.48 -3.35
CA TYR A 46 -4.03 15.66 -1.93
C TYR A 46 -4.61 14.38 -1.31
N GLU A 47 -5.51 13.73 -2.06
CA GLU A 47 -6.15 12.51 -1.59
C GLU A 47 -5.10 11.43 -1.33
N ALA A 48 -4.29 11.17 -2.35
CA ALA A 48 -3.24 10.16 -2.24
C ALA A 48 -2.29 10.50 -1.10
N PHE A 49 -1.94 11.78 -0.98
CA PHE A 49 -1.04 12.26 0.06
C PHE A 49 -1.56 11.90 1.45
N ASP A 50 -2.84 12.18 1.68
CA ASP A 50 -3.45 11.89 2.98
C ASP A 50 -3.60 10.37 3.18
N ILE A 51 -3.94 9.68 2.10
CA ILE A 51 -4.05 8.22 2.13
C ILE A 51 -2.70 7.60 2.50
N LEU A 52 -1.60 8.27 2.15
CA LEU A 52 -0.28 7.83 2.58
C LEU A 52 -0.23 7.76 4.10
N LYS A 53 -0.66 8.84 4.75
CA LYS A 53 -0.72 8.93 6.21
C LYS A 53 -1.58 7.79 6.76
N GLN A 54 -2.79 7.66 6.21
CA GLN A 54 -3.73 6.63 6.65
C GLN A 54 -3.12 5.24 6.52
N PHE A 55 -2.44 4.99 5.41
CA PHE A 55 -1.81 3.69 5.17
C PHE A 55 -0.57 3.50 6.02
N VAL A 56 0.16 4.57 6.29
CA VAL A 56 1.27 4.50 7.23
C VAL A 56 0.78 3.93 8.56
N ASP A 57 -0.30 4.52 9.05
CA ASP A 57 -0.92 4.08 10.30
C ASP A 57 -1.42 2.63 10.19
N TYR A 58 -2.26 2.36 9.19
CA TYR A 58 -2.87 1.05 9.03
C TYR A 58 -1.80 -0.03 8.82
N MET A 59 -0.84 0.25 7.95
CA MET A 59 0.26 -0.68 7.69
C MET A 59 1.04 -0.95 8.97
N ILE A 60 1.25 0.10 9.78
CA ILE A 60 1.90 -0.07 11.08
C ILE A 60 1.06 -1.01 11.95
N GLU A 61 -0.26 -0.90 11.81
CA GLU A 61 -1.18 -1.74 12.56
C GLU A 61 -1.18 -3.19 12.07
N GLU A 62 -0.91 -3.42 10.78
CA GLU A 62 -0.96 -4.78 10.24
C GLU A 62 0.43 -5.44 10.26
N HIS A 63 1.48 -4.61 10.38
CA HIS A 63 2.86 -5.06 10.65
C HIS A 63 3.24 -6.38 9.95
N ASP A 64 2.74 -6.59 8.74
CA ASP A 64 2.90 -7.87 8.05
C ASP A 64 4.24 -7.93 7.29
N GLU A 65 5.08 -8.87 7.68
CA GLU A 65 6.41 -9.07 7.08
C GLU A 65 6.34 -9.57 5.64
N LYS A 66 5.26 -10.27 5.29
CA LYS A 66 5.16 -10.97 4.01
C LYS A 66 4.69 -10.04 2.89
N SER A 67 4.45 -8.78 3.21
CA SER A 67 3.79 -7.89 2.27
C SER A 67 4.62 -6.65 1.98
N GLU A 68 5.87 -6.66 2.44
CA GLU A 68 6.76 -5.50 2.32
C GLU A 68 6.71 -4.91 0.90
N TYR A 69 6.96 -5.77 -0.09
CA TYR A 69 6.90 -5.41 -1.49
C TYR A 69 5.52 -4.86 -1.88
N GLU A 70 4.46 -5.47 -1.36
CA GLU A 70 3.10 -5.15 -1.76
C GLU A 70 2.71 -3.77 -1.20
N ILE A 71 3.08 -3.54 0.06
CA ILE A 71 2.89 -2.26 0.72
C ILE A 71 3.63 -1.16 -0.05
N MET A 72 4.88 -1.46 -0.42
CA MET A 72 5.68 -0.51 -1.19
C MET A 72 5.00 -0.19 -2.52
N GLU A 73 4.42 -1.19 -3.17
CA GLU A 73 3.76 -0.97 -4.45
C GLU A 73 2.52 -0.10 -4.31
N ILE A 74 1.72 -0.36 -3.28
CA ILE A 74 0.55 0.47 -2.99
C ILE A 74 0.99 1.92 -2.80
N LEU A 75 2.00 2.10 -1.97
CA LEU A 75 2.48 3.44 -1.63
C LEU A 75 3.16 4.08 -2.82
N ARG A 76 3.80 3.27 -3.67
CA ARG A 76 4.51 3.80 -4.82
C ARG A 76 3.52 4.34 -5.85
N GLN A 77 2.44 3.61 -6.10
CA GLN A 77 1.45 4.08 -7.05
C GLN A 77 0.74 5.32 -6.50
N LEU A 78 0.41 5.28 -5.20
CA LEU A 78 -0.17 6.45 -4.54
C LEU A 78 0.79 7.64 -4.61
N LYS A 79 2.08 7.37 -4.38
CA LYS A 79 3.11 8.40 -4.40
C LYS A 79 3.32 8.95 -5.80
N TYR A 80 3.28 8.07 -6.79
CA TYR A 80 3.50 8.48 -8.18
C TYR A 80 2.34 9.34 -8.65
N GLN A 81 1.14 9.01 -8.17
CA GLN A 81 -0.05 9.80 -8.47
C GLN A 81 0.05 11.16 -7.78
N ALA A 82 0.39 11.14 -6.50
CA ALA A 82 0.59 12.36 -5.72
C ALA A 82 1.85 13.11 -6.17
N ASP A 83 2.73 12.38 -6.88
CA ASP A 83 3.97 12.93 -7.42
C ASP A 83 4.88 13.44 -6.28
N THR A 84 4.73 12.85 -5.10
CA THR A 84 5.50 13.28 -3.93
C THR A 84 6.43 12.17 -3.43
N ASN A 85 7.72 12.41 -3.58
CA ASN A 85 8.74 11.51 -3.04
C ASN A 85 8.79 11.63 -1.52
N GLU A 86 8.51 12.84 -1.03
CA GLU A 86 8.59 13.16 0.40
C GLU A 86 7.76 12.21 1.26
N LYS A 87 8.13 12.13 2.52
CA LYS A 87 7.57 11.15 3.46
C LYS A 87 6.69 11.85 4.50
N PHE A 88 5.59 11.20 4.86
CA PHE A 88 4.73 11.69 5.93
C PHE A 88 4.29 10.47 6.75
N TYR A 89 3.91 10.70 8.00
CA TYR A 89 3.57 9.60 8.89
C TYR A 89 2.68 10.04 10.03
N THR A 90 2.23 9.07 10.81
CA THR A 90 1.36 9.29 11.96
C THR A 90 2.16 9.16 13.25
N ASN A 91 1.69 9.82 14.31
CA ASN A 91 2.31 9.73 15.63
C ASN A 91 2.26 8.29 16.14
N THR A 92 1.25 7.55 15.69
CA THR A 92 1.06 6.15 16.08
C THR A 92 2.26 5.30 15.65
N GLN A 93 2.91 5.72 14.55
CA GLN A 93 3.98 4.95 13.93
C GLN A 93 5.14 4.72 14.90
N LYS A 94 5.45 5.74 15.70
CA LYS A 94 6.57 5.70 16.65
C LYS A 94 7.91 5.60 15.90
N GLN A 95 8.15 4.44 15.29
CA GLN A 95 9.34 4.22 14.47
C GLN A 95 9.07 4.70 13.05
N LYS A 96 9.80 4.16 12.07
CA LYS A 96 9.56 4.47 10.66
C LYS A 96 9.40 3.18 9.85
N ILE A 97 8.36 3.14 9.01
CA ILE A 97 8.11 2.00 8.13
C ILE A 97 9.32 1.79 7.22
N VAL A 98 9.97 2.90 6.86
CA VAL A 98 11.17 2.87 6.05
C VAL A 98 12.23 1.93 6.64
N GLU A 99 12.28 1.86 7.97
CA GLU A 99 13.22 0.97 8.66
C GLU A 99 12.86 -0.49 8.40
N LEU A 100 11.56 -0.75 8.34
CA LEU A 100 11.05 -2.08 8.00
C LEU A 100 11.34 -2.37 6.53
N TYR A 101 11.16 -1.36 5.70
CA TYR A 101 11.34 -1.47 4.27
C TYR A 101 12.76 -1.92 3.90
N LYS A 102 12.86 -2.69 2.83
CA LYS A 102 14.15 -3.10 2.30
C LYS A 102 14.57 -2.15 1.18
N GLN A 103 15.73 -1.51 1.35
CA GLN A 103 16.17 -0.44 0.47
C GLN A 103 16.21 -0.88 -0.99
N GLU A 104 16.65 -2.10 -1.23
CA GLU A 104 16.78 -2.62 -2.61
C GLU A 104 15.46 -2.50 -3.37
N ILE A 105 14.35 -2.65 -2.65
CA ILE A 105 13.02 -2.49 -3.25
C ILE A 105 12.69 -1.01 -3.42
N SER A 106 12.99 -0.21 -2.38
CA SER A 106 12.67 1.21 -2.39
C SER A 106 13.41 1.93 -3.53
N GLN A 107 14.51 1.34 -3.99
CA GLN A 107 15.25 1.90 -5.12
C GLN A 107 14.38 1.93 -6.37
N ASP A 108 13.73 0.81 -6.66
CA ASP A 108 12.86 0.68 -7.83
C ASP A 108 11.62 1.56 -7.67
N ILE A 109 11.14 1.64 -6.43
CA ILE A 109 9.98 2.45 -6.09
C ILE A 109 10.25 3.93 -6.39
N LEU A 110 11.34 4.43 -5.85
CA LEU A 110 11.76 5.81 -6.08
C LEU A 110 12.16 6.00 -7.54
N ASN A 111 12.64 4.92 -8.17
CA ASN A 111 13.04 4.96 -9.56
C ASN A 111 11.87 5.38 -10.44
N GLU A 112 10.66 4.95 -10.10
CA GLU A 112 9.47 5.38 -10.81
C GLU A 112 9.03 6.76 -10.30
N ILE A 113 8.91 6.89 -8.98
CA ILE A 113 8.36 8.10 -8.38
C ILE A 113 9.14 9.37 -8.80
N PHE A 114 10.47 9.28 -8.87
CA PHE A 114 11.30 10.45 -9.18
C PHE A 114 11.37 10.65 -10.69
N ARG A 115 10.90 9.66 -11.44
CA ARG A 115 10.93 9.69 -12.89
C ARG A 115 9.71 10.42 -13.45
N MET A 1 -25.15 -17.73 12.00
CA MET A 1 -25.07 -16.32 11.57
C MET A 1 -24.95 -16.23 10.05
N ALA A 2 -26.10 -16.16 9.38
CA ALA A 2 -26.13 -16.03 7.93
C ALA A 2 -26.11 -14.56 7.53
N HIS A 3 -26.71 -13.72 8.37
CA HIS A 3 -26.79 -12.28 8.11
C HIS A 3 -25.48 -11.61 8.52
N HIS A 4 -24.58 -11.43 7.55
CA HIS A 4 -23.29 -10.79 7.80
C HIS A 4 -23.49 -9.30 8.10
N HIS A 5 -23.08 -8.88 9.29
CA HIS A 5 -23.25 -7.50 9.74
C HIS A 5 -22.34 -6.58 8.93
N HIS A 6 -21.13 -7.04 8.65
CA HIS A 6 -20.16 -6.29 7.87
C HIS A 6 -19.29 -7.26 7.06
N HIS A 7 -18.97 -6.87 5.84
CA HIS A 7 -18.08 -7.67 4.98
C HIS A 7 -16.71 -7.00 4.89
N HIS A 8 -16.59 -5.85 5.55
CA HIS A 8 -15.32 -5.11 5.64
C HIS A 8 -15.34 -4.22 6.86
N MET A 9 -14.27 -4.27 7.65
CA MET A 9 -14.19 -3.51 8.90
C MET A 9 -14.06 -2.02 8.61
N PHE A 10 -12.97 -1.65 7.92
CA PHE A 10 -12.72 -0.25 7.58
C PHE A 10 -12.78 -0.07 6.07
N LEU A 11 -12.74 1.17 5.60
CA LEU A 11 -12.92 1.49 4.18
C LEU A 11 -11.61 1.34 3.39
N ASP A 12 -10.60 0.73 4.01
CA ASP A 12 -9.32 0.50 3.33
C ASP A 12 -9.46 -0.60 2.27
N ASP A 13 -9.40 -0.21 1.01
CA ASP A 13 -9.35 -1.18 -0.10
C ASP A 13 -8.20 -2.16 0.13
N VAL A 14 -7.09 -1.62 0.61
CA VAL A 14 -5.89 -2.41 0.86
C VAL A 14 -6.12 -3.44 1.97
N ASN A 15 -6.95 -3.09 2.95
CA ASN A 15 -7.29 -4.01 4.04
C ASN A 15 -7.90 -5.29 3.48
N VAL A 16 -8.93 -5.11 2.65
CA VAL A 16 -9.59 -6.24 2.00
C VAL A 16 -8.62 -6.91 1.02
N PHE A 17 -7.79 -6.12 0.37
CA PHE A 17 -6.79 -6.64 -0.56
C PHE A 17 -5.90 -7.67 0.14
N LEU A 18 -5.30 -7.27 1.25
CA LEU A 18 -4.36 -8.13 1.98
C LEU A 18 -5.08 -9.30 2.66
N ASP A 19 -6.26 -9.03 3.21
CA ASP A 19 -7.06 -10.05 3.88
C ASP A 19 -7.57 -11.08 2.88
N ASP A 20 -7.96 -10.60 1.71
CA ASP A 20 -8.46 -11.46 0.64
C ASP A 20 -7.32 -12.35 0.11
N LEU A 21 -6.17 -11.74 -0.13
CA LEU A 21 -4.99 -12.47 -0.62
C LEU A 21 -4.61 -13.59 0.35
N ASN A 22 -4.87 -13.36 1.62
CA ASN A 22 -4.52 -14.31 2.68
C ASN A 22 -5.32 -15.61 2.54
N THR A 23 -6.54 -15.51 2.02
CA THR A 23 -7.42 -16.68 1.91
C THR A 23 -7.60 -17.11 0.45
N ASN A 24 -7.36 -16.18 -0.48
CA ASN A 24 -7.56 -16.43 -1.91
C ASN A 24 -6.26 -16.96 -2.52
N PRO A 25 -6.29 -18.20 -3.05
CA PRO A 25 -5.11 -18.90 -3.56
C PRO A 25 -4.67 -18.44 -4.94
N ILE A 26 -4.36 -17.18 -4.99
CA ILE A 26 -3.76 -16.58 -6.17
C ILE A 26 -2.28 -16.93 -6.23
N THR A 27 -1.58 -16.55 -5.17
CA THR A 27 -0.15 -16.84 -5.02
C THR A 27 0.69 -16.18 -6.12
N ASP A 28 0.21 -15.03 -6.61
CA ASP A 28 0.91 -14.26 -7.62
C ASP A 28 1.08 -12.82 -7.16
N GLU A 29 2.18 -12.54 -6.46
CA GLU A 29 2.49 -11.18 -6.03
C GLU A 29 2.65 -10.29 -7.25
N TRP A 30 3.04 -10.91 -8.36
CA TRP A 30 3.20 -10.22 -9.64
C TRP A 30 1.93 -9.48 -10.03
N TYR A 31 0.77 -9.98 -9.59
CA TYR A 31 -0.50 -9.34 -9.90
C TYR A 31 -0.47 -7.89 -9.41
N MET A 32 0.13 -7.68 -8.24
CA MET A 32 0.29 -6.35 -7.66
C MET A 32 1.23 -5.54 -8.53
N SER A 33 2.30 -6.18 -9.00
CA SER A 33 3.24 -5.57 -9.93
C SER A 33 2.49 -5.10 -11.19
N ASN A 34 1.43 -5.83 -11.54
CA ASN A 34 0.59 -5.45 -12.68
C ASN A 34 -0.41 -4.37 -12.28
N PHE A 35 -0.89 -4.44 -11.03
CA PHE A 35 -1.87 -3.50 -10.51
C PHE A 35 -1.28 -2.09 -10.43
N ALA A 36 -0.11 -1.99 -9.79
CA ALA A 36 0.57 -0.72 -9.61
C ALA A 36 0.93 -0.08 -10.95
N ASP A 37 1.06 -0.90 -11.98
CA ASP A 37 1.36 -0.43 -13.33
C ASP A 37 0.28 0.53 -13.83
N LYS A 38 -0.98 0.20 -13.54
CA LYS A 38 -2.11 1.00 -14.00
C LYS A 38 -2.35 2.22 -13.09
N HIS A 39 -1.33 2.61 -12.32
CA HIS A 39 -1.39 3.81 -11.50
C HIS A 39 -1.48 5.06 -12.38
N ILE A 40 -2.68 5.32 -12.90
CA ILE A 40 -2.94 6.49 -13.74
C ILE A 40 -4.10 7.31 -13.20
N LYS A 41 -5.02 6.65 -12.48
CA LYS A 41 -6.20 7.32 -11.94
C LYS A 41 -6.76 6.54 -10.76
N ILE A 42 -5.90 5.80 -10.06
CA ILE A 42 -6.31 4.94 -8.96
C ILE A 42 -7.08 5.73 -7.89
N LEU A 43 -6.54 6.90 -7.52
CA LEU A 43 -7.11 7.77 -6.50
C LEU A 43 -6.63 9.19 -6.77
N GLU A 44 -7.35 10.19 -6.24
CA GLU A 44 -6.94 11.58 -6.42
C GLU A 44 -5.75 11.90 -5.54
N SER A 45 -5.17 13.08 -5.74
CA SER A 45 -3.95 13.48 -5.06
C SER A 45 -4.13 13.54 -3.56
N TYR A 46 -5.13 14.31 -3.12
CA TYR A 46 -5.42 14.46 -1.69
C TYR A 46 -5.81 13.12 -1.06
N GLU A 47 -6.60 12.33 -1.80
CA GLU A 47 -7.01 11.01 -1.32
C GLU A 47 -5.78 10.15 -1.07
N ALA A 48 -4.94 10.03 -2.10
CA ALA A 48 -3.74 9.21 -2.02
C ALA A 48 -2.83 9.69 -0.90
N PHE A 49 -2.62 11.00 -0.83
CA PHE A 49 -1.75 11.61 0.18
C PHE A 49 -2.21 11.21 1.59
N ASP A 50 -3.50 11.41 1.87
CA ASP A 50 -4.04 11.09 3.19
C ASP A 50 -3.96 9.58 3.43
N ILE A 51 -4.23 8.82 2.38
CA ILE A 51 -4.18 7.37 2.42
C ILE A 51 -2.75 6.88 2.64
N LEU A 52 -1.76 7.69 2.24
CA LEU A 52 -0.37 7.37 2.55
C LEU A 52 -0.22 7.28 4.06
N LYS A 53 -0.70 8.32 4.74
CA LYS A 53 -0.57 8.42 6.19
C LYS A 53 -1.32 7.29 6.89
N GLN A 54 -2.61 7.12 6.56
CA GLN A 54 -3.42 6.10 7.23
C GLN A 54 -2.84 4.70 6.99
N PHE A 55 -2.46 4.41 5.74
CA PHE A 55 -1.88 3.13 5.40
C PHE A 55 -0.48 2.97 6.01
N VAL A 56 0.25 4.07 6.12
CA VAL A 56 1.56 4.08 6.77
C VAL A 56 1.43 3.54 8.20
N ASP A 57 0.55 4.16 8.97
CA ASP A 57 0.35 3.77 10.35
C ASP A 57 -0.24 2.37 10.42
N TYR A 58 -1.14 2.06 9.48
CA TYR A 58 -1.82 0.78 9.46
C TYR A 58 -0.84 -0.34 9.11
N MET A 59 0.11 -0.06 8.23
CA MET A 59 1.12 -1.04 7.84
C MET A 59 2.10 -1.25 8.98
N ILE A 60 2.38 -0.18 9.72
CA ILE A 60 3.21 -0.31 10.92
C ILE A 60 2.49 -1.16 11.97
N GLU A 61 1.16 -1.03 12.00
CA GLU A 61 0.33 -1.86 12.86
C GLU A 61 0.42 -3.34 12.50
N GLU A 62 0.09 -3.65 11.25
CA GLU A 62 -0.01 -5.04 10.80
C GLU A 62 1.36 -5.70 10.68
N HIS A 63 2.42 -4.88 10.65
CA HIS A 63 3.82 -5.34 10.69
C HIS A 63 4.04 -6.63 9.87
N ASP A 64 3.49 -6.66 8.65
CA ASP A 64 3.50 -7.87 7.83
C ASP A 64 4.66 -7.87 6.83
N GLU A 65 5.70 -8.63 7.14
CA GLU A 65 6.89 -8.73 6.28
C GLU A 65 6.59 -9.45 4.96
N LYS A 66 5.70 -10.43 5.00
CA LYS A 66 5.50 -11.34 3.86
C LYS A 66 4.78 -10.65 2.70
N SER A 67 4.49 -9.37 2.85
CA SER A 67 3.82 -8.60 1.81
C SER A 67 4.48 -7.23 1.66
N GLU A 68 5.70 -7.09 2.19
CA GLU A 68 6.45 -5.83 2.09
C GLU A 68 6.42 -5.29 0.65
N TYR A 69 6.55 -6.19 -0.32
CA TYR A 69 6.49 -5.80 -1.73
C TYR A 69 5.14 -5.12 -2.02
N GLU A 70 4.06 -5.74 -1.56
CA GLU A 70 2.70 -5.27 -1.85
C GLU A 70 2.54 -3.87 -1.28
N ILE A 71 3.00 -3.71 -0.04
CA ILE A 71 2.90 -2.45 0.68
C ILE A 71 3.66 -1.36 -0.07
N MET A 72 4.88 -1.69 -0.49
CA MET A 72 5.71 -0.77 -1.28
C MET A 72 5.00 -0.37 -2.57
N GLU A 73 4.38 -1.35 -3.22
CA GLU A 73 3.65 -1.09 -4.46
C GLU A 73 2.49 -0.13 -4.21
N ILE A 74 1.80 -0.31 -3.08
CA ILE A 74 0.69 0.57 -2.74
C ILE A 74 1.21 2.01 -2.57
N LEU A 75 2.31 2.16 -1.84
CA LEU A 75 2.86 3.48 -1.58
C LEU A 75 3.40 4.09 -2.86
N ARG A 76 4.01 3.26 -3.71
CA ARG A 76 4.63 3.76 -4.92
C ARG A 76 3.56 4.32 -5.85
N GLN A 77 2.48 3.56 -6.04
CA GLN A 77 1.42 3.95 -6.95
C GLN A 77 0.67 5.16 -6.39
N LEU A 78 0.42 5.15 -5.08
CA LEU A 78 -0.27 6.26 -4.42
C LEU A 78 0.53 7.56 -4.53
N LYS A 79 1.83 7.49 -4.20
CA LYS A 79 2.68 8.69 -4.22
C LYS A 79 2.82 9.22 -5.65
N TYR A 80 3.10 8.32 -6.59
CA TYR A 80 3.28 8.72 -7.97
C TYR A 80 1.99 9.33 -8.53
N GLN A 81 0.86 8.75 -8.12
CA GLN A 81 -0.46 9.25 -8.52
C GLN A 81 -0.71 10.64 -7.91
N ALA A 82 -0.43 10.74 -6.62
CA ALA A 82 -0.55 12.00 -5.88
C ALA A 82 0.47 13.02 -6.37
N ASP A 83 1.44 12.54 -7.13
CA ASP A 83 2.50 13.37 -7.70
C ASP A 83 3.36 13.97 -6.60
N THR A 84 4.06 13.10 -5.88
CA THR A 84 4.95 13.51 -4.81
C THR A 84 5.82 12.32 -4.38
N ASN A 85 6.83 12.59 -3.56
CA ASN A 85 7.70 11.56 -3.01
C ASN A 85 7.68 11.61 -1.49
N GLU A 86 6.91 12.56 -0.95
CA GLU A 86 6.88 12.81 0.49
C GLU A 86 6.38 11.60 1.27
N LYS A 87 6.54 11.67 2.58
CA LYS A 87 6.23 10.57 3.49
C LYS A 87 5.82 11.13 4.85
N PHE A 88 4.64 10.76 5.31
CA PHE A 88 4.12 11.25 6.57
C PHE A 88 3.45 10.12 7.36
N TYR A 89 3.37 10.31 8.68
CA TYR A 89 2.81 9.31 9.59
C TYR A 89 2.09 10.01 10.74
N THR A 90 1.47 9.24 11.64
CA THR A 90 0.72 9.83 12.74
C THR A 90 1.31 9.40 14.10
N ASN A 91 0.60 9.79 15.16
CA ASN A 91 1.08 9.69 16.55
C ASN A 91 1.44 8.24 16.96
N THR A 92 0.85 7.25 16.30
CA THR A 92 1.06 5.86 16.70
C THR A 92 2.43 5.33 16.27
N GLN A 93 2.74 5.47 14.98
CA GLN A 93 3.96 4.87 14.42
C GLN A 93 5.23 5.41 15.07
N LYS A 94 5.42 6.73 15.06
CA LYS A 94 6.63 7.37 15.61
C LYS A 94 7.91 6.68 15.11
N GLN A 95 7.85 6.07 13.93
CA GLN A 95 8.94 5.21 13.46
C GLN A 95 9.12 5.34 11.95
N LYS A 96 10.23 4.81 11.44
CA LYS A 96 10.50 4.79 10.01
C LYS A 96 10.25 3.39 9.45
N ILE A 97 9.26 3.26 8.58
CA ILE A 97 8.94 1.97 7.95
C ILE A 97 10.13 1.51 7.10
N VAL A 98 10.84 2.47 6.52
CA VAL A 98 12.02 2.20 5.70
C VAL A 98 13.02 1.31 6.44
N GLU A 99 13.11 1.47 7.75
CA GLU A 99 14.08 0.73 8.56
C GLU A 99 13.71 -0.74 8.65
N LEU A 100 12.41 -1.06 8.49
CA LEU A 100 11.95 -2.45 8.53
C LEU A 100 11.85 -2.99 7.10
N TYR A 101 11.72 -2.06 6.15
CA TYR A 101 11.66 -2.41 4.73
C TYR A 101 12.99 -2.98 4.25
N LYS A 102 12.92 -4.04 3.46
CA LYS A 102 14.09 -4.53 2.74
C LYS A 102 14.37 -3.59 1.58
N GLN A 103 15.29 -2.66 1.82
CA GLN A 103 15.52 -1.52 0.94
C GLN A 103 15.90 -1.93 -0.48
N GLU A 104 16.49 -3.11 -0.63
CA GLU A 104 16.86 -3.63 -1.95
C GLU A 104 15.67 -3.63 -2.90
N ILE A 105 14.46 -3.81 -2.36
CA ILE A 105 13.24 -3.72 -3.16
C ILE A 105 12.84 -2.25 -3.38
N SER A 106 13.00 -1.44 -2.33
CA SER A 106 12.59 -0.03 -2.36
C SER A 106 13.35 0.74 -3.44
N GLN A 107 14.49 0.19 -3.85
CA GLN A 107 15.32 0.80 -4.90
C GLN A 107 14.48 1.08 -6.15
N ASP A 108 13.70 0.08 -6.57
CA ASP A 108 12.86 0.19 -7.77
C ASP A 108 11.73 1.18 -7.53
N ILE A 109 11.22 1.18 -6.31
CA ILE A 109 10.13 2.08 -5.90
C ILE A 109 10.55 3.53 -6.10
N LEU A 110 11.69 3.88 -5.53
CA LEU A 110 12.26 5.22 -5.68
C LEU A 110 12.60 5.49 -7.14
N ASN A 111 13.14 4.48 -7.81
CA ASN A 111 13.49 4.58 -9.23
C ASN A 111 12.28 5.00 -10.07
N GLU A 112 11.10 4.57 -9.64
CA GLU A 112 9.85 4.91 -10.31
C GLU A 112 9.40 6.33 -9.94
N ILE A 113 9.28 6.58 -8.64
CA ILE A 113 8.71 7.83 -8.14
C ILE A 113 9.65 9.03 -8.34
N PHE A 114 10.92 8.87 -7.97
CA PHE A 114 11.86 9.99 -7.97
C PHE A 114 12.33 10.33 -9.39
N ARG A 115 12.03 9.44 -10.32
CA ARG A 115 12.48 9.59 -11.71
C ARG A 115 11.91 10.86 -12.35
N MET A 1 -27.35 -1.60 22.32
CA MET A 1 -28.20 -1.31 21.16
C MET A 1 -27.37 -0.92 19.95
N ALA A 2 -27.58 -1.64 18.84
CA ALA A 2 -26.95 -1.29 17.57
C ALA A 2 -27.69 -0.09 16.98
N HIS A 3 -27.06 1.08 17.03
CA HIS A 3 -27.72 2.33 16.65
C HIS A 3 -27.94 2.41 15.13
N HIS A 4 -27.40 1.42 14.41
CA HIS A 4 -27.63 1.29 12.97
C HIS A 4 -27.26 -0.12 12.53
N HIS A 5 -28.03 -0.67 11.58
CA HIS A 5 -27.94 -2.08 11.23
C HIS A 5 -26.83 -2.35 10.21
N HIS A 6 -25.98 -1.35 9.99
CA HIS A 6 -24.80 -1.50 9.15
C HIS A 6 -23.58 -0.92 9.88
N HIS A 7 -22.42 -1.53 9.67
CA HIS A 7 -21.19 -1.05 10.30
C HIS A 7 -20.71 0.22 9.60
N HIS A 8 -20.76 0.20 8.27
CA HIS A 8 -20.35 1.35 7.44
C HIS A 8 -18.87 1.70 7.71
N MET A 9 -18.15 0.75 8.29
CA MET A 9 -16.75 0.95 8.64
C MET A 9 -15.87 0.75 7.40
N PHE A 10 -14.59 1.10 7.54
CA PHE A 10 -13.65 1.05 6.42
C PHE A 10 -13.60 -0.34 5.80
N LEU A 11 -13.78 -0.37 4.48
CA LEU A 11 -13.67 -1.61 3.70
C LEU A 11 -12.51 -1.45 2.71
N ASP A 12 -11.37 -1.03 3.26
CA ASP A 12 -10.18 -0.69 2.49
C ASP A 12 -9.88 -1.75 1.43
N ASP A 13 -9.71 -1.29 0.18
CA ASP A 13 -9.35 -2.19 -0.92
C ASP A 13 -8.12 -2.99 -0.56
N VAL A 14 -7.18 -2.32 0.10
CA VAL A 14 -5.92 -2.91 0.52
C VAL A 14 -6.15 -4.04 1.53
N ASN A 15 -6.93 -3.76 2.55
CA ASN A 15 -7.17 -4.74 3.62
C ASN A 15 -7.82 -6.00 3.05
N VAL A 16 -8.92 -5.84 2.30
CA VAL A 16 -9.58 -6.99 1.69
C VAL A 16 -8.68 -7.66 0.68
N PHE A 17 -7.87 -6.87 -0.02
CA PHE A 17 -6.94 -7.41 -1.01
C PHE A 17 -5.99 -8.40 -0.34
N LEU A 18 -5.45 -8.01 0.82
CA LEU A 18 -4.54 -8.84 1.56
C LEU A 18 -5.27 -10.07 2.11
N ASP A 19 -6.42 -9.84 2.74
CA ASP A 19 -7.27 -10.92 3.25
C ASP A 19 -7.66 -11.86 2.10
N ASP A 20 -7.86 -11.24 0.93
CA ASP A 20 -8.30 -11.96 -0.27
C ASP A 20 -7.20 -12.89 -0.75
N LEU A 21 -5.97 -12.38 -0.77
CA LEU A 21 -4.81 -13.19 -1.16
C LEU A 21 -4.62 -14.35 -0.17
N ASN A 22 -4.88 -14.08 1.10
CA ASN A 22 -4.71 -15.06 2.15
C ASN A 22 -5.78 -16.15 2.07
N THR A 23 -6.89 -15.88 1.37
CA THR A 23 -7.94 -16.86 1.19
C THR A 23 -7.96 -17.38 -0.26
N ASN A 24 -6.95 -16.98 -1.03
CA ASN A 24 -6.84 -17.35 -2.43
C ASN A 24 -5.47 -17.96 -2.71
N PRO A 25 -5.37 -18.85 -3.69
CA PRO A 25 -4.10 -19.53 -4.03
C PRO A 25 -3.06 -18.58 -4.61
N ILE A 26 -3.51 -17.42 -5.05
CA ILE A 26 -2.64 -16.43 -5.66
C ILE A 26 -1.98 -15.57 -4.61
N THR A 27 -1.17 -16.22 -3.86
CA THR A 27 -0.31 -15.58 -2.87
C THR A 27 0.92 -14.97 -3.56
N ASP A 28 0.69 -14.48 -4.77
CA ASP A 28 1.74 -13.93 -5.62
C ASP A 28 1.82 -12.42 -5.47
N GLU A 29 2.87 -11.94 -4.82
CA GLU A 29 3.04 -10.50 -4.58
C GLU A 29 3.29 -9.73 -5.89
N TRP A 30 3.78 -10.44 -6.92
CA TRP A 30 4.19 -9.79 -8.16
C TRP A 30 2.99 -9.25 -8.94
N TYR A 31 1.87 -9.96 -8.87
CA TYR A 31 0.68 -9.57 -9.65
C TYR A 31 0.10 -8.27 -9.10
N MET A 32 0.40 -7.97 -7.83
CA MET A 32 0.01 -6.70 -7.22
C MET A 32 0.61 -5.54 -8.01
N SER A 33 1.74 -5.80 -8.67
CA SER A 33 2.39 -4.80 -9.49
C SER A 33 1.52 -4.48 -10.71
N ASN A 34 0.89 -5.51 -11.27
CA ASN A 34 -0.04 -5.33 -12.40
C ASN A 34 -1.22 -4.46 -11.98
N PHE A 35 -1.62 -4.61 -10.72
CA PHE A 35 -2.68 -3.79 -10.13
C PHE A 35 -2.21 -2.33 -10.04
N ALA A 36 -0.98 -2.14 -9.55
CA ALA A 36 -0.40 -0.80 -9.40
C ALA A 36 -0.12 -0.17 -10.77
N ASP A 37 0.08 -1.02 -11.77
CA ASP A 37 0.40 -0.57 -13.13
C ASP A 37 -0.79 0.09 -13.82
N LYS A 38 -2.00 -0.19 -13.33
CA LYS A 38 -3.23 0.30 -13.95
C LYS A 38 -3.25 1.83 -13.99
N HIS A 39 -3.11 2.39 -15.19
CA HIS A 39 -3.03 3.83 -15.39
C HIS A 39 -4.42 4.48 -15.28
N ILE A 40 -4.76 4.89 -14.07
CA ILE A 40 -5.99 5.64 -13.78
C ILE A 40 -5.85 6.33 -12.43
N LYS A 41 -6.44 7.52 -12.27
CA LYS A 41 -6.32 8.23 -11.01
C LYS A 41 -7.08 7.50 -9.90
N ILE A 42 -6.35 6.74 -9.11
CA ILE A 42 -6.93 5.99 -8.00
C ILE A 42 -7.41 6.91 -6.89
N LEU A 43 -6.74 8.05 -6.76
CA LEU A 43 -7.06 9.07 -5.77
C LEU A 43 -6.57 10.42 -6.26
N GLU A 44 -7.00 11.50 -5.60
CA GLU A 44 -6.44 12.81 -5.87
C GLU A 44 -5.06 12.90 -5.22
N SER A 45 -4.35 13.97 -5.51
CA SER A 45 -2.98 14.13 -5.02
C SER A 45 -2.96 14.20 -3.49
N TYR A 46 -3.73 15.13 -2.94
CA TYR A 46 -3.80 15.33 -1.49
C TYR A 46 -4.46 14.13 -0.80
N GLU A 47 -5.45 13.54 -1.47
CA GLU A 47 -6.11 12.34 -0.95
C GLU A 47 -5.12 11.20 -0.81
N ALA A 48 -4.43 10.89 -1.92
CA ALA A 48 -3.45 9.82 -1.93
C ALA A 48 -2.37 10.08 -0.88
N PHE A 49 -1.92 11.32 -0.78
CA PHE A 49 -0.88 11.69 0.18
C PHE A 49 -1.33 11.38 1.61
N ASP A 50 -2.54 11.80 1.94
CA ASP A 50 -3.09 11.55 3.29
C ASP A 50 -3.24 10.05 3.52
N ILE A 51 -3.71 9.37 2.49
CA ILE A 51 -3.89 7.93 2.50
C ILE A 51 -2.54 7.21 2.71
N LEU A 52 -1.45 7.83 2.24
CA LEU A 52 -0.11 7.29 2.50
C LEU A 52 0.07 7.13 4.00
N LYS A 53 -0.17 8.22 4.72
CA LYS A 53 -0.10 8.24 6.18
C LYS A 53 -1.01 7.17 6.77
N GLN A 54 -2.28 7.20 6.36
CA GLN A 54 -3.27 6.26 6.89
C GLN A 54 -2.79 4.82 6.70
N PHE A 55 -2.23 4.52 5.54
CA PHE A 55 -1.74 3.18 5.24
C PHE A 55 -0.47 2.89 6.02
N VAL A 56 0.38 3.89 6.21
CA VAL A 56 1.60 3.72 7.00
C VAL A 56 1.24 3.17 8.38
N ASP A 57 0.37 3.90 9.08
CA ASP A 57 -0.06 3.50 10.41
C ASP A 57 -0.75 2.13 10.35
N TYR A 58 -1.73 1.99 9.45
CA TYR A 58 -2.50 0.76 9.32
C TYR A 58 -1.59 -0.44 9.05
N MET A 59 -0.54 -0.23 8.24
CA MET A 59 0.42 -1.28 7.93
C MET A 59 1.27 -1.62 9.14
N ILE A 60 1.63 -0.60 9.91
CA ILE A 60 2.42 -0.82 11.12
C ILE A 60 1.62 -1.67 12.10
N GLU A 61 0.30 -1.47 12.11
CA GLU A 61 -0.59 -2.26 12.96
C GLU A 61 -0.58 -3.74 12.58
N GLU A 62 -0.23 -4.07 11.32
CA GLU A 62 -0.21 -5.47 10.89
C GLU A 62 1.23 -6.02 10.78
N HIS A 63 2.20 -5.11 10.71
CA HIS A 63 3.64 -5.45 10.79
C HIS A 63 4.01 -6.76 10.06
N ASP A 64 3.64 -6.90 8.78
CA ASP A 64 3.95 -8.13 8.04
C ASP A 64 5.06 -7.88 7.02
N GLU A 65 6.22 -8.48 7.28
CA GLU A 65 7.40 -8.33 6.43
C GLU A 65 7.25 -9.01 5.07
N LYS A 66 6.37 -10.01 4.97
CA LYS A 66 6.13 -10.63 3.66
C LYS A 66 5.46 -9.62 2.74
N SER A 67 5.02 -8.52 3.33
CA SER A 67 4.13 -7.60 2.65
C SER A 67 4.88 -6.38 2.22
N GLU A 68 6.16 -6.33 2.56
CA GLU A 68 7.01 -5.19 2.25
C GLU A 68 6.80 -4.75 0.80
N TYR A 69 6.95 -5.70 -0.12
CA TYR A 69 6.76 -5.43 -1.54
C TYR A 69 5.33 -5.00 -1.83
N GLU A 70 4.36 -5.60 -1.14
CA GLU A 70 2.94 -5.39 -1.46
C GLU A 70 2.56 -3.96 -1.06
N ILE A 71 2.97 -3.58 0.13
CA ILE A 71 2.77 -2.23 0.63
C ILE A 71 3.49 -1.24 -0.26
N MET A 72 4.70 -1.61 -0.69
CA MET A 72 5.49 -0.76 -1.59
C MET A 72 4.76 -0.59 -2.93
N GLU A 73 4.03 -1.61 -3.36
CA GLU A 73 3.23 -1.50 -4.60
C GLU A 73 2.07 -0.52 -4.39
N ILE A 74 1.37 -0.69 -3.28
CA ILE A 74 0.31 0.23 -2.90
C ILE A 74 0.85 1.66 -2.83
N LEU A 75 2.04 1.80 -2.25
CA LEU A 75 2.63 3.10 -2.00
C LEU A 75 3.19 3.67 -3.29
N ARG A 76 3.74 2.82 -4.14
CA ARG A 76 4.32 3.27 -5.38
C ARG A 76 3.22 3.85 -6.27
N GLN A 77 2.08 3.16 -6.33
CA GLN A 77 0.97 3.62 -7.16
C GLN A 77 0.35 4.88 -6.56
N LEU A 78 0.14 4.89 -5.24
CA LEU A 78 -0.40 6.07 -4.56
C LEU A 78 0.51 7.29 -4.75
N LYS A 79 1.81 7.07 -4.55
CA LYS A 79 2.79 8.16 -4.61
C LYS A 79 3.05 8.56 -6.07
N TYR A 80 2.86 7.63 -6.99
CA TYR A 80 2.98 7.93 -8.42
C TYR A 80 1.83 8.84 -8.84
N GLN A 81 0.65 8.55 -8.29
CA GLN A 81 -0.55 9.34 -8.53
C GLN A 81 -0.44 10.72 -7.86
N ALA A 82 -0.02 10.70 -6.60
CA ALA A 82 0.14 11.93 -5.81
C ALA A 82 1.34 12.75 -6.26
N ASP A 83 2.33 12.07 -6.82
CA ASP A 83 3.62 12.67 -7.20
C ASP A 83 4.36 13.16 -5.95
N THR A 84 5.09 12.24 -5.32
CA THR A 84 5.89 12.57 -4.14
C THR A 84 6.86 11.43 -3.82
N ASN A 85 8.02 11.80 -3.27
CA ASN A 85 9.01 10.81 -2.83
C ASN A 85 8.97 10.68 -1.31
N GLU A 86 8.43 11.70 -0.65
CA GLU A 86 8.35 11.74 0.80
C GLU A 86 7.27 10.81 1.36
N LYS A 87 7.07 10.92 2.68
CA LYS A 87 6.13 10.09 3.41
C LYS A 87 5.62 10.83 4.64
N PHE A 88 4.37 10.59 5.02
CA PHE A 88 3.78 11.17 6.23
C PHE A 88 3.21 10.07 7.11
N TYR A 89 3.05 10.36 8.40
CA TYR A 89 2.43 9.42 9.35
C TYR A 89 1.89 10.19 10.55
N THR A 90 1.15 9.51 11.42
CA THR A 90 0.60 10.16 12.61
C THR A 90 1.10 9.48 13.90
N ASN A 91 0.57 9.91 15.04
CA ASN A 91 1.05 9.49 16.36
C ASN A 91 0.96 7.97 16.56
N THR A 92 0.13 7.29 15.79
CA THR A 92 -0.01 5.84 15.92
C THR A 92 1.26 5.13 15.42
N GLN A 93 1.84 5.68 14.36
CA GLN A 93 3.05 5.11 13.73
C GLN A 93 4.30 5.34 14.60
N LYS A 94 4.54 6.61 14.94
CA LYS A 94 5.70 7.01 15.77
C LYS A 94 7.02 6.85 14.99
N GLN A 95 7.43 5.59 14.76
CA GLN A 95 8.64 5.28 13.99
C GLN A 95 8.33 5.39 12.49
N LYS A 96 9.19 4.91 11.60
CA LYS A 96 8.85 4.83 10.18
C LYS A 96 9.14 3.43 9.63
N ILE A 97 8.27 2.97 8.74
CA ILE A 97 8.35 1.62 8.17
C ILE A 97 9.67 1.43 7.41
N VAL A 98 10.15 2.51 6.82
CA VAL A 98 11.43 2.55 6.10
C VAL A 98 12.53 1.77 6.85
N GLU A 99 12.49 1.79 8.18
CA GLU A 99 13.48 1.08 9.00
C GLU A 99 13.50 -0.42 8.66
N LEU A 100 12.32 -1.00 8.50
CA LEU A 100 12.18 -2.43 8.23
C LEU A 100 12.22 -2.68 6.72
N TYR A 101 11.84 -1.67 5.94
CA TYR A 101 11.82 -1.76 4.48
C TYR A 101 13.18 -2.19 3.91
N LYS A 102 13.15 -3.24 3.10
CA LYS A 102 14.31 -3.64 2.32
C LYS A 102 14.65 -2.52 1.34
N GLN A 103 15.68 -1.74 1.65
CA GLN A 103 16.03 -0.57 0.86
C GLN A 103 16.26 -0.91 -0.61
N GLU A 104 16.65 -2.16 -0.87
CA GLU A 104 16.85 -2.64 -2.23
C GLU A 104 15.54 -2.66 -3.02
N ILE A 105 14.44 -2.97 -2.34
CA ILE A 105 13.13 -3.03 -2.97
C ILE A 105 12.62 -1.61 -3.24
N SER A 106 12.79 -0.74 -2.25
CA SER A 106 12.34 0.64 -2.35
C SER A 106 13.02 1.36 -3.52
N GLN A 107 14.15 0.83 -3.97
CA GLN A 107 14.86 1.38 -5.13
C GLN A 107 14.00 1.26 -6.40
N ASP A 108 13.33 0.12 -6.57
CA ASP A 108 12.47 -0.10 -7.73
C ASP A 108 11.27 0.85 -7.68
N ILE A 109 10.80 1.07 -6.46
CA ILE A 109 9.67 1.95 -6.22
C ILE A 109 10.01 3.39 -6.59
N LEU A 110 11.11 3.90 -6.04
CA LEU A 110 11.58 5.24 -6.34
C LEU A 110 11.95 5.37 -7.81
N ASN A 111 12.45 4.29 -8.40
CA ASN A 111 12.78 4.25 -9.82
C ASN A 111 11.59 4.68 -10.66
N GLU A 112 10.41 4.21 -10.28
CA GLU A 112 9.17 4.53 -10.98
C GLU A 112 8.62 5.89 -10.59
N ILE A 113 8.66 6.19 -9.30
CA ILE A 113 8.08 7.44 -8.80
C ILE A 113 8.91 8.66 -9.22
N PHE A 114 10.22 8.48 -9.33
CA PHE A 114 11.13 9.56 -9.72
C PHE A 114 11.46 9.44 -11.21
N ARG A 115 10.75 8.52 -11.86
CA ARG A 115 10.94 8.21 -13.28
C ARG A 115 10.68 9.45 -14.14
N MET A 1 -24.38 -20.60 16.96
CA MET A 1 -24.12 -19.14 17.11
C MET A 1 -25.18 -18.34 16.35
N ALA A 2 -25.67 -17.28 16.97
CA ALA A 2 -26.64 -16.39 16.34
C ALA A 2 -25.96 -15.59 15.23
N HIS A 3 -26.08 -16.07 13.99
CA HIS A 3 -25.46 -15.41 12.84
C HIS A 3 -26.26 -14.19 12.40
N HIS A 4 -27.24 -13.79 13.21
CA HIS A 4 -27.95 -12.54 12.99
C HIS A 4 -27.06 -11.38 13.44
N HIS A 5 -26.02 -11.11 12.66
CA HIS A 5 -25.02 -10.10 13.01
C HIS A 5 -24.28 -9.67 11.75
N HIS A 6 -23.86 -8.41 11.71
CA HIS A 6 -23.14 -7.87 10.56
C HIS A 6 -21.63 -8.03 10.75
N HIS A 7 -20.87 -7.83 9.67
CA HIS A 7 -19.42 -7.92 9.71
C HIS A 7 -18.81 -6.83 8.84
N HIS A 8 -17.59 -6.41 9.17
CA HIS A 8 -16.88 -5.43 8.36
C HIS A 8 -16.67 -5.99 6.94
N MET A 9 -17.48 -5.48 6.00
CA MET A 9 -17.45 -5.95 4.62
C MET A 9 -16.04 -5.88 4.06
N PHE A 10 -15.50 -4.67 4.01
CA PHE A 10 -14.14 -4.43 3.56
C PHE A 10 -13.61 -3.14 4.19
N LEU A 11 -12.48 -3.25 4.87
CA LEU A 11 -11.84 -2.08 5.48
C LEU A 11 -11.20 -1.22 4.41
N ASP A 12 -10.64 -1.88 3.40
CA ASP A 12 -9.97 -1.22 2.29
C ASP A 12 -9.61 -2.26 1.21
N ASP A 13 -9.41 -1.79 -0.02
CA ASP A 13 -9.11 -2.67 -1.14
C ASP A 13 -7.78 -3.41 -0.92
N VAL A 14 -6.74 -2.64 -0.58
CA VAL A 14 -5.41 -3.22 -0.35
C VAL A 14 -5.46 -4.12 0.89
N ASN A 15 -6.10 -3.62 1.94
CA ASN A 15 -6.24 -4.34 3.20
C ASN A 15 -6.84 -5.74 2.97
N VAL A 16 -7.97 -5.79 2.27
CA VAL A 16 -8.65 -7.08 2.03
C VAL A 16 -7.86 -7.93 1.05
N PHE A 17 -7.29 -7.29 0.04
CA PHE A 17 -6.54 -8.01 -0.99
C PHE A 17 -5.39 -8.79 -0.35
N LEU A 18 -4.64 -8.13 0.53
CA LEU A 18 -3.52 -8.74 1.22
C LEU A 18 -4.01 -9.78 2.23
N ASP A 19 -4.99 -9.38 3.04
CA ASP A 19 -5.58 -10.27 4.04
C ASP A 19 -6.18 -11.52 3.37
N ASP A 20 -6.70 -11.31 2.17
CA ASP A 20 -7.34 -12.37 1.41
C ASP A 20 -6.30 -13.37 0.91
N LEU A 21 -5.20 -12.86 0.37
CA LEU A 21 -4.12 -13.71 -0.13
C LEU A 21 -3.53 -14.55 1.00
N ASN A 22 -3.37 -13.93 2.16
CA ASN A 22 -2.79 -14.58 3.33
C ASN A 22 -3.70 -15.67 3.89
N THR A 23 -5.00 -15.48 3.78
CA THR A 23 -5.97 -16.43 4.30
C THR A 23 -6.38 -17.45 3.23
N ASN A 24 -5.68 -17.42 2.10
CA ASN A 24 -5.96 -18.31 0.98
C ASN A 24 -4.67 -19.00 0.54
N PRO A 25 -4.78 -20.17 -0.12
CA PRO A 25 -3.63 -20.84 -0.72
C PRO A 25 -3.06 -20.03 -1.89
N ILE A 26 -3.86 -19.08 -2.34
CA ILE A 26 -3.44 -18.13 -3.37
C ILE A 26 -2.69 -16.99 -2.71
N THR A 27 -1.62 -17.35 -2.10
CA THR A 27 -0.72 -16.42 -1.43
C THR A 27 0.18 -15.71 -2.44
N ASP A 28 -0.22 -15.76 -3.71
CA ASP A 28 0.53 -15.12 -4.79
C ASP A 28 0.39 -13.62 -4.71
N GLU A 29 1.29 -13.01 -3.95
CA GLU A 29 1.29 -11.58 -3.70
C GLU A 29 1.37 -10.79 -5.02
N TRP A 30 2.02 -11.38 -6.02
CA TRP A 30 2.28 -10.71 -7.30
C TRP A 30 1.02 -10.07 -7.88
N TYR A 31 -0.14 -10.66 -7.58
CA TYR A 31 -1.41 -10.14 -8.07
C TYR A 31 -1.58 -8.66 -7.70
N MET A 32 -1.08 -8.29 -6.53
CA MET A 32 -1.15 -6.90 -6.07
C MET A 32 -0.33 -6.03 -7.02
N SER A 33 0.86 -6.53 -7.37
CA SER A 33 1.77 -5.79 -8.23
C SER A 33 1.16 -5.58 -9.62
N ASN A 34 0.31 -6.51 -10.05
CA ASN A 34 -0.39 -6.37 -11.34
C ASN A 34 -1.30 -5.14 -11.31
N PHE A 35 -1.88 -4.88 -10.14
CA PHE A 35 -2.71 -3.70 -9.94
C PHE A 35 -1.83 -2.45 -9.90
N ALA A 36 -0.75 -2.54 -9.11
CA ALA A 36 0.15 -1.40 -8.90
C ALA A 36 0.94 -1.06 -10.16
N ASP A 37 1.01 -1.99 -11.11
CA ASP A 37 1.70 -1.76 -12.37
C ASP A 37 0.90 -0.79 -13.25
N LYS A 38 -0.38 -0.66 -12.95
CA LYS A 38 -1.24 0.27 -13.69
C LYS A 38 -1.00 1.69 -13.19
N HIS A 39 0.10 2.29 -13.66
CA HIS A 39 0.49 3.63 -13.22
C HIS A 39 -0.41 4.68 -13.88
N ILE A 40 -1.59 4.88 -13.32
CA ILE A 40 -2.56 5.84 -13.86
C ILE A 40 -3.16 6.68 -12.73
N LYS A 41 -3.88 7.74 -13.11
CA LYS A 41 -4.51 8.63 -12.13
C LYS A 41 -5.55 7.88 -11.29
N ILE A 42 -5.22 7.66 -10.03
CA ILE A 42 -6.11 6.95 -9.10
C ILE A 42 -6.69 7.91 -8.05
N LEU A 43 -5.88 8.87 -7.61
CA LEU A 43 -6.28 9.85 -6.61
C LEU A 43 -5.61 11.18 -6.91
N GLU A 44 -6.01 12.23 -6.19
CA GLU A 44 -5.34 13.51 -6.28
C GLU A 44 -4.19 13.58 -5.29
N SER A 45 -3.43 14.67 -5.33
CA SER A 45 -2.25 14.83 -4.49
C SER A 45 -2.58 14.65 -3.01
N TYR A 46 -3.55 15.42 -2.52
CA TYR A 46 -3.92 15.39 -1.11
C TYR A 46 -4.59 14.07 -0.74
N GLU A 47 -5.45 13.56 -1.64
CA GLU A 47 -6.16 12.31 -1.40
C GLU A 47 -5.16 11.19 -1.18
N ALA A 48 -4.25 11.02 -2.14
CA ALA A 48 -3.23 9.98 -2.06
C ALA A 48 -2.32 10.20 -0.86
N PHE A 49 -1.96 11.47 -0.62
CA PHE A 49 -1.06 11.83 0.48
C PHE A 49 -1.62 11.37 1.82
N ASP A 50 -2.91 11.58 2.02
CA ASP A 50 -3.56 11.23 3.28
C ASP A 50 -3.75 9.72 3.37
N ILE A 51 -4.13 9.11 2.25
CA ILE A 51 -4.21 7.65 2.15
C ILE A 51 -2.86 7.02 2.51
N LEU A 52 -1.77 7.74 2.19
CA LEU A 52 -0.44 7.30 2.62
C LEU A 52 -0.40 7.13 4.12
N LYS A 53 -0.83 8.18 4.83
CA LYS A 53 -0.84 8.19 6.29
C LYS A 53 -1.66 7.01 6.83
N GLN A 54 -2.86 6.85 6.28
CA GLN A 54 -3.77 5.78 6.69
C GLN A 54 -3.10 4.41 6.50
N PHE A 55 -2.55 4.19 5.31
CA PHE A 55 -1.89 2.94 4.97
C PHE A 55 -0.63 2.73 5.82
N VAL A 56 0.04 3.83 6.15
CA VAL A 56 1.20 3.78 7.05
C VAL A 56 0.79 3.15 8.38
N ASP A 57 -0.22 3.74 9.00
CA ASP A 57 -0.75 3.24 10.27
C ASP A 57 -1.15 1.78 10.14
N TYR A 58 -1.86 1.47 9.06
CA TYR A 58 -2.41 0.12 8.87
C TYR A 58 -1.31 -0.92 8.66
N MET A 59 -0.39 -0.67 7.73
CA MET A 59 0.66 -1.64 7.43
C MET A 59 1.57 -1.82 8.65
N ILE A 60 1.73 -0.76 9.46
CA ILE A 60 2.43 -0.89 10.74
C ILE A 60 1.68 -1.87 11.66
N GLU A 61 0.37 -1.64 11.80
CA GLU A 61 -0.45 -2.47 12.68
C GLU A 61 -0.49 -3.93 12.20
N GLU A 62 -0.38 -4.16 10.90
CA GLU A 62 -0.42 -5.53 10.38
C GLU A 62 0.97 -6.17 10.44
N HIS A 63 2.00 -5.34 10.59
CA HIS A 63 3.38 -5.80 10.86
C HIS A 63 3.75 -7.07 10.09
N ASP A 64 3.42 -7.12 8.79
CA ASP A 64 3.65 -8.32 8.00
C ASP A 64 4.81 -8.15 7.02
N GLU A 65 5.79 -9.05 7.16
CA GLU A 65 6.98 -9.06 6.30
C GLU A 65 6.60 -9.45 4.86
N LYS A 66 5.54 -10.22 4.74
CA LYS A 66 5.09 -10.78 3.47
C LYS A 66 4.52 -9.69 2.56
N SER A 67 4.46 -8.46 3.06
CA SER A 67 3.77 -7.38 2.37
C SER A 67 4.77 -6.40 1.78
N GLU A 68 6.04 -6.58 2.11
CA GLU A 68 7.07 -5.58 1.83
C GLU A 68 6.95 -5.01 0.42
N TYR A 69 7.05 -5.87 -0.59
CA TYR A 69 7.03 -5.42 -1.97
C TYR A 69 5.66 -4.82 -2.29
N GLU A 70 4.61 -5.34 -1.67
CA GLU A 70 3.24 -4.94 -1.98
C GLU A 70 2.96 -3.53 -1.45
N ILE A 71 3.26 -3.32 -0.18
CA ILE A 71 3.12 -1.99 0.43
C ILE A 71 4.02 -0.99 -0.27
N MET A 72 5.21 -1.42 -0.69
CA MET A 72 6.08 -0.58 -1.52
C MET A 72 5.35 -0.18 -2.81
N GLU A 73 4.78 -1.17 -3.49
CA GLU A 73 4.04 -0.95 -4.73
C GLU A 73 2.88 0.03 -4.51
N ILE A 74 2.14 -0.17 -3.44
CA ILE A 74 0.99 0.66 -3.12
C ILE A 74 1.43 2.09 -2.81
N LEU A 75 2.42 2.24 -1.93
CA LEU A 75 2.86 3.55 -1.52
C LEU A 75 3.48 4.28 -2.69
N ARG A 76 4.12 3.54 -3.58
CA ARG A 76 4.81 4.13 -4.71
C ARG A 76 3.82 4.60 -5.77
N GLN A 77 2.76 3.83 -6.02
CA GLN A 77 1.74 4.24 -6.99
C GLN A 77 1.00 5.47 -6.46
N LEU A 78 0.67 5.43 -5.16
CA LEU A 78 -0.01 6.54 -4.51
C LEU A 78 0.89 7.78 -4.49
N LYS A 79 2.16 7.58 -4.17
CA LYS A 79 3.13 8.66 -4.11
C LYS A 79 3.34 9.27 -5.50
N TYR A 80 3.45 8.38 -6.49
CA TYR A 80 3.68 8.79 -7.87
C TYR A 80 2.51 9.65 -8.37
N GLN A 81 1.29 9.20 -8.04
CA GLN A 81 0.08 9.93 -8.41
C GLN A 81 -0.11 11.17 -7.55
N ALA A 82 0.37 11.09 -6.31
CA ALA A 82 0.33 12.23 -5.39
C ALA A 82 1.28 13.33 -5.85
N ASP A 83 2.15 12.99 -6.80
CA ASP A 83 3.05 13.96 -7.42
C ASP A 83 4.09 14.46 -6.41
N THR A 84 4.30 13.68 -5.37
CA THR A 84 5.23 14.04 -4.30
C THR A 84 6.30 12.96 -4.12
N ASN A 85 7.18 13.18 -3.17
CA ASN A 85 8.25 12.23 -2.85
C ASN A 85 8.11 11.72 -1.42
N GLU A 86 7.39 12.49 -0.59
CA GLU A 86 7.29 12.22 0.84
C GLU A 86 6.34 11.07 1.16
N LYS A 87 6.38 10.67 2.43
CA LYS A 87 5.44 9.72 3.01
C LYS A 87 5.30 10.05 4.49
N PHE A 88 4.11 10.46 4.90
CA PHE A 88 3.89 10.99 6.22
C PHE A 88 3.62 9.84 7.20
N TYR A 89 3.47 10.17 8.46
CA TYR A 89 3.13 9.20 9.49
C TYR A 89 2.45 9.93 10.65
N THR A 90 1.93 9.17 11.58
CA THR A 90 1.26 9.75 12.74
C THR A 90 2.18 9.70 13.95
N ASN A 91 1.91 10.58 14.91
CA ASN A 91 2.66 10.59 16.17
C ASN A 91 2.44 9.28 16.93
N THR A 92 1.39 8.56 16.53
CA THR A 92 1.08 7.26 17.09
C THR A 92 2.07 6.19 16.60
N GLN A 93 2.20 6.07 15.28
CA GLN A 93 3.09 5.08 14.67
C GLN A 93 4.56 5.45 14.88
N LYS A 94 4.91 6.71 14.56
CA LYS A 94 6.28 7.22 14.70
C LYS A 94 7.27 6.52 13.76
N GLN A 95 7.58 5.26 14.07
CA GLN A 95 8.62 4.51 13.35
C GLN A 95 8.42 4.58 11.84
N LYS A 96 9.49 4.89 11.13
CA LYS A 96 9.47 4.98 9.68
C LYS A 96 9.42 3.58 9.07
N ILE A 97 8.45 3.37 8.19
CA ILE A 97 8.25 2.07 7.55
C ILE A 97 9.50 1.68 6.76
N VAL A 98 10.16 2.70 6.21
CA VAL A 98 11.40 2.53 5.46
C VAL A 98 12.38 1.59 6.18
N GLU A 99 12.39 1.66 7.51
CA GLU A 99 13.30 0.84 8.31
C GLU A 99 13.02 -0.65 8.13
N LEU A 100 11.73 -1.01 8.14
CA LEU A 100 11.32 -2.40 7.98
C LEU A 100 11.32 -2.77 6.50
N TYR A 101 11.24 -1.76 5.66
CA TYR A 101 11.27 -1.96 4.21
C TYR A 101 12.62 -2.52 3.77
N LYS A 102 12.58 -3.36 2.75
CA LYS A 102 13.80 -3.88 2.13
C LYS A 102 14.35 -2.83 1.19
N GLN A 103 15.50 -2.27 1.55
CA GLN A 103 16.09 -1.14 0.82
C GLN A 103 16.29 -1.49 -0.65
N GLU A 104 16.62 -2.75 -0.92
CA GLU A 104 16.76 -3.25 -2.29
C GLU A 104 15.51 -2.89 -3.11
N ILE A 105 14.35 -3.14 -2.54
CA ILE A 105 13.08 -2.89 -3.22
C ILE A 105 12.86 -1.38 -3.38
N SER A 106 13.13 -0.63 -2.31
CA SER A 106 12.89 0.81 -2.31
C SER A 106 13.78 1.50 -3.36
N GLN A 107 14.88 0.85 -3.74
CA GLN A 107 15.75 1.35 -4.80
C GLN A 107 14.97 1.44 -6.13
N ASP A 108 14.29 0.36 -6.48
CA ASP A 108 13.51 0.29 -7.73
C ASP A 108 12.32 1.24 -7.65
N ILE A 109 11.71 1.30 -6.46
CA ILE A 109 10.57 2.18 -6.21
C ILE A 109 10.92 3.65 -6.44
N LEU A 110 11.99 4.10 -5.78
CA LEU A 110 12.48 5.46 -5.96
C LEU A 110 12.93 5.69 -7.41
N ASN A 111 13.44 4.63 -8.03
CA ASN A 111 13.85 4.70 -9.44
C ASN A 111 12.68 5.14 -10.33
N GLU A 112 11.47 4.72 -9.98
CA GLU A 112 10.27 5.14 -10.72
C GLU A 112 9.82 6.53 -10.29
N ILE A 113 9.61 6.70 -8.98
CA ILE A 113 9.04 7.93 -8.43
C ILE A 113 9.94 9.15 -8.70
N PHE A 114 11.23 8.98 -8.48
CA PHE A 114 12.18 10.08 -8.59
C PHE A 114 12.85 10.09 -9.97
N ARG A 115 12.33 9.25 -10.86
CA ARG A 115 12.86 9.11 -12.22
C ARG A 115 12.87 10.47 -12.94
N MET A 1 -15.17 -21.80 -11.24
CA MET A 1 -16.27 -22.74 -10.93
C MET A 1 -17.59 -22.00 -10.81
N ALA A 2 -17.88 -21.47 -9.62
CA ALA A 2 -19.11 -20.71 -9.39
C ALA A 2 -18.96 -19.30 -9.94
N HIS A 3 -20.01 -18.79 -10.59
CA HIS A 3 -19.97 -17.46 -11.18
C HIS A 3 -20.03 -16.40 -10.09
N HIS A 4 -18.87 -15.90 -9.69
CA HIS A 4 -18.79 -14.87 -8.67
C HIS A 4 -19.05 -13.50 -9.27
N HIS A 5 -20.13 -12.88 -8.83
CA HIS A 5 -20.50 -11.54 -9.31
C HIS A 5 -19.52 -10.51 -8.75
N HIS A 6 -18.74 -9.90 -9.64
CA HIS A 6 -17.66 -9.01 -9.24
C HIS A 6 -18.18 -7.59 -9.00
N HIS A 7 -19.49 -7.44 -8.92
CA HIS A 7 -20.10 -6.15 -8.57
C HIS A 7 -19.92 -5.91 -7.07
N HIS A 8 -18.71 -5.51 -6.67
CA HIS A 8 -18.40 -5.25 -5.28
C HIS A 8 -17.10 -4.46 -5.13
N MET A 9 -17.20 -3.15 -5.25
CA MET A 9 -16.07 -2.26 -5.01
C MET A 9 -16.25 -1.61 -3.64
N PHE A 10 -15.22 -1.62 -2.81
CA PHE A 10 -15.33 -1.15 -1.44
C PHE A 10 -14.70 0.24 -1.25
N LEU A 11 -13.41 0.23 -0.92
CA LEU A 11 -12.68 1.42 -0.49
C LEU A 11 -11.40 0.94 0.21
N ASP A 12 -11.61 -0.03 1.10
CA ASP A 12 -10.53 -0.67 1.85
C ASP A 12 -10.03 -1.90 1.09
N ASP A 13 -10.09 -1.82 -0.24
CA ASP A 13 -9.76 -2.93 -1.13
C ASP A 13 -8.36 -3.48 -0.84
N VAL A 14 -7.45 -2.61 -0.42
CA VAL A 14 -6.08 -3.02 -0.08
C VAL A 14 -6.09 -4.11 1.00
N ASN A 15 -6.75 -3.82 2.12
CA ASN A 15 -6.84 -4.77 3.21
C ASN A 15 -7.53 -6.04 2.72
N VAL A 16 -8.50 -5.87 1.82
CA VAL A 16 -9.17 -7.00 1.20
C VAL A 16 -8.16 -7.86 0.42
N PHE A 17 -7.26 -7.20 -0.33
CA PHE A 17 -6.25 -7.94 -1.09
C PHE A 17 -5.37 -8.76 -0.16
N LEU A 18 -4.80 -8.09 0.84
CA LEU A 18 -3.90 -8.77 1.79
C LEU A 18 -4.64 -9.85 2.57
N ASP A 19 -5.90 -9.57 2.89
CA ASP A 19 -6.74 -10.51 3.65
C ASP A 19 -7.21 -11.66 2.75
N ASP A 20 -7.40 -11.36 1.48
CA ASP A 20 -7.91 -12.34 0.52
C ASP A 20 -6.84 -13.37 0.20
N LEU A 21 -5.59 -12.91 0.08
CA LEU A 21 -4.45 -13.79 -0.14
C LEU A 21 -4.31 -14.80 1.00
N ASN A 22 -4.82 -14.43 2.17
CA ASN A 22 -4.73 -15.29 3.36
C ASN A 22 -5.77 -16.41 3.29
N THR A 23 -6.86 -16.17 2.58
CA THR A 23 -7.92 -17.18 2.43
C THR A 23 -7.87 -17.82 1.03
N ASN A 24 -7.12 -17.21 0.13
CA ASN A 24 -6.98 -17.69 -1.24
C ASN A 24 -5.50 -17.77 -1.60
N PRO A 25 -4.97 -18.99 -1.77
CA PRO A 25 -3.55 -19.21 -2.03
C PRO A 25 -3.22 -19.06 -3.51
N ILE A 26 -3.42 -17.86 -3.95
CA ILE A 26 -3.14 -17.44 -5.32
C ILE A 26 -1.68 -17.70 -5.68
N THR A 27 -0.82 -17.62 -4.66
CA THR A 27 0.62 -17.92 -4.78
C THR A 27 1.31 -17.09 -5.87
N ASP A 28 0.74 -15.93 -6.15
CA ASP A 28 1.34 -14.98 -7.07
C ASP A 28 1.20 -13.57 -6.51
N GLU A 29 2.18 -13.17 -5.70
CA GLU A 29 2.20 -11.84 -5.11
C GLU A 29 2.48 -10.80 -6.19
N TRP A 30 2.95 -11.29 -7.32
CA TRP A 30 3.34 -10.46 -8.46
C TRP A 30 2.20 -9.58 -8.94
N TYR A 31 0.96 -10.06 -8.76
CA TYR A 31 -0.22 -9.35 -9.22
C TYR A 31 -0.24 -7.90 -8.72
N MET A 32 0.29 -7.68 -7.52
CA MET A 32 0.36 -6.34 -6.94
C MET A 32 1.23 -5.45 -7.81
N SER A 33 2.28 -6.04 -8.38
CA SER A 33 3.16 -5.33 -9.31
C SER A 33 2.38 -4.98 -10.57
N ASN A 34 1.60 -5.94 -11.06
CA ASN A 34 0.76 -5.75 -12.25
C ASN A 34 -0.19 -4.57 -12.03
N PHE A 35 -0.70 -4.46 -10.81
CA PHE A 35 -1.62 -3.40 -10.44
C PHE A 35 -0.88 -2.06 -10.32
N ALA A 36 0.16 -2.05 -9.49
CA ALA A 36 0.91 -0.83 -9.19
C ALA A 36 1.66 -0.30 -10.41
N ASP A 37 1.84 -1.17 -11.40
CA ASP A 37 2.46 -0.78 -12.67
C ASP A 37 1.61 0.28 -13.37
N LYS A 38 0.30 0.04 -13.41
CA LYS A 38 -0.64 0.96 -14.04
C LYS A 38 -1.06 2.05 -13.05
N HIS A 39 -0.07 2.74 -12.50
CA HIS A 39 -0.29 3.80 -11.53
C HIS A 39 -0.78 5.08 -12.21
N ILE A 40 -2.08 5.13 -12.50
CA ILE A 40 -2.69 6.29 -13.17
C ILE A 40 -4.12 6.53 -12.68
N LYS A 41 -4.40 7.80 -12.35
CA LYS A 41 -5.78 8.29 -12.15
C LYS A 41 -6.54 7.54 -11.04
N ILE A 42 -5.81 7.00 -10.06
CA ILE A 42 -6.46 6.27 -8.97
C ILE A 42 -7.09 7.24 -7.95
N LEU A 43 -6.35 8.27 -7.57
CA LEU A 43 -6.83 9.28 -6.61
C LEU A 43 -6.31 10.66 -7.01
N GLU A 44 -6.83 11.70 -6.37
CA GLU A 44 -6.28 13.05 -6.53
C GLU A 44 -5.09 13.22 -5.60
N SER A 45 -4.48 14.39 -5.66
CA SER A 45 -3.28 14.67 -4.88
C SER A 45 -3.55 14.61 -3.38
N TYR A 46 -4.54 15.37 -2.92
CA TYR A 46 -4.85 15.44 -1.50
C TYR A 46 -5.34 14.08 -0.99
N GLU A 47 -6.18 13.41 -1.79
CA GLU A 47 -6.72 12.11 -1.41
C GLU A 47 -5.60 11.11 -1.20
N ALA A 48 -4.76 10.97 -2.22
CA ALA A 48 -3.66 10.02 -2.17
C ALA A 48 -2.76 10.32 -0.99
N PHE A 49 -2.45 11.60 -0.79
CA PHE A 49 -1.57 12.04 0.28
C PHE A 49 -2.10 11.59 1.64
N ASP A 50 -3.39 11.82 1.86
CA ASP A 50 -4.02 11.47 3.14
C ASP A 50 -4.10 9.95 3.28
N ILE A 51 -4.39 9.27 2.18
CA ILE A 51 -4.42 7.82 2.15
C ILE A 51 -3.03 7.26 2.47
N LEU A 52 -1.97 8.02 2.16
CA LEU A 52 -0.60 7.61 2.48
C LEU A 52 -0.44 7.46 3.99
N LYS A 53 -0.78 8.52 4.73
CA LYS A 53 -0.66 8.51 6.20
C LYS A 53 -1.59 7.46 6.80
N GLN A 54 -2.80 7.35 6.24
CA GLN A 54 -3.74 6.32 6.69
C GLN A 54 -3.11 4.94 6.55
N PHE A 55 -2.65 4.62 5.34
CA PHE A 55 -2.07 3.31 5.06
C PHE A 55 -0.82 3.09 5.89
N VAL A 56 -0.04 4.15 6.10
CA VAL A 56 1.14 4.05 6.96
C VAL A 56 0.73 3.55 8.35
N ASP A 57 -0.28 4.18 8.93
CA ASP A 57 -0.77 3.77 10.25
C ASP A 57 -1.36 2.35 10.20
N TYR A 58 -2.10 2.06 9.13
CA TYR A 58 -2.69 0.72 8.95
C TYR A 58 -1.60 -0.34 8.81
N MET A 59 -0.49 0.02 8.17
CA MET A 59 0.65 -0.88 8.03
C MET A 59 1.33 -1.06 9.39
N ILE A 60 1.29 -0.02 10.22
CA ILE A 60 1.68 -0.13 11.62
C ILE A 60 0.80 -1.18 12.32
N GLU A 61 -0.50 -1.10 12.03
CA GLU A 61 -1.48 -2.01 12.63
C GLU A 61 -1.20 -3.48 12.29
N GLU A 62 -1.14 -3.80 10.99
CA GLU A 62 -1.01 -5.21 10.58
C GLU A 62 0.47 -5.65 10.57
N HIS A 63 1.38 -4.67 10.55
CA HIS A 63 2.82 -4.86 10.83
C HIS A 63 3.36 -6.20 10.28
N ASP A 64 3.25 -6.44 8.98
CA ASP A 64 3.71 -7.70 8.41
C ASP A 64 4.80 -7.48 7.36
N GLU A 65 5.97 -8.06 7.60
CA GLU A 65 7.11 -7.95 6.69
C GLU A 65 6.87 -8.67 5.36
N LYS A 66 5.98 -9.65 5.35
CA LYS A 66 5.73 -10.45 4.15
C LYS A 66 4.76 -9.74 3.20
N SER A 67 4.36 -8.53 3.58
CA SER A 67 3.45 -7.72 2.77
C SER A 67 4.25 -6.57 2.16
N GLU A 68 5.54 -6.61 2.47
CA GLU A 68 6.48 -5.53 2.21
C GLU A 68 6.33 -4.98 0.80
N TYR A 69 6.52 -5.85 -0.19
CA TYR A 69 6.44 -5.45 -1.58
C TYR A 69 5.09 -4.79 -1.89
N GLU A 70 4.02 -5.28 -1.26
CA GLU A 70 2.69 -4.77 -1.53
C GLU A 70 2.54 -3.37 -0.94
N ILE A 71 3.05 -3.20 0.26
CA ILE A 71 3.05 -1.90 0.91
C ILE A 71 3.72 -0.87 0.01
N MET A 72 4.94 -1.20 -0.42
CA MET A 72 5.72 -0.33 -1.28
C MET A 72 4.99 -0.04 -2.60
N GLU A 73 4.38 -1.07 -3.19
CA GLU A 73 3.69 -0.92 -4.48
C GLU A 73 2.46 -0.02 -4.35
N ILE A 74 1.61 -0.31 -3.37
CA ILE A 74 0.42 0.51 -3.13
C ILE A 74 0.84 1.97 -2.89
N LEU A 75 1.86 2.15 -2.06
CA LEU A 75 2.30 3.48 -1.68
C LEU A 75 2.99 4.17 -2.85
N ARG A 76 3.71 3.39 -3.66
CA ARG A 76 4.43 3.95 -4.79
C ARG A 76 3.43 4.51 -5.80
N GLN A 77 2.39 3.75 -6.10
CA GLN A 77 1.40 4.17 -7.07
C GLN A 77 0.62 5.37 -6.54
N LEU A 78 0.23 5.32 -5.26
CA LEU A 78 -0.50 6.41 -4.64
C LEU A 78 0.30 7.71 -4.65
N LYS A 79 1.54 7.66 -4.14
CA LYS A 79 2.34 8.87 -4.01
C LYS A 79 2.79 9.40 -5.37
N TYR A 80 3.00 8.48 -6.33
CA TYR A 80 3.33 8.88 -7.69
C TYR A 80 2.16 9.64 -8.30
N GLN A 81 0.96 9.13 -8.06
CA GLN A 81 -0.27 9.78 -8.53
C GLN A 81 -0.44 11.13 -7.84
N ALA A 82 -0.11 11.17 -6.55
CA ALA A 82 -0.17 12.40 -5.76
C ALA A 82 0.89 13.39 -6.24
N ASP A 83 1.84 12.89 -7.03
CA ASP A 83 2.96 13.67 -7.53
C ASP A 83 3.75 14.26 -6.37
N THR A 84 4.36 13.37 -5.59
CA THR A 84 5.09 13.75 -4.39
C THR A 84 6.39 12.96 -4.28
N ASN A 85 7.45 13.63 -3.86
CA ASN A 85 8.72 12.97 -3.59
C ASN A 85 8.78 12.56 -2.12
N GLU A 86 8.11 13.35 -1.28
CA GLU A 86 8.09 13.12 0.17
C GLU A 86 7.23 11.90 0.53
N LYS A 87 7.05 11.70 1.83
CA LYS A 87 6.15 10.68 2.37
C LYS A 87 5.94 10.97 3.85
N PHE A 88 4.73 10.76 4.36
CA PHE A 88 4.39 11.15 5.71
C PHE A 88 4.10 9.91 6.55
N TYR A 89 4.12 10.09 7.87
CA TYR A 89 3.83 9.01 8.80
C TYR A 89 3.18 9.56 10.05
N THR A 90 2.66 8.66 10.87
CA THR A 90 1.93 9.03 12.08
C THR A 90 2.85 9.01 13.29
N ASN A 91 2.43 9.68 14.36
CA ASN A 91 3.16 9.69 15.62
C ASN A 91 3.37 8.26 16.13
N THR A 92 2.46 7.37 15.75
CA THR A 92 2.55 5.96 16.11
C THR A 92 3.74 5.29 15.43
N GLN A 93 4.04 5.71 14.21
CA GLN A 93 5.11 5.10 13.42
C GLN A 93 6.49 5.51 13.92
N LYS A 94 6.66 6.81 14.18
CA LYS A 94 7.96 7.40 14.54
C LYS A 94 8.97 7.17 13.39
N GLN A 95 9.45 5.95 13.28
CA GLN A 95 10.24 5.49 12.15
C GLN A 95 10.40 3.98 12.27
N LYS A 96 9.47 3.24 11.70
CA LYS A 96 9.45 1.79 11.88
C LYS A 96 9.17 1.05 10.58
N ILE A 97 8.36 1.66 9.68
CA ILE A 97 8.05 0.99 8.42
C ILE A 97 9.31 0.86 7.58
N VAL A 98 10.10 1.92 7.57
CA VAL A 98 11.37 1.92 6.85
C VAL A 98 12.25 0.78 7.34
N GLU A 99 12.13 0.47 8.62
CA GLU A 99 12.92 -0.58 9.24
C GLU A 99 12.44 -1.97 8.79
N LEU A 100 11.21 -2.06 8.30
CA LEU A 100 10.68 -3.34 7.81
C LEU A 100 10.86 -3.44 6.31
N TYR A 101 11.00 -2.28 5.67
CA TYR A 101 11.23 -2.21 4.24
C TYR A 101 12.56 -2.88 3.86
N LYS A 102 12.62 -3.38 2.63
CA LYS A 102 13.85 -3.97 2.10
C LYS A 102 14.50 -2.96 1.16
N GLN A 103 15.78 -2.64 1.40
CA GLN A 103 16.48 -1.59 0.66
C GLN A 103 16.44 -1.84 -0.84
N GLU A 104 16.51 -3.11 -1.23
CA GLU A 104 16.52 -3.49 -2.64
C GLU A 104 15.19 -3.15 -3.32
N ILE A 105 14.10 -3.20 -2.54
CA ILE A 105 12.77 -2.92 -3.06
C ILE A 105 12.55 -1.42 -3.20
N SER A 106 12.90 -0.68 -2.14
CA SER A 106 12.69 0.76 -2.09
C SER A 106 13.39 1.48 -3.24
N GLN A 107 14.56 0.97 -3.62
CA GLN A 107 15.32 1.53 -4.75
C GLN A 107 14.49 1.50 -6.04
N ASP A 108 13.77 0.40 -6.24
CA ASP A 108 12.95 0.22 -7.44
C ASP A 108 11.70 1.09 -7.37
N ILE A 109 11.20 1.29 -6.15
CA ILE A 109 10.07 2.17 -5.91
C ILE A 109 10.40 3.60 -6.32
N LEU A 110 11.50 4.12 -5.79
CA LEU A 110 11.97 5.44 -6.18
C LEU A 110 12.26 5.49 -7.67
N ASN A 111 12.75 4.38 -8.22
CA ASN A 111 12.98 4.25 -9.66
C ASN A 111 11.72 4.61 -10.45
N GLU A 112 10.56 4.22 -9.90
CA GLU A 112 9.26 4.50 -10.51
C GLU A 112 8.80 5.93 -10.21
N ILE A 113 8.97 6.37 -8.97
CA ILE A 113 8.44 7.65 -8.53
C ILE A 113 9.19 8.83 -9.17
N PHE A 114 10.49 8.70 -9.32
CA PHE A 114 11.31 9.78 -9.90
C PHE A 114 11.34 9.65 -11.42
N ARG A 115 10.74 8.57 -11.90
CA ARG A 115 10.76 8.21 -13.32
C ARG A 115 10.00 9.24 -14.15
N MET A 1 -5.62 -19.79 11.13
CA MET A 1 -4.98 -21.09 10.85
C MET A 1 -5.76 -22.21 11.52
N ALA A 2 -5.63 -23.43 10.99
CA ALA A 2 -6.39 -24.59 11.47
C ALA A 2 -7.88 -24.40 11.25
N HIS A 3 -8.50 -23.51 12.02
CA HIS A 3 -9.89 -23.13 11.80
C HIS A 3 -9.96 -22.08 10.70
N HIS A 4 -11.13 -21.94 10.09
CA HIS A 4 -11.31 -21.02 8.97
C HIS A 4 -12.68 -20.35 9.04
N HIS A 5 -12.71 -19.05 8.74
CA HIS A 5 -13.96 -18.29 8.69
C HIS A 5 -13.63 -16.81 8.48
N HIS A 6 -13.94 -16.30 7.28
CA HIS A 6 -13.75 -14.88 6.99
C HIS A 6 -14.51 -14.06 8.03
N HIS A 7 -13.75 -13.45 8.94
CA HIS A 7 -14.32 -12.81 10.12
C HIS A 7 -15.23 -11.65 9.76
N HIS A 8 -14.66 -10.58 9.19
CA HIS A 8 -15.43 -9.39 8.88
C HIS A 8 -14.89 -8.74 7.60
N MET A 9 -15.70 -7.88 6.99
CA MET A 9 -15.31 -7.17 5.78
C MET A 9 -14.62 -5.87 6.13
N PHE A 10 -13.41 -5.69 5.58
CA PHE A 10 -12.65 -4.47 5.79
C PHE A 10 -13.06 -3.43 4.76
N LEU A 11 -13.14 -2.17 5.18
CA LEU A 11 -13.50 -1.06 4.29
C LEU A 11 -12.36 -0.73 3.32
N ASP A 12 -11.26 -1.46 3.43
CA ASP A 12 -10.07 -1.22 2.63
C ASP A 12 -9.79 -2.39 1.68
N ASP A 13 -9.57 -2.06 0.41
CA ASP A 13 -9.32 -3.07 -0.63
C ASP A 13 -8.01 -3.82 -0.41
N VAL A 14 -7.03 -3.13 0.18
CA VAL A 14 -5.72 -3.72 0.40
C VAL A 14 -5.80 -4.88 1.40
N ASN A 15 -6.34 -4.59 2.58
CA ASN A 15 -6.52 -5.59 3.62
C ASN A 15 -7.42 -6.71 3.09
N VAL A 16 -8.39 -6.34 2.25
CA VAL A 16 -9.29 -7.31 1.64
C VAL A 16 -8.53 -8.32 0.79
N PHE A 17 -7.65 -7.84 -0.11
CA PHE A 17 -6.92 -8.77 -0.97
C PHE A 17 -5.94 -9.58 -0.14
N LEU A 18 -5.40 -8.95 0.92
CA LEU A 18 -4.50 -9.62 1.84
C LEU A 18 -5.21 -10.83 2.48
N ASP A 19 -6.42 -10.59 2.99
CA ASP A 19 -7.26 -11.66 3.54
C ASP A 19 -7.62 -12.65 2.44
N ASP A 20 -8.03 -12.09 1.30
CA ASP A 20 -8.52 -12.86 0.17
C ASP A 20 -7.50 -13.87 -0.33
N LEU A 21 -6.22 -13.50 -0.27
CA LEU A 21 -5.13 -14.37 -0.73
C LEU A 21 -4.94 -15.56 0.22
N ASN A 22 -5.44 -15.43 1.44
CA ASN A 22 -5.43 -16.51 2.41
C ASN A 22 -6.65 -17.40 2.19
N THR A 23 -7.81 -16.76 2.16
CA THR A 23 -9.07 -17.40 2.02
C THR A 23 -9.20 -18.15 0.69
N ASN A 24 -8.47 -17.66 -0.29
CA ASN A 24 -8.48 -18.25 -1.62
C ASN A 24 -7.08 -18.70 -2.03
N PRO A 25 -6.99 -19.85 -2.73
CA PRO A 25 -5.70 -20.46 -3.12
C PRO A 25 -4.93 -19.67 -4.20
N ILE A 26 -5.34 -18.43 -4.42
CA ILE A 26 -4.66 -17.55 -5.36
C ILE A 26 -3.18 -17.45 -4.99
N THR A 27 -2.94 -16.95 -3.79
CA THR A 27 -1.61 -16.87 -3.19
C THR A 27 -0.61 -16.12 -4.09
N ASP A 28 -1.13 -15.28 -4.99
CA ASP A 28 -0.27 -14.45 -5.85
C ASP A 28 -0.51 -12.98 -5.53
N GLU A 29 0.30 -12.45 -4.62
CA GLU A 29 0.26 -11.03 -4.30
C GLU A 29 0.85 -10.21 -5.47
N TRP A 30 1.59 -10.90 -6.33
CA TRP A 30 2.39 -10.23 -7.36
C TRP A 30 1.53 -9.41 -8.33
N TYR A 31 0.28 -9.82 -8.54
CA TYR A 31 -0.62 -9.09 -9.44
C TYR A 31 -0.73 -7.62 -9.03
N MET A 32 -0.45 -7.34 -7.76
CA MET A 32 -0.44 -5.97 -7.25
C MET A 32 0.53 -5.12 -8.05
N SER A 33 1.70 -5.68 -8.34
CA SER A 33 2.72 -4.97 -9.09
C SER A 33 2.20 -4.61 -10.47
N ASN A 34 1.32 -5.46 -11.01
CA ASN A 34 0.73 -5.22 -12.32
C ASN A 34 -0.22 -4.04 -12.25
N PHE A 35 -0.93 -3.93 -11.12
CA PHE A 35 -1.85 -2.81 -10.90
C PHE A 35 -1.06 -1.52 -10.66
N ALA A 36 0.03 -1.65 -9.92
CA ALA A 36 0.90 -0.51 -9.63
C ALA A 36 1.73 -0.14 -10.86
N ASP A 37 1.85 -1.07 -11.80
CA ASP A 37 2.47 -0.80 -13.09
C ASP A 37 1.56 0.07 -13.93
N LYS A 38 0.25 -0.15 -13.80
CA LYS A 38 -0.75 0.65 -14.50
C LYS A 38 -0.71 2.08 -14.01
N HIS A 39 0.19 2.87 -14.59
CA HIS A 39 0.31 4.29 -14.26
C HIS A 39 -0.95 5.05 -14.68
N ILE A 40 -1.98 4.94 -13.85
CA ILE A 40 -3.27 5.58 -14.11
C ILE A 40 -3.74 6.33 -12.86
N LYS A 41 -4.63 7.29 -13.04
CA LYS A 41 -5.12 8.10 -11.93
C LYS A 41 -6.03 7.27 -11.00
N ILE A 42 -5.46 6.85 -9.88
CA ILE A 42 -6.19 6.05 -8.90
C ILE A 42 -6.97 6.93 -7.92
N LEU A 43 -6.32 8.00 -7.44
CA LEU A 43 -6.92 8.91 -6.46
C LEU A 43 -6.47 10.33 -6.74
N GLU A 44 -7.13 11.30 -6.11
CA GLU A 44 -6.70 12.69 -6.22
C GLU A 44 -5.42 12.90 -5.40
N SER A 45 -4.72 13.99 -5.69
CA SER A 45 -3.42 14.27 -5.08
C SER A 45 -3.52 14.28 -3.56
N TYR A 46 -4.42 15.11 -3.02
CA TYR A 46 -4.59 15.23 -1.58
C TYR A 46 -5.10 13.93 -0.97
N GLU A 47 -5.98 13.24 -1.71
CA GLU A 47 -6.52 11.96 -1.27
C GLU A 47 -5.41 10.95 -1.05
N ALA A 48 -4.59 10.77 -2.08
CA ALA A 48 -3.50 9.80 -2.04
C ALA A 48 -2.47 10.20 -0.97
N PHE A 49 -2.14 11.49 -0.93
CA PHE A 49 -1.15 12.02 0.01
C PHE A 49 -1.57 11.73 1.45
N ASP A 50 -2.85 11.92 1.73
CA ASP A 50 -3.39 11.66 3.06
C ASP A 50 -3.38 10.16 3.34
N ILE A 51 -3.90 9.42 2.38
CA ILE A 51 -3.95 7.97 2.45
C ILE A 51 -2.56 7.38 2.63
N LEU A 52 -1.52 8.11 2.21
CA LEU A 52 -0.15 7.70 2.49
C LEU A 52 0.07 7.55 4.00
N LYS A 53 -0.24 8.62 4.75
CA LYS A 53 -0.01 8.62 6.20
C LYS A 53 -0.94 7.62 6.87
N GLN A 54 -2.19 7.57 6.37
CA GLN A 54 -3.17 6.64 6.90
C GLN A 54 -2.67 5.20 6.75
N PHE A 55 -2.10 4.91 5.59
CA PHE A 55 -1.55 3.57 5.32
C PHE A 55 -0.26 3.35 6.10
N VAL A 56 0.52 4.40 6.33
CA VAL A 56 1.68 4.29 7.22
C VAL A 56 1.22 3.69 8.56
N ASP A 57 0.25 4.35 9.17
CA ASP A 57 -0.31 3.92 10.46
C ASP A 57 -0.92 2.51 10.33
N TYR A 58 -1.70 2.36 9.27
CA TYR A 58 -2.54 1.19 9.05
C TYR A 58 -1.70 -0.06 8.82
N MET A 59 -0.63 0.11 8.05
CA MET A 59 0.29 -0.98 7.76
C MET A 59 1.14 -1.29 8.99
N ILE A 60 1.58 -0.24 9.69
CA ILE A 60 2.36 -0.43 10.92
C ILE A 60 1.57 -1.24 11.94
N GLU A 61 0.25 -1.07 11.94
CA GLU A 61 -0.62 -1.88 12.77
C GLU A 61 -0.40 -3.39 12.52
N GLU A 62 -0.42 -3.79 11.25
CA GLU A 62 -0.41 -5.23 10.93
C GLU A 62 1.03 -5.76 10.78
N HIS A 63 1.98 -4.85 10.59
CA HIS A 63 3.42 -5.13 10.67
C HIS A 63 3.80 -6.51 10.10
N ASP A 64 3.48 -6.78 8.84
CA ASP A 64 3.81 -8.10 8.25
C ASP A 64 4.88 -7.99 7.16
N GLU A 65 5.74 -8.99 7.13
CA GLU A 65 6.87 -9.07 6.20
C GLU A 65 6.41 -9.25 4.74
N LYS A 66 5.49 -10.17 4.48
CA LYS A 66 5.10 -10.50 3.09
C LYS A 66 4.33 -9.35 2.46
N SER A 67 3.94 -8.39 3.27
CA SER A 67 3.13 -7.27 2.80
C SER A 67 4.02 -6.18 2.24
N GLU A 68 5.31 -6.27 2.55
CA GLU A 68 6.30 -5.22 2.24
C GLU A 68 6.14 -4.74 0.80
N TYR A 69 6.30 -5.66 -0.15
CA TYR A 69 6.19 -5.35 -1.57
C TYR A 69 4.84 -4.71 -1.89
N GLU A 70 3.78 -5.16 -1.23
CA GLU A 70 2.44 -4.68 -1.51
C GLU A 70 2.31 -3.23 -1.07
N ILE A 71 2.75 -2.97 0.15
CA ILE A 71 2.71 -1.63 0.71
C ILE A 71 3.53 -0.69 -0.16
N MET A 72 4.66 -1.18 -0.66
CA MET A 72 5.52 -0.41 -1.57
C MET A 72 4.75 -0.01 -2.81
N GLU A 73 4.13 -0.99 -3.47
CA GLU A 73 3.37 -0.77 -4.69
C GLU A 73 2.21 0.21 -4.46
N ILE A 74 1.49 0.01 -3.36
CA ILE A 74 0.38 0.88 -3.00
C ILE A 74 0.89 2.30 -2.76
N LEU A 75 1.95 2.41 -1.98
CA LEU A 75 2.48 3.70 -1.57
C LEU A 75 3.11 4.41 -2.74
N ARG A 76 3.68 3.63 -3.65
CA ARG A 76 4.36 4.20 -4.80
C ARG A 76 3.33 4.72 -5.82
N GLN A 77 2.26 3.97 -6.06
CA GLN A 77 1.24 4.39 -7.01
C GLN A 77 0.50 5.61 -6.47
N LEU A 78 0.16 5.58 -5.18
CA LEU A 78 -0.48 6.73 -4.52
C LEU A 78 0.46 7.94 -4.57
N LYS A 79 1.75 7.68 -4.35
CA LYS A 79 2.78 8.72 -4.33
C LYS A 79 2.96 9.34 -5.71
N TYR A 80 3.03 8.49 -6.73
CA TYR A 80 3.23 8.92 -8.11
C TYR A 80 2.02 9.75 -8.58
N GLN A 81 0.83 9.30 -8.21
CA GLN A 81 -0.40 9.99 -8.54
C GLN A 81 -0.50 11.31 -7.77
N ALA A 82 -0.13 11.26 -6.50
CA ALA A 82 -0.11 12.46 -5.65
C ALA A 82 0.98 13.43 -6.10
N ASP A 83 1.87 12.95 -6.96
CA ASP A 83 2.98 13.74 -7.51
C ASP A 83 3.88 14.24 -6.40
N THR A 84 4.62 13.32 -5.80
CA THR A 84 5.54 13.64 -4.72
C THR A 84 6.53 12.50 -4.52
N ASN A 85 7.44 12.68 -3.57
CA ASN A 85 8.42 11.66 -3.21
C ASN A 85 8.49 11.57 -1.69
N GLU A 86 7.56 12.25 -1.03
CA GLU A 86 7.53 12.35 0.42
C GLU A 86 6.86 11.12 1.05
N LYS A 87 7.04 10.98 2.35
CA LYS A 87 6.34 9.96 3.13
C LYS A 87 6.17 10.47 4.57
N PHE A 88 4.94 10.74 4.95
CA PHE A 88 4.64 11.29 6.26
C PHE A 88 4.18 10.17 7.18
N TYR A 89 4.32 10.38 8.46
CA TYR A 89 4.04 9.36 9.46
C TYR A 89 3.05 9.88 10.50
N THR A 90 2.68 9.02 11.45
CA THR A 90 1.62 9.33 12.40
C THR A 90 1.82 8.58 13.74
N ASN A 91 0.86 8.74 14.64
CA ASN A 91 0.98 8.32 16.05
C ASN A 91 1.43 6.86 16.22
N THR A 92 0.72 5.93 15.57
CA THR A 92 1.00 4.51 15.76
C THR A 92 2.34 4.12 15.17
N GLN A 93 2.75 4.87 14.14
CA GLN A 93 4.04 4.65 13.49
C GLN A 93 5.18 4.92 14.45
N LYS A 94 5.18 6.13 15.03
CA LYS A 94 6.20 6.57 16.00
C LYS A 94 7.64 6.19 15.58
N GLN A 95 7.85 5.99 14.28
CA GLN A 95 9.13 5.54 13.75
C GLN A 95 9.14 5.71 12.21
N LYS A 96 9.80 4.81 11.48
CA LYS A 96 9.94 4.92 10.02
C LYS A 96 9.79 3.55 9.33
N ILE A 97 8.89 3.47 8.35
CA ILE A 97 8.65 2.22 7.63
C ILE A 97 9.86 1.85 6.78
N VAL A 98 10.50 2.87 6.23
CA VAL A 98 11.62 2.69 5.31
C VAL A 98 12.70 1.79 5.92
N GLU A 99 12.89 1.89 7.22
CA GLU A 99 13.97 1.15 7.90
C GLU A 99 13.54 -0.26 8.25
N LEU A 100 12.24 -0.57 8.14
CA LEU A 100 11.80 -1.95 8.25
C LEU A 100 11.78 -2.55 6.84
N TYR A 101 11.66 -1.66 5.85
CA TYR A 101 11.70 -2.05 4.45
C TYR A 101 13.10 -2.56 4.07
N LYS A 102 13.15 -3.44 3.09
CA LYS A 102 14.41 -3.81 2.47
C LYS A 102 14.83 -2.67 1.54
N GLN A 103 15.97 -2.05 1.85
CA GLN A 103 16.47 -0.92 1.08
C GLN A 103 16.61 -1.30 -0.39
N GLU A 104 16.92 -2.56 -0.63
CA GLU A 104 17.02 -3.12 -1.97
C GLU A 104 15.75 -2.84 -2.79
N ILE A 105 14.59 -3.15 -2.19
CA ILE A 105 13.32 -3.04 -2.89
C ILE A 105 12.94 -1.57 -3.12
N SER A 106 13.10 -0.76 -2.08
CA SER A 106 12.69 0.64 -2.13
C SER A 106 13.45 1.42 -3.21
N GLN A 107 14.70 1.03 -3.47
CA GLN A 107 15.52 1.68 -4.49
C GLN A 107 14.84 1.61 -5.86
N ASP A 108 14.44 0.40 -6.26
CA ASP A 108 13.83 0.19 -7.57
C ASP A 108 12.47 0.89 -7.66
N ILE A 109 11.77 0.92 -6.53
CA ILE A 109 10.48 1.61 -6.45
C ILE A 109 10.64 3.10 -6.73
N LEU A 110 11.56 3.73 -6.02
CA LEU A 110 11.85 5.15 -6.22
C LEU A 110 12.45 5.38 -7.61
N ASN A 111 13.16 4.37 -8.11
CA ASN A 111 13.73 4.43 -9.46
C ASN A 111 12.64 4.63 -10.49
N GLU A 112 11.48 4.01 -10.26
CA GLU A 112 10.34 4.17 -11.17
C GLU A 112 9.59 5.47 -10.90
N ILE A 113 9.30 5.76 -9.64
CA ILE A 113 8.53 6.95 -9.27
C ILE A 113 9.26 8.24 -9.65
N PHE A 114 10.56 8.26 -9.38
CA PHE A 114 11.38 9.45 -9.62
C PHE A 114 12.00 9.38 -11.03
N ARG A 115 11.64 8.32 -11.76
CA ARG A 115 12.14 8.08 -13.12
C ARG A 115 11.90 9.32 -14.00
N MET A 1 -6.95 -20.16 -21.50
CA MET A 1 -8.41 -19.94 -21.53
C MET A 1 -8.75 -18.55 -21.00
N ALA A 2 -9.82 -17.96 -21.51
CA ALA A 2 -10.19 -16.59 -21.16
C ALA A 2 -11.19 -16.57 -20.00
N HIS A 3 -10.77 -15.97 -18.89
CA HIS A 3 -11.64 -15.82 -17.72
C HIS A 3 -12.38 -14.48 -17.82
N HIS A 4 -13.69 -14.50 -17.57
CA HIS A 4 -14.51 -13.30 -17.75
C HIS A 4 -15.03 -12.81 -16.41
N HIS A 5 -14.20 -12.04 -15.70
CA HIS A 5 -14.59 -11.43 -14.43
C HIS A 5 -14.15 -9.96 -14.41
N HIS A 6 -14.80 -9.17 -13.57
CA HIS A 6 -14.46 -7.76 -13.43
C HIS A 6 -13.48 -7.57 -12.27
N HIS A 7 -12.47 -6.74 -12.50
CA HIS A 7 -11.48 -6.46 -11.46
C HIS A 7 -12.10 -5.69 -10.31
N HIS A 8 -12.29 -6.36 -9.17
CA HIS A 8 -12.79 -5.69 -7.97
C HIS A 8 -11.80 -4.59 -7.58
N MET A 9 -12.25 -3.35 -7.55
CA MET A 9 -11.40 -2.22 -7.21
C MET A 9 -12.16 -1.19 -6.38
N PHE A 10 -11.80 -1.09 -5.11
CA PHE A 10 -12.36 -0.09 -4.21
C PHE A 10 -11.29 0.95 -3.88
N LEU A 11 -11.70 2.07 -3.32
CA LEU A 11 -10.74 3.09 -2.89
C LEU A 11 -10.04 2.63 -1.62
N ASP A 12 -10.69 1.74 -0.89
CA ASP A 12 -10.17 1.17 0.36
C ASP A 12 -9.77 -0.29 0.11
N ASP A 13 -9.49 -0.61 -1.15
CA ASP A 13 -9.33 -2.00 -1.58
C ASP A 13 -8.18 -2.70 -0.87
N VAL A 14 -7.11 -1.96 -0.61
CA VAL A 14 -5.86 -2.56 -0.11
C VAL A 14 -6.10 -3.36 1.18
N ASN A 15 -7.04 -2.91 1.99
CA ASN A 15 -7.33 -3.58 3.26
C ASN A 15 -7.83 -5.01 3.00
N VAL A 16 -8.86 -5.12 2.15
CA VAL A 16 -9.45 -6.42 1.85
C VAL A 16 -8.53 -7.22 0.96
N PHE A 17 -7.85 -6.55 0.03
CA PHE A 17 -6.93 -7.20 -0.89
C PHE A 17 -5.84 -7.93 -0.10
N LEU A 18 -5.18 -7.20 0.80
CA LEU A 18 -4.13 -7.77 1.62
C LEU A 18 -4.70 -8.86 2.52
N ASP A 19 -5.81 -8.55 3.20
CA ASP A 19 -6.46 -9.52 4.09
C ASP A 19 -6.88 -10.77 3.30
N ASP A 20 -7.27 -10.57 2.05
CA ASP A 20 -7.81 -11.65 1.22
C ASP A 20 -6.68 -12.59 0.79
N LEU A 21 -5.54 -12.00 0.42
CA LEU A 21 -4.37 -12.79 0.05
C LEU A 21 -3.75 -13.43 1.29
N ASN A 22 -3.94 -12.77 2.43
CA ASN A 22 -3.42 -13.24 3.71
C ASN A 22 -4.17 -14.48 4.19
N THR A 23 -5.50 -14.46 4.04
CA THR A 23 -6.35 -15.56 4.49
C THR A 23 -6.47 -16.65 3.42
N ASN A 24 -5.65 -16.53 2.37
CA ASN A 24 -5.67 -17.48 1.25
C ASN A 24 -4.25 -17.95 0.95
N PRO A 25 -4.11 -19.21 0.48
CA PRO A 25 -2.79 -19.80 0.16
C PRO A 25 -2.14 -19.15 -1.07
N ILE A 26 -2.74 -18.07 -1.55
CA ILE A 26 -2.21 -17.30 -2.67
C ILE A 26 -0.85 -16.73 -2.32
N THR A 27 -0.86 -15.82 -1.35
CA THR A 27 0.34 -15.23 -0.74
C THR A 27 1.43 -14.85 -1.76
N ASP A 28 1.04 -14.42 -2.96
CA ASP A 28 2.02 -13.92 -3.93
C ASP A 28 1.78 -12.45 -4.23
N GLU A 29 2.83 -11.67 -4.02
CA GLU A 29 2.79 -10.21 -4.19
C GLU A 29 2.67 -9.82 -5.67
N TRP A 30 2.92 -10.79 -6.55
CA TRP A 30 2.94 -10.55 -7.99
C TRP A 30 1.66 -9.86 -8.45
N TYR A 31 0.54 -10.21 -7.81
CA TYR A 31 -0.75 -9.55 -8.10
C TYR A 31 -0.66 -8.04 -7.96
N MET A 32 -0.06 -7.59 -6.86
CA MET A 32 0.03 -6.15 -6.57
C MET A 32 0.82 -5.43 -7.65
N SER A 33 1.95 -6.01 -8.06
CA SER A 33 2.78 -5.41 -9.09
C SER A 33 2.04 -5.43 -10.42
N ASN A 34 1.25 -6.47 -10.62
CA ASN A 34 0.38 -6.61 -11.78
C ASN A 34 -0.69 -5.51 -11.78
N PHE A 35 -1.17 -5.18 -10.59
CA PHE A 35 -2.20 -4.17 -10.41
C PHE A 35 -1.65 -2.75 -10.67
N ALA A 36 -0.57 -2.42 -9.99
CA ALA A 36 0.03 -1.08 -10.06
C ALA A 36 0.60 -0.78 -11.45
N ASP A 37 0.81 -1.83 -12.23
CA ASP A 37 1.42 -1.70 -13.56
C ASP A 37 0.55 -0.88 -14.52
N LYS A 38 -0.78 -0.97 -14.34
CA LYS A 38 -1.71 -0.32 -15.26
C LYS A 38 -1.69 1.20 -15.07
N HIS A 39 -1.31 1.91 -16.12
CA HIS A 39 -1.14 3.36 -16.06
C HIS A 39 -2.45 4.10 -16.33
N ILE A 40 -2.89 4.88 -15.34
CA ILE A 40 -4.01 5.78 -15.48
C ILE A 40 -4.08 6.70 -14.25
N LYS A 41 -4.74 6.25 -13.19
CA LYS A 41 -4.75 6.95 -11.89
C LYS A 41 -5.63 6.19 -10.92
N ILE A 42 -5.25 6.22 -9.64
CA ILE A 42 -5.96 5.49 -8.60
C ILE A 42 -6.74 6.45 -7.71
N LEU A 43 -6.13 7.59 -7.38
CA LEU A 43 -6.72 8.54 -6.45
C LEU A 43 -6.36 9.97 -6.84
N GLU A 44 -7.07 10.92 -6.24
CA GLU A 44 -6.72 12.33 -6.37
C GLU A 44 -5.47 12.63 -5.54
N SER A 45 -4.92 13.82 -5.73
CA SER A 45 -3.70 14.23 -5.03
C SER A 45 -3.90 14.19 -3.52
N TYR A 46 -4.93 14.89 -3.05
CA TYR A 46 -5.25 14.97 -1.63
C TYR A 46 -5.65 13.60 -1.07
N GLU A 47 -6.48 12.88 -1.83
CA GLU A 47 -6.94 11.56 -1.42
C GLU A 47 -5.77 10.61 -1.21
N ALA A 48 -4.90 10.52 -2.21
CA ALA A 48 -3.72 9.68 -2.14
C ALA A 48 -2.83 10.11 -0.97
N PHE A 49 -2.67 11.42 -0.83
CA PHE A 49 -1.82 11.99 0.22
C PHE A 49 -2.26 11.48 1.60
N ASP A 50 -3.56 11.62 1.90
CA ASP A 50 -4.06 11.19 3.21
C ASP A 50 -4.08 9.66 3.31
N ILE A 51 -4.41 9.02 2.20
CA ILE A 51 -4.43 7.57 2.16
C ILE A 51 -3.03 7.00 2.36
N LEU A 52 -1.99 7.80 2.06
CA LEU A 52 -0.62 7.41 2.37
C LEU A 52 -0.48 7.12 3.87
N LYS A 53 -0.90 8.09 4.68
CA LYS A 53 -0.75 7.98 6.13
C LYS A 53 -1.73 6.95 6.70
N GLN A 54 -2.92 6.84 6.08
CA GLN A 54 -3.89 5.82 6.47
C GLN A 54 -3.26 4.43 6.34
N PHE A 55 -2.69 4.16 5.17
CA PHE A 55 -2.05 2.87 4.90
C PHE A 55 -0.77 2.72 5.69
N VAL A 56 -0.07 3.83 5.91
CA VAL A 56 1.13 3.85 6.75
C VAL A 56 0.82 3.22 8.11
N ASP A 57 -0.19 3.77 8.79
CA ASP A 57 -0.63 3.22 10.06
C ASP A 57 -1.11 1.78 9.89
N TYR A 58 -1.94 1.56 8.88
CA TYR A 58 -2.56 0.24 8.69
C TYR A 58 -1.48 -0.85 8.53
N MET A 59 -0.46 -0.58 7.74
CA MET A 59 0.62 -1.54 7.51
C MET A 59 1.51 -1.63 8.75
N ILE A 60 1.62 -0.54 9.51
CA ILE A 60 2.36 -0.58 10.77
C ILE A 60 1.63 -1.45 11.80
N GLU A 61 0.30 -1.51 11.68
CA GLU A 61 -0.54 -2.28 12.59
C GLU A 61 -0.14 -3.75 12.61
N GLU A 62 -0.16 -4.39 11.45
CA GLU A 62 0.14 -5.82 11.36
C GLU A 62 1.62 -6.06 11.04
N HIS A 63 2.31 -5.02 10.56
CA HIS A 63 3.75 -5.11 10.27
C HIS A 63 4.05 -6.32 9.38
N ASP A 64 3.05 -6.67 8.55
CA ASP A 64 3.07 -7.93 7.80
C ASP A 64 4.27 -8.05 6.88
N GLU A 65 5.11 -9.03 7.18
CA GLU A 65 6.34 -9.31 6.43
C GLU A 65 6.06 -9.83 5.01
N LYS A 66 4.93 -10.53 4.82
CA LYS A 66 4.73 -11.32 3.60
C LYS A 66 4.36 -10.45 2.39
N SER A 67 4.24 -9.14 2.59
CA SER A 67 3.68 -8.27 1.58
C SER A 67 4.51 -6.99 1.43
N GLU A 68 5.78 -7.08 1.83
CA GLU A 68 6.70 -5.95 1.76
C GLU A 68 6.60 -5.25 0.40
N TYR A 69 6.73 -6.04 -0.65
CA TYR A 69 6.70 -5.51 -2.01
C TYR A 69 5.33 -4.90 -2.30
N GLU A 70 4.27 -5.46 -1.69
CA GLU A 70 2.91 -4.97 -1.94
C GLU A 70 2.74 -3.58 -1.35
N ILE A 71 3.04 -3.43 -0.06
CA ILE A 71 2.94 -2.12 0.59
C ILE A 71 3.83 -1.10 -0.12
N MET A 72 5.00 -1.54 -0.58
CA MET A 72 5.88 -0.66 -1.35
C MET A 72 5.21 -0.20 -2.65
N GLU A 73 4.67 -1.15 -3.42
CA GLU A 73 3.96 -0.83 -4.68
C GLU A 73 2.83 0.14 -4.40
N ILE A 74 2.00 -0.18 -3.42
CA ILE A 74 0.86 0.63 -3.04
C ILE A 74 1.30 2.08 -2.78
N LEU A 75 2.25 2.25 -1.87
CA LEU A 75 2.66 3.57 -1.43
C LEU A 75 3.36 4.32 -2.56
N ARG A 76 4.06 3.60 -3.41
CA ARG A 76 4.82 4.24 -4.47
C ARG A 76 3.90 4.74 -5.58
N GLN A 77 2.88 3.95 -5.94
CA GLN A 77 1.93 4.38 -6.97
C GLN A 77 1.05 5.51 -6.43
N LEU A 78 0.70 5.42 -5.15
CA LEU A 78 -0.08 6.47 -4.50
C LEU A 78 0.74 7.76 -4.43
N LYS A 79 2.00 7.65 -4.01
CA LYS A 79 2.88 8.80 -3.88
C LYS A 79 3.10 9.47 -5.24
N TYR A 80 3.34 8.65 -6.25
CA TYR A 80 3.59 9.16 -7.60
C TYR A 80 2.32 9.79 -8.18
N GLN A 81 1.18 9.17 -7.89
CA GLN A 81 -0.12 9.67 -8.34
C GLN A 81 -0.45 11.00 -7.65
N ALA A 82 -0.17 11.06 -6.35
CA ALA A 82 -0.38 12.28 -5.57
C ALA A 82 0.47 13.41 -6.12
N ASP A 83 1.60 13.05 -6.73
CA ASP A 83 2.51 14.01 -7.36
C ASP A 83 2.92 15.09 -6.36
N THR A 84 3.74 14.68 -5.40
CA THR A 84 4.20 15.57 -4.35
C THR A 84 5.54 15.09 -3.80
N ASN A 85 6.20 15.95 -3.02
CA ASN A 85 7.51 15.65 -2.46
C ASN A 85 7.37 14.89 -1.14
N GLU A 86 6.40 15.31 -0.32
CA GLU A 86 6.27 14.78 1.03
C GLU A 86 5.40 13.53 1.11
N LYS A 87 5.87 12.57 1.89
CA LYS A 87 5.08 11.44 2.34
C LYS A 87 4.83 11.64 3.83
N PHE A 88 3.68 11.21 4.34
CA PHE A 88 3.28 11.57 5.68
C PHE A 88 3.40 10.36 6.59
N TYR A 89 3.54 10.62 7.88
CA TYR A 89 3.64 9.58 8.87
C TYR A 89 3.25 10.13 10.23
N THR A 90 2.73 9.26 11.06
CA THR A 90 2.15 9.63 12.34
C THR A 90 3.13 9.39 13.49
N ASN A 91 2.66 9.58 14.71
CA ASN A 91 3.43 9.30 15.90
C ASN A 91 3.41 7.80 16.22
N THR A 92 2.28 7.16 15.94
CA THR A 92 2.10 5.74 16.24
C THR A 92 2.96 4.85 15.33
N GLN A 93 3.07 5.25 14.06
CA GLN A 93 3.86 4.52 13.07
C GLN A 93 5.35 4.47 13.44
N LYS A 94 5.75 5.39 14.34
CA LYS A 94 7.16 5.68 14.70
C LYS A 94 8.17 4.52 14.55
N GLN A 95 7.70 3.27 14.61
CA GLN A 95 8.55 2.11 14.35
C GLN A 95 9.32 2.30 13.03
N LYS A 96 8.72 3.10 12.13
CA LYS A 96 9.31 3.48 10.86
C LYS A 96 9.30 2.32 9.87
N ILE A 97 8.34 2.38 8.96
CA ILE A 97 8.10 1.32 7.97
C ILE A 97 9.37 1.03 7.17
N VAL A 98 10.13 2.09 6.93
CA VAL A 98 11.39 2.01 6.20
C VAL A 98 12.30 0.92 6.77
N GLU A 99 12.24 0.73 8.09
CA GLU A 99 13.12 -0.22 8.76
C GLU A 99 12.73 -1.66 8.42
N LEU A 100 11.48 -1.87 8.07
CA LEU A 100 11.02 -3.21 7.67
C LEU A 100 11.16 -3.35 6.16
N TYR A 101 11.08 -2.23 5.45
CA TYR A 101 11.25 -2.20 4.00
C TYR A 101 12.64 -2.69 3.60
N LYS A 102 12.69 -3.81 2.87
CA LYS A 102 13.96 -4.36 2.41
C LYS A 102 14.62 -3.38 1.42
N GLN A 103 15.85 -2.99 1.73
CA GLN A 103 16.54 -1.95 0.99
C GLN A 103 16.62 -2.25 -0.50
N GLU A 104 16.90 -3.51 -0.84
CA GLU A 104 17.06 -3.92 -2.24
C GLU A 104 15.81 -3.58 -3.05
N ILE A 105 14.66 -3.61 -2.40
CA ILE A 105 13.38 -3.35 -3.06
C ILE A 105 13.16 -1.85 -3.22
N SER A 106 13.42 -1.10 -2.14
CA SER A 106 13.16 0.34 -2.12
C SER A 106 13.96 1.08 -3.19
N GLN A 107 15.02 0.44 -3.68
CA GLN A 107 15.89 1.04 -4.71
C GLN A 107 15.09 1.37 -5.96
N ASP A 108 14.35 0.39 -6.48
CA ASP A 108 13.58 0.56 -7.71
C ASP A 108 12.39 1.49 -7.45
N ILE A 109 11.82 1.34 -6.27
CA ILE A 109 10.66 2.13 -5.86
C ILE A 109 10.98 3.63 -5.93
N LEU A 110 12.07 4.04 -5.29
CA LEU A 110 12.47 5.44 -5.28
C LEU A 110 13.02 5.86 -6.63
N ASN A 111 13.66 4.93 -7.31
CA ASN A 111 14.15 5.19 -8.67
C ASN A 111 13.01 5.67 -9.55
N GLU A 112 11.84 5.05 -9.39
CA GLU A 112 10.67 5.37 -10.19
C GLU A 112 9.94 6.61 -9.67
N ILE A 113 9.80 6.73 -8.36
CA ILE A 113 9.10 7.87 -7.77
C ILE A 113 9.87 9.19 -7.98
N PHE A 114 11.19 9.10 -7.96
CA PHE A 114 12.04 10.27 -8.22
C PHE A 114 12.37 10.36 -9.71
N ARG A 115 11.84 9.40 -10.45
CA ARG A 115 11.98 9.38 -11.92
C ARG A 115 11.11 10.48 -12.55
N MET A 1 -13.74 -24.20 8.98
CA MET A 1 -13.59 -22.81 9.48
C MET A 1 -14.59 -21.88 8.80
N ALA A 2 -15.17 -20.98 9.57
CA ALA A 2 -16.14 -20.02 9.04
C ALA A 2 -15.42 -18.93 8.25
N HIS A 3 -15.63 -18.94 6.94
CA HIS A 3 -14.94 -18.00 6.05
C HIS A 3 -15.85 -16.83 5.69
N HIS A 4 -15.75 -15.75 6.45
CA HIS A 4 -16.57 -14.55 6.22
C HIS A 4 -15.85 -13.29 6.73
N HIS A 5 -16.25 -12.14 6.20
CA HIS A 5 -15.80 -10.85 6.70
C HIS A 5 -16.74 -9.75 6.18
N HIS A 6 -17.77 -9.46 6.97
CA HIS A 6 -18.79 -8.47 6.60
C HIS A 6 -18.15 -7.13 6.22
N HIS A 7 -18.58 -6.59 5.08
CA HIS A 7 -18.05 -5.35 4.54
C HIS A 7 -19.14 -4.62 3.75
N HIS A 8 -19.14 -3.29 3.81
CA HIS A 8 -20.13 -2.49 3.09
C HIS A 8 -19.46 -1.37 2.29
N MET A 9 -18.57 -0.64 2.95
CA MET A 9 -17.86 0.46 2.29
C MET A 9 -16.61 0.83 3.08
N PHE A 10 -15.50 0.98 2.38
CA PHE A 10 -14.24 1.43 2.97
C PHE A 10 -13.59 2.45 2.04
N LEU A 11 -13.38 3.66 2.53
CA LEU A 11 -12.76 4.72 1.72
C LEU A 11 -11.31 4.35 1.43
N ASP A 12 -10.68 3.69 2.39
CA ASP A 12 -9.36 3.12 2.19
C ASP A 12 -9.47 1.79 1.44
N ASP A 13 -9.11 1.80 0.17
CA ASP A 13 -9.24 0.64 -0.69
C ASP A 13 -8.18 -0.42 -0.35
N VAL A 14 -7.02 0.02 0.12
CA VAL A 14 -5.88 -0.87 0.34
C VAL A 14 -6.20 -1.97 1.35
N ASN A 15 -6.81 -1.60 2.47
CA ASN A 15 -7.19 -2.57 3.50
C ASN A 15 -7.98 -3.72 2.86
N VAL A 16 -9.00 -3.35 2.08
CA VAL A 16 -9.82 -4.32 1.37
C VAL A 16 -8.98 -5.10 0.37
N PHE A 17 -8.15 -4.39 -0.39
CA PHE A 17 -7.34 -5.01 -1.44
C PHE A 17 -6.48 -6.14 -0.85
N LEU A 18 -5.85 -5.87 0.27
CA LEU A 18 -4.96 -6.81 0.92
C LEU A 18 -5.77 -7.98 1.51
N ASP A 19 -6.83 -7.64 2.23
CA ASP A 19 -7.70 -8.65 2.85
C ASP A 19 -8.38 -9.49 1.78
N ASP A 20 -8.68 -8.87 0.65
CA ASP A 20 -9.42 -9.52 -0.44
C ASP A 20 -8.56 -10.63 -1.05
N LEU A 21 -7.27 -10.37 -1.21
CA LEU A 21 -6.35 -11.36 -1.74
C LEU A 21 -6.13 -12.49 -0.73
N ASN A 22 -6.45 -12.23 0.52
CA ASN A 22 -6.37 -13.22 1.60
C ASN A 22 -7.64 -14.07 1.64
N THR A 23 -8.78 -13.41 1.58
CA THR A 23 -10.07 -14.10 1.65
C THR A 23 -10.35 -14.84 0.35
N ASN A 24 -9.73 -14.36 -0.70
CA ASN A 24 -9.83 -14.97 -2.01
C ASN A 24 -8.50 -15.62 -2.34
N PRO A 25 -8.47 -16.97 -2.40
CA PRO A 25 -7.24 -17.78 -2.59
C PRO A 25 -6.35 -17.36 -3.77
N ILE A 26 -6.70 -16.28 -4.46
CA ILE A 26 -5.83 -15.70 -5.48
C ILE A 26 -4.42 -15.53 -4.94
N THR A 27 -4.27 -14.65 -3.96
CA THR A 27 -3.01 -14.37 -3.27
C THR A 27 -1.83 -14.38 -4.24
N ASP A 28 -1.93 -13.55 -5.25
CA ASP A 28 -0.89 -13.43 -6.26
C ASP A 28 -0.13 -12.12 -6.10
N GLU A 29 1.01 -12.18 -5.41
CA GLU A 29 1.81 -10.99 -5.12
C GLU A 29 2.37 -10.39 -6.41
N TRP A 30 2.44 -11.20 -7.46
CA TRP A 30 3.02 -10.78 -8.73
C TRP A 30 2.06 -9.85 -9.45
N TYR A 31 0.77 -10.15 -9.34
CA TYR A 31 -0.28 -9.35 -9.95
C TYR A 31 -0.35 -7.99 -9.24
N MET A 32 -0.02 -7.98 -7.95
CA MET A 32 0.09 -6.74 -7.20
C MET A 32 1.16 -5.85 -7.83
N SER A 33 2.29 -6.46 -8.18
CA SER A 33 3.38 -5.73 -8.78
C SER A 33 3.01 -5.28 -10.20
N ASN A 34 2.33 -6.16 -10.92
CA ASN A 34 1.87 -5.85 -12.27
C ASN A 34 0.95 -4.63 -12.26
N PHE A 35 0.05 -4.62 -11.27
CA PHE A 35 -0.88 -3.51 -11.08
C PHE A 35 -0.11 -2.22 -10.80
N ALA A 36 0.81 -2.27 -9.84
CA ALA A 36 1.62 -1.11 -9.48
C ALA A 36 2.53 -0.67 -10.63
N ASP A 37 2.96 -1.64 -11.44
CA ASP A 37 3.85 -1.38 -12.57
C ASP A 37 3.15 -0.54 -13.64
N LYS A 38 1.94 -0.96 -14.01
CA LYS A 38 1.15 -0.23 -15.01
C LYS A 38 0.64 1.09 -14.43
N HIS A 39 0.45 1.11 -13.11
CA HIS A 39 -0.01 2.30 -12.36
C HIS A 39 -1.11 3.08 -13.10
N ILE A 40 -2.35 2.73 -12.81
CA ILE A 40 -3.49 3.45 -13.37
C ILE A 40 -3.88 4.59 -12.43
N LYS A 41 -4.79 5.45 -12.87
CA LYS A 41 -5.26 6.53 -12.01
C LYS A 41 -6.17 5.96 -10.93
N ILE A 42 -5.57 5.47 -9.86
CA ILE A 42 -6.30 4.79 -8.80
C ILE A 42 -7.13 5.75 -7.96
N LEU A 43 -6.51 6.83 -7.48
CA LEU A 43 -7.14 7.72 -6.51
C LEU A 43 -6.68 9.16 -6.73
N GLU A 44 -7.50 10.10 -6.31
CA GLU A 44 -7.15 11.51 -6.38
C GLU A 44 -5.99 11.82 -5.44
N SER A 45 -5.41 13.00 -5.59
CA SER A 45 -4.25 13.41 -4.80
C SER A 45 -4.51 13.26 -3.30
N TYR A 46 -5.59 13.88 -2.82
CA TYR A 46 -5.92 13.85 -1.39
C TYR A 46 -6.22 12.42 -0.92
N GLU A 47 -6.93 11.65 -1.75
CA GLU A 47 -7.29 10.28 -1.42
C GLU A 47 -6.04 9.44 -1.15
N ALA A 48 -5.13 9.45 -2.11
CA ALA A 48 -3.90 8.68 -2.00
C ALA A 48 -3.06 9.18 -0.83
N PHE A 49 -2.93 10.50 -0.73
CA PHE A 49 -2.14 11.13 0.35
C PHE A 49 -2.60 10.64 1.73
N ASP A 50 -3.90 10.69 1.95
CA ASP A 50 -4.48 10.27 3.24
C ASP A 50 -4.27 8.77 3.44
N ILE A 51 -4.54 8.02 2.39
CA ILE A 51 -4.35 6.58 2.40
C ILE A 51 -2.87 6.23 2.63
N LEU A 52 -1.96 7.15 2.28
CA LEU A 52 -0.54 6.97 2.61
C LEU A 52 -0.39 6.80 4.11
N LYS A 53 -0.98 7.72 4.88
CA LYS A 53 -0.91 7.68 6.33
C LYS A 53 -1.60 6.43 6.85
N GLN A 54 -2.82 6.18 6.36
CA GLN A 54 -3.60 5.03 6.81
C GLN A 54 -2.79 3.75 6.64
N PHE A 55 -2.15 3.62 5.49
CA PHE A 55 -1.40 2.41 5.17
C PHE A 55 -0.11 2.34 5.99
N VAL A 56 0.48 3.51 6.27
CA VAL A 56 1.61 3.58 7.21
C VAL A 56 1.21 2.89 8.52
N ASP A 57 0.11 3.36 9.10
CA ASP A 57 -0.43 2.80 10.32
C ASP A 57 -0.73 1.31 10.14
N TYR A 58 -1.26 0.94 8.97
CA TYR A 58 -1.62 -0.46 8.71
C TYR A 58 -0.40 -1.37 8.77
N MET A 59 0.64 -1.02 8.02
CA MET A 59 1.81 -1.87 7.90
C MET A 59 2.57 -1.91 9.22
N ILE A 60 2.50 -0.83 10.01
CA ILE A 60 3.02 -0.90 11.39
C ILE A 60 2.21 -1.91 12.20
N GLU A 61 0.89 -1.84 12.09
CA GLU A 61 0.00 -2.68 12.87
C GLU A 61 0.21 -4.16 12.57
N GLU A 62 0.21 -4.54 11.30
CA GLU A 62 0.35 -5.96 10.94
C GLU A 62 1.82 -6.38 10.96
N HIS A 63 2.72 -5.38 10.93
CA HIS A 63 4.17 -5.57 11.14
C HIS A 63 4.72 -6.85 10.52
N ASP A 64 4.22 -7.23 9.35
CA ASP A 64 4.60 -8.50 8.75
C ASP A 64 5.51 -8.29 7.54
N GLU A 65 6.62 -9.03 7.52
CA GLU A 65 7.62 -8.94 6.46
C GLU A 65 7.08 -9.47 5.13
N LYS A 66 6.09 -10.36 5.21
CA LYS A 66 5.62 -11.10 4.03
C LYS A 66 4.85 -10.20 3.06
N SER A 67 4.63 -8.95 3.45
CA SER A 67 3.87 -8.01 2.63
C SER A 67 4.78 -6.92 2.10
N GLU A 68 6.06 -7.02 2.45
CA GLU A 68 7.05 -5.95 2.21
C GLU A 68 6.94 -5.38 0.80
N TYR A 69 7.08 -6.25 -0.18
CA TYR A 69 7.03 -5.83 -1.57
C TYR A 69 5.70 -5.12 -1.86
N GLU A 70 4.61 -5.65 -1.28
CA GLU A 70 3.27 -5.15 -1.57
C GLU A 70 3.04 -3.78 -0.91
N ILE A 71 3.55 -3.58 0.32
CA ILE A 71 3.44 -2.28 0.98
C ILE A 71 4.21 -1.24 0.17
N MET A 72 5.40 -1.61 -0.28
CA MET A 72 6.18 -0.73 -1.15
C MET A 72 5.41 -0.41 -2.43
N GLU A 73 4.81 -1.44 -3.03
CA GLU A 73 4.03 -1.28 -4.26
C GLU A 73 2.84 -0.32 -4.05
N ILE A 74 2.08 -0.52 -2.97
CA ILE A 74 0.94 0.33 -2.68
C ILE A 74 1.38 1.78 -2.51
N LEU A 75 2.40 1.99 -1.68
CA LEU A 75 2.82 3.35 -1.36
C LEU A 75 3.42 4.02 -2.59
N ARG A 76 4.06 3.23 -3.44
CA ARG A 76 4.71 3.79 -4.60
C ARG A 76 3.69 4.23 -5.64
N GLN A 77 2.68 3.39 -5.90
CA GLN A 77 1.65 3.75 -6.88
C GLN A 77 0.81 4.91 -6.37
N LEU A 78 0.49 4.90 -5.08
CA LEU A 78 -0.29 5.96 -4.45
C LEU A 78 0.46 7.29 -4.53
N LYS A 79 1.75 7.28 -4.19
CA LYS A 79 2.56 8.49 -4.23
C LYS A 79 2.66 9.01 -5.65
N TYR A 80 2.95 8.11 -6.58
CA TYR A 80 3.16 8.48 -7.98
C TYR A 80 1.90 9.14 -8.53
N GLN A 81 0.74 8.57 -8.15
CA GLN A 81 -0.55 9.11 -8.55
C GLN A 81 -0.83 10.43 -7.83
N ALA A 82 -0.55 10.46 -6.53
CA ALA A 82 -0.70 11.66 -5.71
C ALA A 82 0.30 12.74 -6.13
N ASP A 83 1.30 12.33 -6.92
CA ASP A 83 2.36 13.22 -7.40
C ASP A 83 3.13 13.81 -6.21
N THR A 84 3.30 12.99 -5.17
CA THR A 84 4.00 13.42 -3.97
C THR A 84 5.01 12.36 -3.52
N ASN A 85 6.09 12.81 -2.89
CA ASN A 85 7.06 11.92 -2.26
C ASN A 85 6.89 11.96 -0.76
N GLU A 86 6.05 12.90 -0.32
CA GLU A 86 5.74 13.08 1.09
C GLU A 86 4.76 12.01 1.59
N LYS A 87 4.38 12.17 2.86
CA LYS A 87 3.36 11.34 3.50
C LYS A 87 3.23 11.78 4.95
N PHE A 88 2.19 11.33 5.63
CA PHE A 88 1.99 11.70 7.02
C PHE A 88 2.07 10.43 7.86
N TYR A 89 2.38 10.60 9.14
CA TYR A 89 2.52 9.48 10.05
C TYR A 89 2.34 9.92 11.48
N THR A 90 2.22 8.95 12.36
CA THR A 90 2.04 9.18 13.79
C THR A 90 3.39 9.17 14.51
N ASN A 91 3.39 9.68 15.74
CA ASN A 91 4.62 9.85 16.52
C ASN A 91 5.34 8.52 16.75
N THR A 92 4.59 7.44 16.93
CA THR A 92 5.17 6.12 17.10
C THR A 92 5.65 5.56 15.75
N GLN A 93 4.85 5.81 14.72
CA GLN A 93 5.10 5.30 13.38
C GLN A 93 6.30 6.02 12.72
N LYS A 94 6.64 7.20 13.27
CA LYS A 94 7.71 8.06 12.73
C LYS A 94 8.86 7.28 12.08
N GLN A 95 8.84 7.23 10.74
CA GLN A 95 9.96 6.76 9.92
C GLN A 95 10.39 5.32 10.26
N LYS A 96 9.59 4.62 11.04
CA LYS A 96 9.95 3.28 11.50
C LYS A 96 9.84 2.25 10.37
N ILE A 97 9.05 2.57 9.35
CA ILE A 97 8.80 1.64 8.26
C ILE A 97 10.08 1.41 7.45
N VAL A 98 10.84 2.48 7.27
CA VAL A 98 12.07 2.42 6.49
C VAL A 98 13.00 1.32 7.03
N GLU A 99 12.96 1.15 8.36
CA GLU A 99 13.82 0.16 9.02
C GLU A 99 13.44 -1.26 8.63
N LEU A 100 12.19 -1.48 8.26
CA LEU A 100 11.73 -2.82 7.86
C LEU A 100 11.84 -2.96 6.34
N TYR A 101 11.77 -1.83 5.64
CA TYR A 101 11.91 -1.81 4.18
C TYR A 101 13.30 -2.29 3.76
N LYS A 102 13.34 -3.19 2.78
CA LYS A 102 14.59 -3.67 2.23
C LYS A 102 15.09 -2.70 1.17
N GLN A 103 16.34 -2.26 1.30
CA GLN A 103 16.89 -1.20 0.46
C GLN A 103 16.76 -1.57 -1.01
N GLU A 104 17.09 -2.80 -1.31
CA GLU A 104 17.06 -3.34 -2.67
C GLU A 104 15.70 -3.10 -3.33
N ILE A 105 14.63 -3.17 -2.53
CA ILE A 105 13.28 -2.98 -3.05
C ILE A 105 12.98 -1.51 -3.25
N SER A 106 13.31 -0.69 -2.24
CA SER A 106 13.06 0.74 -2.30
C SER A 106 13.80 1.39 -3.48
N GLN A 107 14.86 0.73 -3.95
CA GLN A 107 15.61 1.20 -5.11
C GLN A 107 14.74 1.20 -6.35
N ASP A 108 14.12 0.05 -6.64
CA ASP A 108 13.23 -0.09 -7.79
C ASP A 108 12.01 0.81 -7.64
N ILE A 109 11.56 0.98 -6.40
CA ILE A 109 10.40 1.82 -6.10
C ILE A 109 10.68 3.28 -6.47
N LEU A 110 11.78 3.81 -5.96
CA LEU A 110 12.19 5.17 -6.30
C LEU A 110 12.54 5.28 -7.78
N ASN A 111 13.09 4.21 -8.33
CA ASN A 111 13.43 4.14 -9.75
C ASN A 111 12.19 4.49 -10.61
N GLU A 112 11.05 4.02 -10.14
CA GLU A 112 9.78 4.27 -10.82
C GLU A 112 9.24 5.66 -10.51
N ILE A 113 9.22 6.00 -9.23
CA ILE A 113 8.60 7.24 -8.76
C ILE A 113 9.36 8.48 -9.22
N PHE A 114 10.67 8.38 -9.33
CA PHE A 114 11.50 9.52 -9.75
C PHE A 114 11.51 9.65 -11.27
N ARG A 115 10.89 8.66 -11.93
CA ARG A 115 10.81 8.64 -13.38
C ARG A 115 9.59 9.45 -13.86
N MET A 1 -22.83 18.20 6.75
CA MET A 1 -23.66 17.56 5.69
C MET A 1 -24.00 18.59 4.63
N ALA A 2 -23.80 18.23 3.36
CA ALA A 2 -24.05 19.15 2.26
C ALA A 2 -24.02 18.43 0.92
N HIS A 3 -23.13 17.45 0.79
CA HIS A 3 -22.96 16.75 -0.48
C HIS A 3 -22.57 15.29 -0.26
N HIS A 4 -23.23 14.40 -0.98
CA HIS A 4 -22.87 12.98 -0.99
C HIS A 4 -21.99 12.70 -2.20
N HIS A 5 -20.73 13.10 -2.09
CA HIS A 5 -19.78 12.98 -3.21
C HIS A 5 -18.71 11.93 -2.89
N HIS A 6 -18.97 10.70 -3.30
CA HIS A 6 -18.03 9.59 -3.09
C HIS A 6 -18.12 8.61 -4.27
N HIS A 7 -17.58 8.98 -5.43
CA HIS A 7 -17.56 8.06 -6.56
C HIS A 7 -16.79 6.79 -6.18
N HIS A 8 -15.74 6.99 -5.38
CA HIS A 8 -15.09 5.90 -4.68
C HIS A 8 -15.52 5.99 -3.21
N MET A 9 -16.27 5.00 -2.76
CA MET A 9 -16.88 5.06 -1.42
C MET A 9 -15.91 4.58 -0.36
N PHE A 10 -15.05 3.64 -0.73
CA PHE A 10 -14.08 3.07 0.19
C PHE A 10 -12.67 3.48 -0.20
N LEU A 11 -11.72 3.14 0.67
CA LEU A 11 -10.29 3.28 0.39
C LEU A 11 -9.61 1.98 0.82
N ASP A 12 -10.45 1.02 1.18
CA ASP A 12 -10.04 -0.22 1.81
C ASP A 12 -9.67 -1.26 0.75
N ASP A 13 -9.40 -0.79 -0.47
CA ASP A 13 -9.00 -1.67 -1.58
C ASP A 13 -7.82 -2.55 -1.16
N VAL A 14 -6.87 -1.93 -0.46
CA VAL A 14 -5.70 -2.65 0.04
C VAL A 14 -6.10 -3.67 1.10
N ASN A 15 -6.91 -3.21 2.06
CA ASN A 15 -7.39 -4.06 3.14
C ASN A 15 -8.06 -5.31 2.59
N VAL A 16 -8.98 -5.10 1.64
CA VAL A 16 -9.70 -6.20 1.00
C VAL A 16 -8.76 -7.01 0.12
N PHE A 17 -7.79 -6.36 -0.51
CA PHE A 17 -6.82 -7.05 -1.36
C PHE A 17 -6.13 -8.16 -0.57
N LEU A 18 -5.56 -7.78 0.57
CA LEU A 18 -4.86 -8.71 1.43
C LEU A 18 -5.86 -9.64 2.11
N ASP A 19 -7.02 -9.11 2.49
CA ASP A 19 -8.07 -9.88 3.17
C ASP A 19 -8.64 -10.96 2.25
N ASP A 20 -8.68 -10.64 0.97
CA ASP A 20 -9.22 -11.55 -0.04
C ASP A 20 -8.23 -12.68 -0.29
N LEU A 21 -6.95 -12.32 -0.40
CA LEU A 21 -5.88 -13.29 -0.58
C LEU A 21 -5.78 -14.23 0.63
N ASN A 22 -6.40 -13.83 1.74
CA ASN A 22 -6.45 -14.67 2.93
C ASN A 22 -7.32 -15.91 2.68
N THR A 23 -8.47 -15.70 2.04
CA THR A 23 -9.38 -16.81 1.75
C THR A 23 -9.05 -17.43 0.40
N ASN A 24 -8.38 -16.66 -0.45
CA ASN A 24 -7.95 -17.13 -1.76
C ASN A 24 -6.55 -17.75 -1.66
N PRO A 25 -6.44 -19.09 -1.78
CA PRO A 25 -5.20 -19.84 -1.48
C PRO A 25 -4.03 -19.48 -2.41
N ILE A 26 -4.30 -18.68 -3.44
CA ILE A 26 -3.26 -18.25 -4.36
C ILE A 26 -2.25 -17.38 -3.62
N THR A 27 -2.71 -16.22 -3.20
CA THR A 27 -1.94 -15.32 -2.35
C THR A 27 -0.56 -15.02 -2.96
N ASP A 28 -0.54 -14.34 -4.10
CA ASP A 28 0.73 -13.91 -4.70
C ASP A 28 0.76 -12.39 -4.82
N GLU A 29 1.86 -11.81 -4.37
CA GLU A 29 2.07 -10.37 -4.38
C GLU A 29 2.14 -9.82 -5.81
N TRP A 30 2.37 -10.72 -6.75
CA TRP A 30 2.49 -10.36 -8.16
C TRP A 30 1.20 -9.72 -8.67
N TYR A 31 0.07 -10.10 -8.07
CA TYR A 31 -1.21 -9.45 -8.35
C TYR A 31 -1.07 -7.94 -8.18
N MET A 32 -0.43 -7.52 -7.09
CA MET A 32 -0.27 -6.10 -6.80
C MET A 32 0.64 -5.44 -7.81
N SER A 33 1.61 -6.18 -8.33
CA SER A 33 2.49 -5.66 -9.37
C SER A 33 1.66 -5.22 -10.58
N ASN A 34 0.48 -5.83 -10.73
CA ASN A 34 -0.45 -5.47 -11.81
C ASN A 34 -1.26 -4.24 -11.43
N PHE A 35 -1.50 -4.07 -10.13
CA PHE A 35 -2.24 -2.91 -9.62
C PHE A 35 -1.36 -1.66 -9.69
N ALA A 36 -0.17 -1.77 -9.09
CA ALA A 36 0.81 -0.67 -9.06
C ALA A 36 1.22 -0.26 -10.48
N ASP A 37 0.93 -1.14 -11.44
CA ASP A 37 1.16 -0.87 -12.86
C ASP A 37 0.52 0.45 -13.30
N LYS A 38 -0.44 0.92 -12.49
CA LYS A 38 -1.16 2.19 -12.75
C LYS A 38 -2.18 1.98 -13.85
N HIS A 39 -2.66 0.75 -13.97
CA HIS A 39 -3.63 0.38 -14.98
C HIS A 39 -4.96 1.12 -14.78
N ILE A 40 -5.11 1.73 -13.60
CA ILE A 40 -6.29 2.51 -13.26
C ILE A 40 -5.92 3.66 -12.34
N LYS A 41 -6.48 4.84 -12.59
CA LYS A 41 -6.22 6.01 -11.75
C LYS A 41 -6.95 5.84 -10.40
N ILE A 42 -6.16 5.66 -9.36
CA ILE A 42 -6.67 5.24 -8.05
C ILE A 42 -7.34 6.38 -7.27
N LEU A 43 -6.60 7.45 -6.99
CA LEU A 43 -7.08 8.49 -6.07
C LEU A 43 -6.70 9.89 -6.55
N GLU A 44 -7.22 10.90 -5.85
CA GLU A 44 -6.81 12.28 -6.07
C GLU A 44 -5.50 12.55 -5.34
N SER A 45 -4.93 13.74 -5.55
CA SER A 45 -3.67 14.10 -4.90
C SER A 45 -3.82 14.10 -3.37
N TYR A 46 -4.82 14.86 -2.88
CA TYR A 46 -5.06 14.96 -1.44
C TYR A 46 -5.56 13.62 -0.88
N GLU A 47 -6.43 12.94 -1.62
CA GLU A 47 -6.94 11.64 -1.22
C GLU A 47 -5.78 10.68 -0.97
N ALA A 48 -4.92 10.55 -1.96
CA ALA A 48 -3.77 9.65 -1.86
C ALA A 48 -2.84 10.09 -0.74
N PHE A 49 -2.63 11.42 -0.63
CA PHE A 49 -1.75 11.99 0.39
C PHE A 49 -2.15 11.51 1.78
N ASP A 50 -3.43 11.65 2.12
CA ASP A 50 -3.93 11.24 3.44
C ASP A 50 -3.88 9.71 3.55
N ILE A 51 -4.26 9.05 2.46
CA ILE A 51 -4.21 7.60 2.38
C ILE A 51 -2.79 7.11 2.67
N LEU A 52 -1.78 7.91 2.31
CA LEU A 52 -0.40 7.57 2.62
C LEU A 52 -0.23 7.40 4.12
N LYS A 53 -0.63 8.42 4.88
CA LYS A 53 -0.42 8.43 6.32
C LYS A 53 -1.22 7.29 6.97
N GLN A 54 -2.47 7.13 6.57
CA GLN A 54 -3.34 6.12 7.20
C GLN A 54 -2.89 4.71 6.83
N PHE A 55 -2.34 4.54 5.63
CA PHE A 55 -1.78 3.25 5.23
C PHE A 55 -0.46 2.99 5.93
N VAL A 56 0.34 4.03 6.10
CA VAL A 56 1.57 3.93 6.88
C VAL A 56 1.25 3.34 8.25
N ASP A 57 0.22 3.90 8.87
CA ASP A 57 -0.31 3.39 10.14
C ASP A 57 -0.73 1.92 9.99
N TYR A 58 -1.62 1.67 9.01
CA TYR A 58 -2.17 0.34 8.77
C TYR A 58 -1.05 -0.70 8.60
N MET A 59 0.03 -0.30 7.94
CA MET A 59 1.18 -1.18 7.72
C MET A 59 1.94 -1.39 9.02
N ILE A 60 2.08 -0.32 9.79
CA ILE A 60 2.77 -0.39 11.08
C ILE A 60 2.01 -1.33 12.02
N GLU A 61 0.70 -1.41 11.82
CA GLU A 61 -0.16 -2.27 12.64
C GLU A 61 0.15 -3.76 12.45
N GLU A 62 0.44 -4.18 11.21
CA GLU A 62 0.53 -5.63 10.93
C GLU A 62 1.98 -6.11 10.74
N HIS A 63 2.92 -5.19 10.50
CA HIS A 63 4.37 -5.51 10.43
C HIS A 63 4.67 -6.86 9.73
N ASP A 64 4.01 -7.14 8.62
CA ASP A 64 4.18 -8.45 7.96
C ASP A 64 5.37 -8.48 7.01
N GLU A 65 6.17 -9.53 7.12
CA GLU A 65 7.38 -9.72 6.29
C GLU A 65 7.05 -9.94 4.81
N LYS A 66 5.98 -10.69 4.54
CA LYS A 66 5.68 -11.12 3.18
C LYS A 66 4.94 -10.05 2.39
N SER A 67 4.61 -8.95 3.06
CA SER A 67 3.78 -7.92 2.47
C SER A 67 4.63 -6.69 2.14
N GLU A 68 5.89 -6.73 2.56
CA GLU A 68 6.81 -5.61 2.36
C GLU A 68 6.74 -5.08 0.93
N TYR A 69 6.86 -5.99 -0.04
CA TYR A 69 6.78 -5.64 -1.45
C TYR A 69 5.45 -4.98 -1.77
N GLU A 70 4.37 -5.47 -1.16
CA GLU A 70 3.04 -4.97 -1.42
C GLU A 70 2.93 -3.55 -0.87
N ILE A 71 3.41 -3.37 0.34
CA ILE A 71 3.43 -2.07 1.00
C ILE A 71 4.15 -1.05 0.11
N MET A 72 5.28 -1.46 -0.43
CA MET A 72 6.07 -0.59 -1.29
C MET A 72 5.33 -0.28 -2.58
N GLU A 73 4.72 -1.30 -3.20
CA GLU A 73 3.95 -1.10 -4.44
C GLU A 73 2.78 -0.15 -4.19
N ILE A 74 2.03 -0.41 -3.13
CA ILE A 74 0.91 0.44 -2.74
C ILE A 74 1.34 1.90 -2.61
N LEU A 75 2.34 2.13 -1.78
CA LEU A 75 2.81 3.48 -1.53
C LEU A 75 3.41 4.11 -2.78
N ARG A 76 4.03 3.28 -3.63
CA ARG A 76 4.68 3.81 -4.82
C ARG A 76 3.64 4.33 -5.81
N GLN A 77 2.55 3.58 -6.01
CA GLN A 77 1.49 4.00 -6.91
C GLN A 77 0.75 5.20 -6.32
N LEU A 78 0.51 5.17 -5.01
CA LEU A 78 -0.16 6.27 -4.31
C LEU A 78 0.64 7.56 -4.44
N LYS A 79 1.93 7.48 -4.13
CA LYS A 79 2.81 8.65 -4.18
C LYS A 79 2.96 9.16 -5.61
N TYR A 80 3.06 8.23 -6.55
CA TYR A 80 3.17 8.58 -7.96
C TYR A 80 1.91 9.32 -8.44
N GLN A 81 0.75 8.78 -8.06
CA GLN A 81 -0.54 9.38 -8.42
C GLN A 81 -0.70 10.72 -7.73
N ALA A 82 -0.29 10.79 -6.46
CA ALA A 82 -0.37 12.00 -5.66
C ALA A 82 0.68 13.02 -6.11
N ASP A 83 1.68 12.54 -6.84
CA ASP A 83 2.80 13.39 -7.30
C ASP A 83 3.61 13.89 -6.10
N THR A 84 3.55 13.13 -5.02
CA THR A 84 4.20 13.52 -3.77
C THR A 84 5.43 12.65 -3.49
N ASN A 85 6.62 13.22 -3.70
CA ASN A 85 7.87 12.56 -3.34
C ASN A 85 8.02 12.53 -1.83
N GLU A 86 7.49 13.57 -1.18
CA GLU A 86 7.57 13.72 0.28
C GLU A 86 7.02 12.51 1.03
N LYS A 87 7.36 12.43 2.31
CA LYS A 87 7.01 11.29 3.16
C LYS A 87 6.39 11.78 4.46
N PHE A 88 5.22 11.24 4.81
CA PHE A 88 4.52 11.62 6.03
C PHE A 88 3.84 10.40 6.64
N TYR A 89 3.52 10.48 7.93
CA TYR A 89 2.96 9.35 8.66
C TYR A 89 2.00 9.81 9.76
N THR A 90 1.41 8.86 10.46
CA THR A 90 0.51 9.13 11.58
C THR A 90 1.31 9.32 12.86
N ASN A 91 0.78 10.13 13.76
CA ASN A 91 1.41 10.33 15.08
C ASN A 91 1.51 8.99 15.81
N THR A 92 0.65 8.06 15.41
CA THR A 92 0.59 6.73 16.01
C THR A 92 1.84 5.90 15.69
N GLN A 93 2.38 6.05 14.47
CA GLN A 93 3.47 5.19 14.00
C GLN A 93 4.67 5.21 14.95
N LYS A 94 5.20 6.41 15.22
CA LYS A 94 6.39 6.59 16.07
C LYS A 94 7.65 5.95 15.41
N GLN A 95 7.57 4.64 15.18
CA GLN A 95 8.57 3.88 14.41
C GLN A 95 8.72 4.46 12.98
N LYS A 96 9.49 3.78 12.14
CA LYS A 96 9.51 4.07 10.70
C LYS A 96 9.49 2.76 9.91
N ILE A 97 8.55 2.65 8.97
CA ILE A 97 8.46 1.48 8.11
C ILE A 97 9.76 1.32 7.31
N VAL A 98 10.34 2.46 6.95
CA VAL A 98 11.61 2.51 6.23
C VAL A 98 12.68 1.64 6.91
N GLU A 99 12.61 1.55 8.24
CA GLU A 99 13.59 0.78 9.01
C GLU A 99 13.44 -0.72 8.75
N LEU A 100 12.24 -1.17 8.40
CA LEU A 100 11.99 -2.57 8.09
C LEU A 100 12.17 -2.81 6.59
N TYR A 101 11.96 -1.76 5.81
CA TYR A 101 12.08 -1.84 4.36
C TYR A 101 13.44 -2.41 3.93
N LYS A 102 13.39 -3.40 3.06
CA LYS A 102 14.60 -3.90 2.40
C LYS A 102 15.09 -2.86 1.40
N GLN A 103 16.36 -2.50 1.48
CA GLN A 103 16.93 -1.47 0.62
C GLN A 103 16.73 -1.85 -0.85
N GLU A 104 16.83 -3.16 -1.12
CA GLU A 104 16.71 -3.69 -2.48
C GLU A 104 15.43 -3.21 -3.16
N ILE A 105 14.31 -3.37 -2.44
CA ILE A 105 12.99 -3.05 -3.00
C ILE A 105 12.85 -1.54 -3.21
N SER A 106 13.29 -0.78 -2.22
CA SER A 106 13.15 0.67 -2.27
C SER A 106 13.93 1.28 -3.44
N GLN A 107 14.95 0.57 -3.91
CA GLN A 107 15.72 0.99 -5.09
C GLN A 107 14.80 1.08 -6.31
N ASP A 108 14.09 -0.02 -6.56
CA ASP A 108 13.17 -0.11 -7.70
C ASP A 108 12.06 0.93 -7.60
N ILE A 109 11.55 1.10 -6.38
CA ILE A 109 10.45 2.01 -6.11
C ILE A 109 10.84 3.46 -6.36
N LEU A 110 11.93 3.90 -5.74
CA LEU A 110 12.40 5.27 -5.90
C LEU A 110 12.78 5.54 -7.35
N ASN A 111 13.39 4.55 -7.97
CA ASN A 111 13.74 4.62 -9.40
C ASN A 111 12.52 5.02 -10.23
N GLU A 112 11.37 4.47 -9.84
CA GLU A 112 10.12 4.69 -10.51
C GLU A 112 9.55 6.08 -10.22
N ILE A 113 9.44 6.39 -8.94
CA ILE A 113 8.76 7.60 -8.49
C ILE A 113 9.57 8.87 -8.76
N PHE A 114 10.88 8.81 -8.54
CA PHE A 114 11.73 10.00 -8.65
C PHE A 114 11.95 10.37 -10.11
N ARG A 115 11.60 9.45 -11.01
CA ARG A 115 11.81 9.59 -12.42
C ARG A 115 10.76 10.55 -13.02
N MET A 1 -21.62 -6.63 4.28
CA MET A 1 -22.98 -6.56 3.69
C MET A 1 -23.04 -5.46 2.63
N ALA A 2 -23.45 -5.81 1.42
CA ALA A 2 -23.56 -4.86 0.32
C ALA A 2 -24.82 -4.01 0.47
N HIS A 3 -24.67 -2.79 0.98
CA HIS A 3 -25.79 -1.87 1.14
C HIS A 3 -26.16 -1.30 -0.24
N HIS A 4 -26.90 -2.08 -1.02
CA HIS A 4 -27.20 -1.71 -2.41
C HIS A 4 -28.18 -0.54 -2.53
N HIS A 5 -28.48 0.12 -1.41
CA HIS A 5 -29.15 1.43 -1.46
C HIS A 5 -28.15 2.48 -1.90
N HIS A 6 -26.89 2.06 -1.99
CA HIS A 6 -25.83 2.82 -2.65
C HIS A 6 -25.50 2.10 -3.94
N HIS A 7 -25.87 2.68 -5.08
CA HIS A 7 -25.66 2.03 -6.37
C HIS A 7 -24.20 2.13 -6.78
N HIS A 8 -23.67 1.03 -7.34
CA HIS A 8 -22.24 0.87 -7.66
C HIS A 8 -21.37 1.30 -6.49
N MET A 9 -21.75 0.83 -5.31
CA MET A 9 -21.02 1.11 -4.07
C MET A 9 -19.66 0.42 -4.09
N PHE A 10 -18.64 1.16 -4.49
CA PHE A 10 -17.27 0.62 -4.53
C PHE A 10 -16.51 1.02 -3.25
N LEU A 11 -15.72 0.08 -2.75
CA LEU A 11 -14.85 0.33 -1.60
C LEU A 11 -13.43 0.57 -2.09
N ASP A 12 -12.50 0.74 -1.16
CA ASP A 12 -11.10 1.00 -1.51
C ASP A 12 -10.47 -0.26 -2.12
N ASP A 13 -9.80 -0.09 -3.27
CA ASP A 13 -9.25 -1.21 -4.01
C ASP A 13 -8.15 -1.90 -3.22
N VAL A 14 -7.25 -1.12 -2.63
CA VAL A 14 -6.15 -1.67 -1.84
C VAL A 14 -6.67 -2.41 -0.62
N ASN A 15 -7.62 -1.79 0.08
CA ASN A 15 -8.17 -2.35 1.31
C ASN A 15 -8.77 -3.73 1.04
N VAL A 16 -9.66 -3.80 0.05
CA VAL A 16 -10.35 -5.06 -0.27
C VAL A 16 -9.37 -6.09 -0.83
N PHE A 17 -8.46 -5.62 -1.66
CA PHE A 17 -7.48 -6.48 -2.32
C PHE A 17 -6.55 -7.13 -1.28
N LEU A 18 -5.94 -6.31 -0.44
CA LEU A 18 -5.01 -6.81 0.57
C LEU A 18 -5.77 -7.67 1.58
N ASP A 19 -6.98 -7.24 1.92
CA ASP A 19 -7.86 -8.01 2.80
C ASP A 19 -8.06 -9.42 2.25
N ASP A 20 -8.26 -9.51 0.93
CA ASP A 20 -8.46 -10.80 0.27
C ASP A 20 -7.19 -11.64 0.35
N LEU A 21 -6.05 -10.98 0.17
CA LEU A 21 -4.74 -11.64 0.31
C LEU A 21 -4.49 -12.05 1.76
N ASN A 22 -5.21 -11.42 2.68
CA ASN A 22 -5.10 -11.73 4.10
C ASN A 22 -5.89 -13.00 4.41
N THR A 23 -7.15 -13.02 3.97
CA THR A 23 -8.03 -14.16 4.16
C THR A 23 -7.45 -15.39 3.47
N ASN A 24 -6.90 -15.17 2.28
CA ASN A 24 -6.21 -16.22 1.54
C ASN A 24 -4.81 -15.74 1.19
N PRO A 25 -3.78 -16.22 1.91
CA PRO A 25 -2.42 -15.69 1.84
C PRO A 25 -1.63 -16.18 0.64
N ILE A 26 -2.15 -15.82 -0.49
CA ILE A 26 -1.47 -16.03 -1.77
C ILE A 26 -0.15 -15.27 -1.78
N THR A 27 -0.25 -13.97 -1.57
CA THR A 27 0.89 -13.08 -1.41
C THR A 27 1.99 -13.34 -2.44
N ASP A 28 1.62 -13.25 -3.71
CA ASP A 28 2.61 -13.25 -4.79
C ASP A 28 2.88 -11.81 -5.17
N GLU A 29 3.92 -11.24 -4.58
CA GLU A 29 4.21 -9.82 -4.70
C GLU A 29 4.37 -9.40 -6.17
N TRP A 30 4.89 -10.30 -7.01
CA TRP A 30 5.01 -10.00 -8.43
C TRP A 30 3.65 -9.79 -9.06
N TYR A 31 2.67 -10.61 -8.65
CA TYR A 31 1.31 -10.51 -9.17
C TYR A 31 0.61 -9.28 -8.58
N MET A 32 0.97 -8.94 -7.35
CA MET A 32 0.48 -7.71 -6.73
C MET A 32 0.95 -6.51 -7.56
N SER A 33 2.20 -6.55 -7.99
CA SER A 33 2.77 -5.51 -8.83
C SER A 33 1.97 -5.38 -10.13
N ASN A 34 1.56 -6.53 -10.70
CA ASN A 34 0.72 -6.54 -11.90
C ASN A 34 -0.58 -5.79 -11.66
N PHE A 35 -1.12 -5.96 -10.46
CA PHE A 35 -2.36 -5.28 -10.05
C PHE A 35 -2.12 -3.79 -9.89
N ALA A 36 -1.03 -3.44 -9.21
CA ALA A 36 -0.71 -2.04 -8.90
C ALA A 36 -0.23 -1.31 -10.15
N ASP A 37 0.28 -2.06 -11.11
CA ASP A 37 0.88 -1.50 -12.32
C ASP A 37 -0.03 -0.50 -13.02
N LYS A 38 -1.25 -0.93 -13.34
CA LYS A 38 -2.18 -0.05 -14.04
C LYS A 38 -3.17 0.58 -13.06
N HIS A 39 -2.66 1.55 -12.31
CA HIS A 39 -3.47 2.40 -11.44
C HIS A 39 -3.14 3.86 -11.72
N ILE A 40 -3.71 4.37 -12.80
CA ILE A 40 -3.35 5.70 -13.31
C ILE A 40 -4.25 6.79 -12.73
N LYS A 41 -5.33 6.35 -12.08
CA LYS A 41 -6.28 7.27 -11.43
C LYS A 41 -7.10 6.50 -10.41
N ILE A 42 -6.84 6.77 -9.13
CA ILE A 42 -7.53 6.10 -8.03
C ILE A 42 -8.08 7.11 -7.02
N LEU A 43 -7.23 8.03 -6.57
CA LEU A 43 -7.60 9.02 -5.56
C LEU A 43 -7.08 10.40 -5.93
N GLU A 44 -7.60 11.42 -5.25
CA GLU A 44 -7.10 12.79 -5.40
C GLU A 44 -5.73 12.91 -4.73
N SER A 45 -5.12 14.07 -4.87
CA SER A 45 -3.79 14.29 -4.30
C SER A 45 -3.84 14.24 -2.78
N TYR A 46 -4.72 15.06 -2.20
CA TYR A 46 -4.87 15.13 -0.75
C TYR A 46 -5.49 13.85 -0.20
N GLU A 47 -6.38 13.23 -0.97
CA GLU A 47 -7.01 11.98 -0.59
C GLU A 47 -5.95 10.89 -0.45
N ALA A 48 -5.17 10.70 -1.52
CA ALA A 48 -4.12 9.69 -1.52
C ALA A 48 -3.10 10.00 -0.43
N PHE A 49 -2.80 11.28 -0.24
CA PHE A 49 -1.82 11.73 0.75
C PHE A 49 -2.27 11.33 2.16
N ASP A 50 -3.55 11.53 2.45
CA ASP A 50 -4.10 11.18 3.76
C ASP A 50 -4.18 9.67 3.92
N ILE A 51 -4.56 9.01 2.83
CA ILE A 51 -4.60 7.55 2.78
C ILE A 51 -3.19 6.97 3.00
N LEU A 52 -2.15 7.72 2.61
CA LEU A 52 -0.78 7.32 2.91
C LEU A 52 -0.63 7.14 4.42
N LYS A 53 -1.00 8.18 5.15
CA LYS A 53 -0.95 8.17 6.61
C LYS A 53 -1.72 6.99 7.19
N GLN A 54 -2.98 6.85 6.75
CA GLN A 54 -3.84 5.77 7.21
C GLN A 54 -3.20 4.41 6.95
N PHE A 55 -2.67 4.22 5.75
CA PHE A 55 -2.05 2.97 5.36
C PHE A 55 -0.73 2.76 6.09
N VAL A 56 -0.02 3.84 6.37
CA VAL A 56 1.20 3.77 7.18
C VAL A 56 0.86 3.10 8.51
N ASP A 57 -0.12 3.67 9.20
CA ASP A 57 -0.59 3.11 10.46
C ASP A 57 -1.02 1.66 10.29
N TYR A 58 -1.78 1.41 9.23
CA TYR A 58 -2.36 0.09 8.95
C TYR A 58 -1.26 -0.95 8.74
N MET A 59 -0.26 -0.56 7.96
CA MET A 59 0.84 -1.44 7.59
C MET A 59 1.69 -1.78 8.80
N ILE A 60 1.91 -0.80 9.67
CA ILE A 60 2.62 -1.05 10.93
C ILE A 60 1.82 -1.98 11.83
N GLU A 61 0.49 -1.81 11.86
CA GLU A 61 -0.37 -2.65 12.69
C GLU A 61 -0.34 -4.11 12.23
N GLU A 62 -0.68 -4.34 10.95
CA GLU A 62 -0.84 -5.71 10.46
C GLU A 62 0.53 -6.36 10.15
N HIS A 63 1.56 -5.52 10.03
CA HIS A 63 2.97 -5.95 10.07
C HIS A 63 3.25 -7.29 9.36
N ASP A 64 2.92 -7.41 8.09
CA ASP A 64 3.26 -8.64 7.34
C ASP A 64 4.50 -8.40 6.48
N GLU A 65 5.63 -8.96 6.90
CA GLU A 65 6.92 -8.72 6.24
C GLU A 65 6.98 -9.32 4.84
N LYS A 66 6.23 -10.38 4.59
CA LYS A 66 6.19 -11.00 3.26
C LYS A 66 5.33 -10.19 2.32
N SER A 67 4.74 -9.12 2.84
CA SER A 67 3.85 -8.27 2.06
C SER A 67 4.53 -6.93 1.82
N GLU A 68 5.77 -6.82 2.31
CA GLU A 68 6.54 -5.59 2.21
C GLU A 68 6.48 -4.99 0.80
N TYR A 69 6.69 -5.83 -0.21
CA TYR A 69 6.68 -5.39 -1.59
C TYR A 69 5.28 -4.89 -1.99
N GLU A 70 4.25 -5.55 -1.46
CA GLU A 70 2.87 -5.20 -1.80
C GLU A 70 2.52 -3.87 -1.14
N ILE A 71 2.96 -3.73 0.10
CA ILE A 71 2.86 -2.50 0.86
C ILE A 71 3.49 -1.34 0.08
N MET A 72 4.70 -1.57 -0.41
CA MET A 72 5.43 -0.56 -1.16
C MET A 72 4.72 -0.24 -2.48
N GLU A 73 4.19 -1.26 -3.16
CA GLU A 73 3.44 -1.06 -4.40
C GLU A 73 2.24 -0.15 -4.14
N ILE A 74 1.55 -0.39 -3.03
CA ILE A 74 0.41 0.42 -2.63
C ILE A 74 0.84 1.88 -2.41
N LEU A 75 1.89 2.06 -1.60
CA LEU A 75 2.35 3.39 -1.24
C LEU A 75 2.94 4.11 -2.46
N ARG A 76 3.54 3.34 -3.36
CA ARG A 76 4.19 3.91 -4.53
C ARG A 76 3.13 4.38 -5.53
N GLN A 77 2.07 3.58 -5.73
CA GLN A 77 1.02 3.94 -6.68
C GLN A 77 0.23 5.13 -6.14
N LEU A 78 -0.11 5.10 -4.86
CA LEU A 78 -0.84 6.20 -4.22
C LEU A 78 -0.05 7.50 -4.28
N LYS A 79 1.26 7.38 -4.08
CA LYS A 79 2.14 8.56 -4.06
C LYS A 79 2.34 9.10 -5.47
N TYR A 80 2.44 8.18 -6.43
CA TYR A 80 2.63 8.56 -7.84
C TYR A 80 1.37 9.24 -8.35
N GLN A 81 0.23 8.78 -7.85
CA GLN A 81 -1.07 9.38 -8.15
C GLN A 81 -1.21 10.73 -7.47
N ALA A 82 -0.86 10.78 -6.18
CA ALA A 82 -0.91 12.01 -5.40
C ALA A 82 0.04 13.07 -5.95
N ASP A 83 1.03 12.62 -6.70
CA ASP A 83 2.05 13.50 -7.29
C ASP A 83 2.86 14.18 -6.19
N THR A 84 3.76 13.41 -5.58
CA THR A 84 4.60 13.90 -4.51
C THR A 84 5.74 12.92 -4.22
N ASN A 85 6.76 13.40 -3.52
CA ASN A 85 7.89 12.57 -3.09
C ASN A 85 8.00 12.60 -1.57
N GLU A 86 7.05 13.30 -0.94
CA GLU A 86 7.05 13.49 0.51
C GLU A 86 6.68 12.19 1.24
N LYS A 87 7.10 12.10 2.49
CA LYS A 87 6.92 10.90 3.29
C LYS A 87 6.44 11.30 4.69
N PHE A 88 5.26 10.83 5.09
CA PHE A 88 4.70 11.19 6.39
C PHE A 88 4.05 9.97 7.03
N TYR A 89 3.92 10.01 8.35
CA TYR A 89 3.44 8.87 9.12
C TYR A 89 2.51 9.37 10.22
N THR A 90 1.81 8.45 10.86
CA THR A 90 0.93 8.80 11.97
C THR A 90 1.76 8.99 13.24
N ASN A 91 1.27 9.83 14.16
CA ASN A 91 1.99 10.11 15.41
C ASN A 91 2.17 8.84 16.22
N THR A 92 1.24 7.91 16.06
CA THR A 92 1.29 6.63 16.75
C THR A 92 2.45 5.77 16.22
N GLN A 93 2.83 6.01 14.96
CA GLN A 93 3.85 5.19 14.30
C GLN A 93 5.21 5.42 14.95
N LYS A 94 5.54 6.69 15.21
CA LYS A 94 6.78 7.08 15.91
C LYS A 94 8.03 6.89 15.03
N GLN A 95 8.23 5.66 14.56
CA GLN A 95 9.35 5.34 13.68
C GLN A 95 9.00 5.69 12.24
N LYS A 96 9.70 5.09 11.28
CA LYS A 96 9.30 5.17 9.88
C LYS A 96 9.34 3.78 9.25
N ILE A 97 8.35 3.50 8.39
CA ILE A 97 8.20 2.19 7.74
C ILE A 97 9.49 1.82 7.01
N VAL A 98 10.16 2.83 6.48
CA VAL A 98 11.43 2.67 5.79
C VAL A 98 12.40 1.79 6.59
N GLU A 99 12.35 1.89 7.92
CA GLU A 99 13.26 1.13 8.78
C GLU A 99 12.94 -0.37 8.74
N LEU A 100 11.67 -0.72 8.60
CA LEU A 100 11.26 -2.13 8.51
C LEU A 100 11.36 -2.58 7.06
N TYR A 101 11.34 -1.61 6.15
CA TYR A 101 11.46 -1.87 4.72
C TYR A 101 12.83 -2.45 4.37
N LYS A 102 12.82 -3.49 3.55
CA LYS A 102 14.07 -4.04 3.02
C LYS A 102 14.61 -3.12 1.93
N GLN A 103 15.87 -2.76 2.03
CA GLN A 103 16.50 -1.77 1.15
C GLN A 103 16.36 -2.13 -0.33
N GLU A 104 16.59 -3.39 -0.69
CA GLU A 104 16.49 -3.83 -2.09
C GLU A 104 15.11 -3.51 -2.66
N ILE A 105 14.08 -3.62 -1.82
CA ILE A 105 12.71 -3.40 -2.25
C ILE A 105 12.47 -1.92 -2.55
N SER A 106 12.91 -1.07 -1.63
CA SER A 106 12.71 0.37 -1.75
C SER A 106 13.44 0.95 -2.97
N GLN A 107 14.50 0.27 -3.40
CA GLN A 107 15.29 0.72 -4.55
C GLN A 107 14.40 0.86 -5.79
N ASP A 108 13.67 -0.20 -6.12
CA ASP A 108 12.81 -0.22 -7.30
C ASP A 108 11.70 0.81 -7.17
N ILE A 109 11.14 0.92 -5.98
CA ILE A 109 10.04 1.83 -5.71
C ILE A 109 10.43 3.29 -5.96
N LEU A 110 11.52 3.71 -5.34
CA LEU A 110 12.01 5.07 -5.50
C LEU A 110 12.55 5.29 -6.91
N ASN A 111 13.10 4.25 -7.50
CA ASN A 111 13.56 4.29 -8.88
C ASN A 111 12.43 4.71 -9.81
N GLU A 112 11.21 4.26 -9.48
CA GLU A 112 10.03 4.57 -10.28
C GLU A 112 9.50 5.96 -9.95
N ILE A 113 9.19 6.19 -8.69
CA ILE A 113 8.52 7.43 -8.27
C ILE A 113 9.46 8.64 -8.42
N PHE A 114 10.73 8.45 -8.09
CA PHE A 114 11.71 9.54 -8.11
C PHE A 114 12.23 9.76 -9.54
N ARG A 115 11.75 8.92 -10.45
CA ARG A 115 12.13 9.02 -11.87
C ARG A 115 11.62 10.34 -12.47
N MET A 1 -1.28 -10.40 17.11
CA MET A 1 -2.24 -9.56 17.87
C MET A 1 -3.26 -8.91 16.94
N ALA A 2 -4.52 -8.93 17.37
CA ALA A 2 -5.61 -8.18 16.73
C ALA A 2 -5.93 -8.67 15.31
N HIS A 3 -5.43 -9.84 14.91
CA HIS A 3 -5.71 -10.35 13.56
C HIS A 3 -7.17 -10.81 13.42
N HIS A 4 -8.05 -9.83 13.32
CA HIS A 4 -9.49 -10.02 13.17
C HIS A 4 -10.14 -8.72 12.74
N HIS A 5 -9.38 -7.97 11.93
CA HIS A 5 -9.77 -6.63 11.49
C HIS A 5 -11.13 -6.60 10.80
N HIS A 6 -12.18 -6.39 11.59
CA HIS A 6 -13.51 -6.15 11.03
C HIS A 6 -13.58 -4.73 10.49
N HIS A 7 -12.59 -3.92 10.85
CA HIS A 7 -12.48 -2.54 10.38
C HIS A 7 -12.16 -2.53 8.88
N HIS A 8 -13.18 -2.72 8.07
CA HIS A 8 -13.03 -2.74 6.60
C HIS A 8 -13.25 -1.34 6.05
N MET A 9 -12.20 -0.74 5.49
CA MET A 9 -12.29 0.60 4.91
C MET A 9 -13.26 0.59 3.73
N PHE A 10 -14.21 1.53 3.75
CA PHE A 10 -15.36 1.52 2.84
C PHE A 10 -15.01 1.99 1.42
N LEU A 11 -13.76 1.82 1.00
CA LEU A 11 -13.34 2.26 -0.33
C LEU A 11 -12.01 1.63 -0.70
N ASP A 12 -11.02 1.85 0.15
CA ASP A 12 -9.65 1.42 -0.10
C ASP A 12 -9.56 -0.08 -0.40
N ASP A 13 -9.49 -0.38 -1.69
CA ASP A 13 -9.50 -1.77 -2.19
C ASP A 13 -8.33 -2.56 -1.60
N VAL A 14 -7.23 -1.85 -1.33
CA VAL A 14 -6.00 -2.48 -0.86
C VAL A 14 -6.24 -3.34 0.38
N ASN A 15 -7.19 -2.92 1.22
CA ASN A 15 -7.49 -3.67 2.45
C ASN A 15 -7.96 -5.08 2.13
N VAL A 16 -8.95 -5.19 1.24
CA VAL A 16 -9.51 -6.49 0.86
C VAL A 16 -8.54 -7.24 -0.04
N PHE A 17 -7.87 -6.49 -0.91
CA PHE A 17 -6.91 -7.06 -1.85
C PHE A 17 -5.83 -7.83 -1.09
N LEU A 18 -5.20 -7.15 -0.13
CA LEU A 18 -4.13 -7.74 0.66
C LEU A 18 -4.68 -8.80 1.61
N ASP A 19 -5.74 -8.46 2.35
CA ASP A 19 -6.32 -9.37 3.35
C ASP A 19 -6.69 -10.71 2.73
N ASP A 20 -7.50 -10.65 1.67
CA ASP A 20 -7.99 -11.85 1.00
C ASP A 20 -6.84 -12.69 0.46
N LEU A 21 -5.85 -12.04 -0.14
CA LEU A 21 -4.74 -12.72 -0.80
C LEU A 21 -3.71 -13.25 0.20
N ASN A 22 -3.52 -12.54 1.31
CA ASN A 22 -2.52 -12.93 2.30
C ASN A 22 -2.89 -14.26 2.95
N THR A 23 -4.19 -14.47 3.16
CA THR A 23 -4.71 -15.71 3.72
C THR A 23 -5.15 -16.65 2.61
N ASN A 24 -4.67 -16.40 1.41
CA ASN A 24 -5.02 -17.18 0.23
C ASN A 24 -3.81 -18.00 -0.19
N PRO A 25 -4.03 -19.23 -0.71
CA PRO A 25 -2.95 -20.13 -1.12
C PRO A 25 -2.09 -19.53 -2.24
N ILE A 26 -2.59 -18.46 -2.83
CA ILE A 26 -1.83 -17.69 -3.80
C ILE A 26 -0.73 -16.92 -3.09
N THR A 27 -1.11 -15.81 -2.47
CA THR A 27 -0.24 -14.98 -1.64
C THR A 27 1.03 -14.51 -2.39
N ASP A 28 1.07 -14.78 -3.69
CA ASP A 28 2.18 -14.40 -4.53
C ASP A 28 2.15 -12.90 -4.79
N GLU A 29 2.89 -12.15 -4.01
CA GLU A 29 2.95 -10.69 -4.09
C GLU A 29 3.14 -10.17 -5.53
N TRP A 30 3.54 -11.05 -6.45
CA TRP A 30 3.67 -10.71 -7.86
C TRP A 30 2.39 -10.00 -8.37
N TYR A 31 1.23 -10.42 -7.85
CA TYR A 31 -0.06 -9.86 -8.26
C TYR A 31 -0.10 -8.35 -8.08
N MET A 32 0.71 -7.84 -7.14
CA MET A 32 0.74 -6.43 -6.84
C MET A 32 1.27 -5.64 -8.04
N SER A 33 2.20 -6.24 -8.77
CA SER A 33 2.74 -5.61 -9.97
C SER A 33 1.65 -5.44 -11.02
N ASN A 34 0.74 -6.42 -11.07
CA ASN A 34 -0.39 -6.39 -12.01
C ASN A 34 -1.42 -5.38 -11.55
N PHE A 35 -1.49 -5.16 -10.23
CA PHE A 35 -2.42 -4.19 -9.65
C PHE A 35 -1.93 -2.77 -9.93
N ALA A 36 -0.66 -2.51 -9.60
CA ALA A 36 -0.05 -1.20 -9.80
C ALA A 36 0.14 -0.89 -11.28
N ASP A 37 0.10 -1.95 -12.10
CA ASP A 37 0.24 -1.80 -13.54
C ASP A 37 -0.90 -0.97 -14.12
N LYS A 38 -2.09 -1.15 -13.57
CA LYS A 38 -3.27 -0.47 -14.08
C LYS A 38 -3.27 0.98 -13.63
N HIS A 39 -2.59 1.82 -14.40
CA HIS A 39 -2.45 3.23 -14.07
C HIS A 39 -3.72 4.00 -14.42
N ILE A 40 -4.72 3.82 -13.57
CA ILE A 40 -5.97 4.55 -13.67
C ILE A 40 -6.02 5.59 -12.56
N LYS A 41 -6.90 6.59 -12.66
CA LYS A 41 -7.01 7.59 -11.61
C LYS A 41 -7.55 6.95 -10.33
N ILE A 42 -6.64 6.34 -9.58
CA ILE A 42 -6.99 5.61 -8.36
C ILE A 42 -7.55 6.54 -7.29
N LEU A 43 -6.91 7.68 -7.12
CA LEU A 43 -7.31 8.70 -6.15
C LEU A 43 -6.86 10.07 -6.62
N GLU A 44 -7.36 11.12 -5.99
CA GLU A 44 -6.90 12.46 -6.27
C GLU A 44 -5.59 12.72 -5.53
N SER A 45 -5.05 13.92 -5.68
CA SER A 45 -3.80 14.29 -5.04
C SER A 45 -3.95 14.28 -3.52
N TYR A 46 -4.92 15.03 -3.04
CA TYR A 46 -5.22 15.13 -1.61
C TYR A 46 -5.69 13.79 -1.06
N GLU A 47 -6.53 13.09 -1.85
CA GLU A 47 -7.06 11.79 -1.44
C GLU A 47 -5.92 10.81 -1.20
N ALA A 48 -5.07 10.65 -2.21
CA ALA A 48 -3.95 9.71 -2.13
C ALA A 48 -3.00 10.11 -1.01
N PHE A 49 -2.74 11.41 -0.88
CA PHE A 49 -1.83 11.92 0.15
C PHE A 49 -2.32 11.53 1.54
N ASP A 50 -3.61 11.71 1.78
CA ASP A 50 -4.20 11.37 3.08
C ASP A 50 -4.19 9.86 3.29
N ILE A 51 -4.50 9.15 2.22
CA ILE A 51 -4.49 7.69 2.23
C ILE A 51 -3.09 7.15 2.51
N LEU A 52 -2.06 7.93 2.13
CA LEU A 52 -0.69 7.56 2.49
C LEU A 52 -0.57 7.43 4.00
N LYS A 53 -1.07 8.44 4.70
CA LYS A 53 -1.09 8.46 6.16
C LYS A 53 -1.86 7.24 6.67
N GLN A 54 -3.08 7.09 6.14
CA GLN A 54 -3.97 6.00 6.56
C GLN A 54 -3.28 4.65 6.42
N PHE A 55 -2.66 4.43 5.27
CA PHE A 55 -1.99 3.18 4.97
C PHE A 55 -0.70 3.02 5.78
N VAL A 56 -0.02 4.13 6.05
CA VAL A 56 1.18 4.11 6.89
C VAL A 56 0.84 3.51 8.26
N ASP A 57 -0.12 4.13 8.93
CA ASP A 57 -0.54 3.64 10.24
C ASP A 57 -1.16 2.27 10.13
N TYR A 58 -1.96 2.03 9.09
CA TYR A 58 -2.65 0.76 8.94
C TYR A 58 -1.66 -0.39 8.72
N MET A 59 -0.64 -0.15 7.89
CA MET A 59 0.36 -1.18 7.62
C MET A 59 1.23 -1.38 8.85
N ILE A 60 1.44 -0.32 9.63
CA ILE A 60 2.14 -0.47 10.90
C ILE A 60 1.29 -1.29 11.88
N GLU A 61 -0.03 -1.12 11.81
CA GLU A 61 -0.96 -1.91 12.63
C GLU A 61 -0.85 -3.39 12.26
N GLU A 62 -0.97 -3.68 10.96
CA GLU A 62 -1.04 -5.06 10.49
C GLU A 62 0.34 -5.74 10.53
N HIS A 63 1.38 -4.91 10.64
CA HIS A 63 2.76 -5.35 10.88
C HIS A 63 3.14 -6.64 10.14
N ASP A 64 2.59 -6.82 8.94
CA ASP A 64 2.85 -8.04 8.17
C ASP A 64 4.19 -7.95 7.46
N GLU A 65 5.10 -8.85 7.81
CA GLU A 65 6.48 -8.80 7.32
C GLU A 65 6.59 -9.10 5.82
N LYS A 66 5.65 -9.87 5.25
CA LYS A 66 5.77 -10.31 3.86
C LYS A 66 5.23 -9.25 2.90
N SER A 67 4.71 -8.16 3.45
CA SER A 67 3.88 -7.25 2.69
C SER A 67 4.73 -6.13 2.13
N GLU A 68 6.01 -6.22 2.42
CA GLU A 68 6.97 -5.18 2.09
C GLU A 68 6.79 -4.68 0.65
N TYR A 69 6.93 -5.58 -0.31
CA TYR A 69 6.77 -5.24 -1.72
C TYR A 69 5.39 -4.64 -1.98
N GLU A 70 4.38 -5.16 -1.27
CA GLU A 70 2.99 -4.80 -1.52
C GLU A 70 2.70 -3.38 -1.04
N ILE A 71 3.03 -3.10 0.22
CA ILE A 71 2.84 -1.78 0.81
C ILE A 71 3.65 -0.73 0.04
N MET A 72 4.90 -1.07 -0.32
CA MET A 72 5.74 -0.13 -1.05
C MET A 72 5.14 0.20 -2.41
N GLU A 73 4.72 -0.83 -3.14
CA GLU A 73 4.07 -0.65 -4.44
C GLU A 73 2.85 0.26 -4.31
N ILE A 74 1.97 -0.08 -3.35
CA ILE A 74 0.75 0.68 -3.15
C ILE A 74 1.07 2.16 -2.91
N LEU A 75 1.99 2.42 -2.00
CA LEU A 75 2.32 3.78 -1.62
C LEU A 75 2.93 4.52 -2.79
N ARG A 76 3.80 3.85 -3.53
CA ARG A 76 4.54 4.49 -4.59
C ARG A 76 3.64 4.87 -5.75
N GLN A 77 2.65 4.02 -6.06
CA GLN A 77 1.69 4.36 -7.12
C GLN A 77 0.77 5.47 -6.65
N LEU A 78 0.39 5.42 -5.37
CA LEU A 78 -0.40 6.49 -4.76
C LEU A 78 0.35 7.82 -4.82
N LYS A 79 1.66 7.77 -4.56
CA LYS A 79 2.51 8.97 -4.56
C LYS A 79 2.66 9.53 -5.96
N TYR A 80 2.88 8.64 -6.93
CA TYR A 80 3.05 9.04 -8.32
C TYR A 80 1.75 9.65 -8.85
N GLN A 81 0.64 9.10 -8.39
CA GLN A 81 -0.69 9.61 -8.73
C GLN A 81 -0.94 10.96 -8.02
N ALA A 82 -0.57 11.02 -6.75
CA ALA A 82 -0.69 12.24 -5.96
C ALA A 82 0.30 13.31 -6.41
N ASP A 83 1.27 12.91 -7.24
CA ASP A 83 2.27 13.82 -7.78
C ASP A 83 3.16 14.37 -6.65
N THR A 84 3.38 13.55 -5.63
CA THR A 84 4.17 13.95 -4.47
C THR A 84 5.36 13.00 -4.26
N ASN A 85 6.54 13.59 -4.09
CA ASN A 85 7.74 12.83 -3.75
C ASN A 85 7.76 12.50 -2.27
N GLU A 86 7.13 13.33 -1.46
CA GLU A 86 7.04 13.12 -0.01
C GLU A 86 5.99 12.05 0.32
N LYS A 87 5.91 11.75 1.61
CA LYS A 87 4.88 10.87 2.16
C LYS A 87 4.87 11.05 3.68
N PHE A 88 3.70 10.93 4.31
CA PHE A 88 3.56 11.30 5.70
C PHE A 88 3.80 10.11 6.62
N TYR A 89 4.06 10.43 7.87
CA TYR A 89 4.27 9.43 8.93
C TYR A 89 3.94 10.05 10.28
N THR A 90 3.83 9.21 11.29
CA THR A 90 3.43 9.64 12.62
C THR A 90 4.31 9.00 13.69
N ASN A 91 4.37 9.64 14.86
CA ASN A 91 5.03 9.06 16.03
C ASN A 91 4.21 7.88 16.55
N THR A 92 2.93 7.89 16.23
CA THR A 92 2.03 6.80 16.58
C THR A 92 2.44 5.52 15.84
N GLN A 93 2.78 5.69 14.56
CA GLN A 93 3.23 4.59 13.73
C GLN A 93 4.40 3.86 14.40
N LYS A 94 5.46 4.62 14.72
CA LYS A 94 6.61 4.11 15.48
C LYS A 94 7.78 5.09 15.32
N GLN A 95 8.45 4.99 14.18
CA GLN A 95 9.58 5.86 13.83
C GLN A 95 9.57 6.05 12.32
N LYS A 96 9.94 4.99 11.61
CA LYS A 96 9.89 4.97 10.15
C LYS A 96 9.83 3.53 9.64
N ILE A 97 8.76 3.26 8.89
CA ILE A 97 8.47 1.92 8.35
C ILE A 97 9.66 1.39 7.56
N VAL A 98 10.37 2.32 6.93
CA VAL A 98 11.58 2.01 6.17
C VAL A 98 12.46 0.98 6.88
N GLU A 99 12.47 1.02 8.23
CA GLU A 99 13.25 0.07 9.03
C GLU A 99 12.86 -1.38 8.71
N LEU A 100 11.55 -1.65 8.64
CA LEU A 100 11.06 -2.99 8.35
C LEU A 100 11.04 -3.23 6.84
N TYR A 101 10.95 -2.13 6.09
CA TYR A 101 10.94 -2.16 4.63
C TYR A 101 12.21 -2.84 4.10
N LYS A 102 12.02 -3.88 3.28
CA LYS A 102 13.13 -4.53 2.59
C LYS A 102 13.87 -3.51 1.72
N GLN A 103 15.10 -3.18 2.10
CA GLN A 103 15.88 -2.14 1.42
C GLN A 103 16.08 -2.46 -0.06
N GLU A 104 16.13 -3.75 -0.38
CA GLU A 104 16.33 -4.19 -1.76
C GLU A 104 15.11 -3.82 -2.61
N ILE A 105 13.93 -3.91 -2.00
CA ILE A 105 12.68 -3.61 -2.69
C ILE A 105 12.53 -2.12 -2.89
N SER A 106 12.90 -1.35 -1.85
CA SER A 106 12.76 0.10 -1.90
C SER A 106 13.56 0.71 -3.05
N GLN A 107 14.59 -0.02 -3.50
CA GLN A 107 15.43 0.45 -4.60
C GLN A 107 14.60 0.67 -5.87
N ASP A 108 13.68 -0.24 -6.14
CA ASP A 108 12.81 -0.16 -7.33
C ASP A 108 11.76 0.93 -7.14
N ILE A 109 11.25 1.02 -5.91
CA ILE A 109 10.23 2.01 -5.56
C ILE A 109 10.73 3.43 -5.79
N LEU A 110 11.89 3.71 -5.19
CA LEU A 110 12.52 5.01 -5.31
C LEU A 110 13.01 5.24 -6.74
N ASN A 111 13.33 4.15 -7.43
CA ASN A 111 13.77 4.21 -8.83
C ASN A 111 12.70 4.86 -9.70
N GLU A 112 11.43 4.53 -9.45
CA GLU A 112 10.31 5.11 -10.17
C GLU A 112 9.94 6.50 -9.62
N ILE A 113 9.69 6.58 -8.32
CA ILE A 113 9.15 7.81 -7.75
C ILE A 113 10.23 8.89 -7.59
N PHE A 114 11.42 8.49 -7.17
CA PHE A 114 12.56 9.41 -7.07
C PHE A 114 13.48 9.21 -8.27
N ARG A 115 12.86 8.96 -9.41
CA ARG A 115 13.56 8.75 -10.67
C ARG A 115 14.46 9.94 -11.01
N MET A 1 -17.00 -22.60 16.03
CA MET A 1 -18.16 -22.37 15.13
C MET A 1 -18.79 -21.01 15.47
N ALA A 2 -18.47 -19.99 14.67
CA ALA A 2 -18.99 -18.66 14.88
C ALA A 2 -20.34 -18.48 14.18
N HIS A 3 -21.40 -18.85 14.88
CA HIS A 3 -22.77 -18.77 14.34
C HIS A 3 -23.18 -17.32 14.07
N HIS A 4 -23.80 -17.11 12.92
CA HIS A 4 -24.36 -15.79 12.53
C HIS A 4 -23.27 -14.71 12.53
N HIS A 5 -22.03 -15.12 12.31
CA HIS A 5 -20.91 -14.17 12.28
C HIS A 5 -20.84 -13.49 10.90
N HIS A 6 -21.28 -12.24 10.85
CA HIS A 6 -21.17 -11.43 9.63
C HIS A 6 -20.60 -10.06 9.97
N HIS A 7 -19.51 -9.71 9.30
CA HIS A 7 -18.80 -8.47 9.58
C HIS A 7 -18.25 -7.87 8.28
N HIS A 8 -18.80 -6.74 7.86
CA HIS A 8 -18.35 -6.06 6.65
C HIS A 8 -17.70 -4.72 6.99
N MET A 9 -16.38 -4.71 7.08
CA MET A 9 -15.61 -3.47 7.27
C MET A 9 -14.42 -3.48 6.31
N PHE A 10 -14.72 -3.32 5.04
CA PHE A 10 -13.70 -3.32 4.00
C PHE A 10 -13.62 -1.94 3.35
N LEU A 11 -12.41 -1.42 3.28
CA LEU A 11 -12.16 -0.11 2.66
C LEU A 11 -11.81 -0.30 1.18
N ASP A 12 -10.87 0.51 0.68
CA ASP A 12 -10.51 0.48 -0.74
C ASP A 12 -9.85 -0.85 -1.14
N ASP A 13 -9.42 -0.91 -2.39
CA ASP A 13 -8.89 -2.13 -3.01
C ASP A 13 -7.81 -2.77 -2.14
N VAL A 14 -6.85 -1.94 -1.71
CA VAL A 14 -5.74 -2.41 -0.89
C VAL A 14 -6.22 -3.12 0.36
N ASN A 15 -7.26 -2.59 1.00
CA ASN A 15 -7.79 -3.19 2.22
C ASN A 15 -8.22 -4.63 1.95
N VAL A 16 -8.96 -4.81 0.85
CA VAL A 16 -9.42 -6.12 0.44
C VAL A 16 -8.24 -7.03 0.13
N PHE A 17 -7.22 -6.48 -0.51
CA PHE A 17 -6.01 -7.26 -0.83
C PHE A 17 -5.42 -7.87 0.44
N LEU A 18 -5.15 -7.02 1.42
CA LEU A 18 -4.58 -7.46 2.70
C LEU A 18 -5.52 -8.42 3.42
N ASP A 19 -6.79 -8.03 3.56
CA ASP A 19 -7.77 -8.85 4.27
C ASP A 19 -7.96 -10.20 3.58
N ASP A 20 -7.94 -10.20 2.26
CA ASP A 20 -8.14 -11.42 1.49
C ASP A 20 -6.94 -12.34 1.64
N LEU A 21 -5.75 -11.77 1.51
CA LEU A 21 -4.50 -12.54 1.61
C LEU A 21 -4.25 -12.96 3.06
N ASN A 22 -4.90 -12.25 3.99
CA ASN A 22 -4.81 -12.59 5.41
C ASN A 22 -5.50 -13.93 5.68
N THR A 23 -6.59 -14.17 4.96
CA THR A 23 -7.37 -15.40 5.12
C THR A 23 -7.06 -16.40 4.01
N ASN A 24 -6.38 -15.93 2.96
CA ASN A 24 -6.07 -16.75 1.80
C ASN A 24 -4.56 -16.72 1.51
N PRO A 25 -3.90 -17.90 1.51
CA PRO A 25 -2.44 -18.01 1.33
C PRO A 25 -1.97 -17.73 -0.10
N ILE A 26 -2.86 -17.16 -0.90
CA ILE A 26 -2.58 -16.81 -2.30
C ILE A 26 -1.25 -16.06 -2.43
N THR A 27 -1.23 -14.85 -1.89
CA THR A 27 -0.07 -13.96 -1.92
C THR A 27 0.58 -13.90 -3.31
N ASP A 28 -0.24 -13.73 -4.36
CA ASP A 28 0.29 -13.60 -5.73
C ASP A 28 0.88 -12.21 -5.93
N GLU A 29 2.20 -12.13 -5.84
CA GLU A 29 2.92 -10.87 -6.00
C GLU A 29 2.51 -10.18 -7.30
N TRP A 30 2.47 -10.96 -8.38
CA TRP A 30 2.20 -10.43 -9.71
C TRP A 30 0.82 -9.80 -9.81
N TYR A 31 -0.14 -10.32 -9.04
CA TYR A 31 -1.51 -9.81 -9.07
C TYR A 31 -1.60 -8.45 -8.39
N MET A 32 -0.64 -8.17 -7.51
CA MET A 32 -0.61 -6.90 -6.81
C MET A 32 0.05 -5.88 -7.72
N SER A 33 1.13 -6.32 -8.34
CA SER A 33 1.85 -5.53 -9.30
C SER A 33 0.95 -5.22 -10.50
N ASN A 34 -0.02 -6.10 -10.79
CA ASN A 34 -1.00 -5.85 -11.86
C ASN A 34 -1.80 -4.58 -11.54
N PHE A 35 -2.16 -4.45 -10.26
CA PHE A 35 -2.92 -3.29 -9.80
C PHE A 35 -2.03 -2.05 -9.76
N ALA A 36 -0.79 -2.22 -9.30
CA ALA A 36 0.16 -1.11 -9.18
C ALA A 36 0.66 -0.67 -10.56
N ASP A 37 0.59 -1.57 -11.53
CA ASP A 37 1.03 -1.27 -12.90
C ASP A 37 0.09 -0.27 -13.56
N LYS A 38 -1.12 -0.14 -13.01
CA LYS A 38 -2.10 0.82 -13.51
C LYS A 38 -1.58 2.23 -13.35
N HIS A 39 -0.77 2.67 -14.31
CA HIS A 39 -0.22 4.02 -14.31
C HIS A 39 -1.24 5.00 -14.86
N ILE A 40 -2.42 4.99 -14.24
CA ILE A 40 -3.53 5.87 -14.59
C ILE A 40 -4.02 6.53 -13.29
N LYS A 41 -5.05 7.37 -13.34
CA LYS A 41 -5.57 7.96 -12.11
C LYS A 41 -6.16 6.90 -11.19
N ILE A 42 -5.34 6.36 -10.31
CA ILE A 42 -5.78 5.40 -9.32
C ILE A 42 -6.53 6.09 -8.19
N LEU A 43 -6.16 7.35 -7.95
CA LEU A 43 -6.76 8.19 -6.90
C LEU A 43 -6.42 9.65 -7.20
N GLU A 44 -7.11 10.59 -6.55
CA GLU A 44 -6.71 11.99 -6.62
C GLU A 44 -5.57 12.26 -5.66
N SER A 45 -4.93 13.42 -5.82
CA SER A 45 -3.72 13.74 -5.10
C SER A 45 -3.94 13.72 -3.58
N TYR A 46 -4.92 14.49 -3.11
CA TYR A 46 -5.22 14.59 -1.68
C TYR A 46 -5.66 13.23 -1.12
N GLU A 47 -6.46 12.50 -1.89
CA GLU A 47 -6.95 11.19 -1.47
C GLU A 47 -5.78 10.27 -1.22
N ALA A 48 -4.92 10.14 -2.21
CA ALA A 48 -3.75 9.29 -2.12
C ALA A 48 -2.86 9.73 -0.96
N PHE A 49 -2.67 11.04 -0.83
CA PHE A 49 -1.84 11.61 0.25
C PHE A 49 -2.30 11.11 1.63
N ASP A 50 -3.57 11.30 1.94
CA ASP A 50 -4.10 10.88 3.25
C ASP A 50 -4.14 9.36 3.34
N ILE A 51 -4.39 8.73 2.19
CA ILE A 51 -4.40 7.28 2.11
C ILE A 51 -3.01 6.71 2.38
N LEU A 52 -1.96 7.50 2.12
CA LEU A 52 -0.61 7.13 2.55
C LEU A 52 -0.61 6.92 4.04
N LYS A 53 -1.16 7.89 4.76
CA LYS A 53 -1.21 7.90 6.22
C LYS A 53 -1.97 6.67 6.75
N GLN A 54 -3.21 6.52 6.28
CA GLN A 54 -4.04 5.41 6.77
C GLN A 54 -3.35 4.08 6.45
N PHE A 55 -2.69 4.02 5.31
CA PHE A 55 -1.92 2.83 4.94
C PHE A 55 -0.69 2.70 5.81
N VAL A 56 -0.10 3.82 6.23
CA VAL A 56 1.03 3.78 7.16
C VAL A 56 0.62 3.02 8.41
N ASP A 57 -0.46 3.48 9.06
CA ASP A 57 -0.89 2.83 10.30
C ASP A 57 -1.42 1.42 10.03
N TYR A 58 -1.98 1.21 8.83
CA TYR A 58 -2.43 -0.12 8.41
C TYR A 58 -1.26 -1.09 8.32
N MET A 59 -0.21 -0.66 7.65
CA MET A 59 0.96 -1.50 7.39
C MET A 59 1.65 -1.82 8.71
N ILE A 60 1.70 -0.84 9.60
CA ILE A 60 2.24 -1.06 10.94
C ILE A 60 1.37 -2.04 11.73
N GLU A 61 0.05 -1.93 11.57
CA GLU A 61 -0.87 -2.84 12.26
C GLU A 61 -0.60 -4.29 11.90
N GLU A 62 -0.42 -4.58 10.61
CA GLU A 62 -0.29 -5.98 10.18
C GLU A 62 1.18 -6.43 10.10
N HIS A 63 2.11 -5.46 10.05
CA HIS A 63 3.56 -5.72 10.15
C HIS A 63 3.96 -7.03 9.44
N ASP A 64 3.41 -7.28 8.25
CA ASP A 64 3.58 -8.58 7.59
C ASP A 64 4.85 -8.64 6.74
N GLU A 65 5.61 -9.71 6.92
CA GLU A 65 6.88 -9.93 6.21
C GLU A 65 6.64 -10.17 4.70
N LYS A 66 5.57 -10.88 4.39
CA LYS A 66 5.31 -11.33 3.02
C LYS A 66 4.62 -10.25 2.19
N SER A 67 4.40 -9.08 2.80
CA SER A 67 3.61 -8.03 2.17
C SER A 67 4.53 -6.91 1.68
N GLU A 68 5.81 -7.03 2.03
CA GLU A 68 6.82 -6.01 1.75
C GLU A 68 6.70 -5.48 0.32
N TYR A 69 6.69 -6.39 -0.64
CA TYR A 69 6.63 -6.01 -2.04
C TYR A 69 5.33 -5.26 -2.32
N GLU A 70 4.24 -5.70 -1.68
CA GLU A 70 2.93 -5.12 -1.96
C GLU A 70 2.84 -3.72 -1.38
N ILE A 71 3.20 -3.59 -0.10
CA ILE A 71 3.18 -2.30 0.57
C ILE A 71 4.07 -1.29 -0.17
N MET A 72 5.19 -1.78 -0.73
CA MET A 72 6.05 -0.94 -1.57
C MET A 72 5.30 -0.51 -2.85
N GLU A 73 4.67 -1.47 -3.54
CA GLU A 73 3.92 -1.17 -4.76
C GLU A 73 2.83 -0.13 -4.46
N ILE A 74 2.14 -0.32 -3.34
CA ILE A 74 1.04 0.54 -2.93
C ILE A 74 1.53 1.96 -2.69
N LEU A 75 2.51 2.11 -1.80
CA LEU A 75 2.98 3.42 -1.41
C LEU A 75 3.59 4.14 -2.59
N ARG A 76 4.23 3.39 -3.49
CA ARG A 76 4.86 4.00 -4.65
C ARG A 76 3.80 4.53 -5.62
N GLN A 77 2.79 3.72 -5.93
CA GLN A 77 1.78 4.13 -6.90
C GLN A 77 0.97 5.31 -6.36
N LEU A 78 0.69 5.28 -5.06
CA LEU A 78 -0.09 6.34 -4.43
C LEU A 78 0.61 7.70 -4.54
N LYS A 79 1.88 7.76 -4.14
CA LYS A 79 2.62 9.03 -4.21
C LYS A 79 2.96 9.41 -5.64
N TYR A 80 3.20 8.39 -6.47
CA TYR A 80 3.47 8.58 -7.89
C TYR A 80 2.27 9.27 -8.55
N GLN A 81 1.09 8.90 -8.08
CA GLN A 81 -0.16 9.53 -8.52
C GLN A 81 -0.32 10.91 -7.87
N ALA A 82 -0.16 10.92 -6.56
CA ALA A 82 -0.36 12.12 -5.75
C ALA A 82 0.65 13.22 -6.09
N ASP A 83 1.75 12.83 -6.75
CA ASP A 83 2.84 13.75 -7.07
C ASP A 83 3.44 14.30 -5.78
N THR A 84 3.41 13.49 -4.73
CA THR A 84 3.88 13.89 -3.42
C THR A 84 5.29 13.34 -3.15
N ASN A 85 6.28 14.22 -3.22
CA ASN A 85 7.67 13.86 -2.95
C ASN A 85 7.87 13.61 -1.46
N GLU A 86 6.94 14.08 -0.65
CA GLU A 86 7.03 13.94 0.80
C GLU A 86 6.63 12.55 1.29
N LYS A 87 6.95 12.31 2.55
CA LYS A 87 6.75 11.01 3.20
C LYS A 87 6.23 11.25 4.61
N PHE A 88 5.31 10.41 5.08
CA PHE A 88 4.71 10.63 6.40
C PHE A 88 4.62 9.30 7.15
N TYR A 89 4.56 9.41 8.47
CA TYR A 89 4.36 8.25 9.33
C TYR A 89 3.57 8.66 10.56
N THR A 90 3.01 7.68 11.25
CA THR A 90 2.09 7.94 12.35
C THR A 90 2.85 8.15 13.66
N ASN A 91 2.25 8.96 14.55
CA ASN A 91 2.85 9.27 15.84
C ASN A 91 3.02 7.99 16.66
N THR A 92 2.06 7.08 16.49
CA THR A 92 2.08 5.79 17.15
C THR A 92 3.29 4.97 16.68
N GLN A 93 3.60 5.09 15.39
CA GLN A 93 4.72 4.35 14.80
C GLN A 93 6.04 4.89 15.35
N LYS A 94 6.12 6.22 15.47
CA LYS A 94 7.24 6.88 16.14
C LYS A 94 8.55 6.66 15.37
N GLN A 95 8.42 6.20 14.13
CA GLN A 95 9.56 5.90 13.27
C GLN A 95 9.09 5.79 11.82
N LYS A 96 10.03 5.74 10.87
CA LYS A 96 9.70 5.67 9.44
C LYS A 96 9.44 4.22 9.04
N ILE A 97 8.50 3.99 8.12
CA ILE A 97 8.22 2.65 7.59
C ILE A 97 9.45 2.14 6.84
N VAL A 98 10.14 3.06 6.18
CA VAL A 98 11.37 2.75 5.45
C VAL A 98 12.36 2.01 6.34
N GLU A 99 12.35 2.34 7.64
CA GLU A 99 13.25 1.72 8.60
C GLU A 99 13.01 0.21 8.70
N LEU A 100 11.75 -0.19 8.64
CA LEU A 100 11.39 -1.61 8.74
C LEU A 100 11.47 -2.26 7.37
N TYR A 101 11.29 -1.44 6.33
CA TYR A 101 11.39 -1.90 4.95
C TYR A 101 12.80 -2.40 4.64
N LYS A 102 12.90 -3.44 3.83
CA LYS A 102 14.20 -3.89 3.35
C LYS A 102 14.67 -3.03 2.19
N GLN A 103 15.87 -2.46 2.34
CA GLN A 103 16.38 -1.44 1.43
C GLN A 103 16.39 -1.91 -0.02
N GLU A 104 16.81 -3.16 -0.22
CA GLU A 104 16.96 -3.72 -1.57
C GLU A 104 15.68 -3.56 -2.40
N ILE A 105 14.53 -3.56 -1.73
CA ILE A 105 13.25 -3.40 -2.41
C ILE A 105 12.98 -1.91 -2.69
N SER A 106 13.24 -1.07 -1.70
CA SER A 106 12.94 0.36 -1.77
C SER A 106 13.78 1.07 -2.83
N GLN A 107 14.96 0.51 -3.13
CA GLN A 107 15.87 1.12 -4.11
C GLN A 107 15.17 1.30 -5.46
N ASP A 108 14.58 0.22 -5.94
CA ASP A 108 13.86 0.22 -7.22
C ASP A 108 12.65 1.16 -7.17
N ILE A 109 11.91 1.07 -6.07
CA ILE A 109 10.71 1.87 -5.88
C ILE A 109 11.01 3.37 -5.99
N LEU A 110 11.98 3.82 -5.20
CA LEU A 110 12.36 5.23 -5.21
C LEU A 110 13.03 5.58 -6.53
N ASN A 111 13.79 4.65 -7.08
CA ASN A 111 14.46 4.84 -8.35
C ASN A 111 13.46 5.28 -9.42
N GLU A 112 12.27 4.68 -9.39
CA GLU A 112 11.20 4.99 -10.33
C GLU A 112 10.45 6.26 -9.94
N ILE A 113 10.06 6.38 -8.67
CA ILE A 113 9.26 7.52 -8.23
C ILE A 113 10.04 8.84 -8.33
N PHE A 114 11.33 8.79 -8.03
CA PHE A 114 12.18 9.99 -8.03
C PHE A 114 12.87 10.13 -9.40
N ARG A 115 12.55 9.20 -10.30
CA ARG A 115 13.12 9.14 -11.63
C ARG A 115 12.82 10.43 -12.42
N MET A 1 -28.90 -26.11 -14.88
CA MET A 1 -29.65 -24.88 -14.52
C MET A 1 -28.68 -23.73 -14.27
N ALA A 2 -28.84 -22.64 -15.03
CA ALA A 2 -27.96 -21.49 -14.92
C ALA A 2 -28.32 -20.64 -13.70
N HIS A 3 -27.31 -20.00 -13.12
CA HIS A 3 -27.50 -19.11 -11.98
C HIS A 3 -26.92 -17.74 -12.29
N HIS A 4 -27.78 -16.81 -12.70
CA HIS A 4 -27.37 -15.45 -13.02
C HIS A 4 -27.50 -14.57 -11.78
N HIS A 5 -26.38 -14.37 -11.10
CA HIS A 5 -26.36 -13.62 -9.84
C HIS A 5 -24.95 -13.08 -9.60
N HIS A 6 -24.82 -11.76 -9.53
CA HIS A 6 -23.51 -11.11 -9.42
C HIS A 6 -23.59 -9.88 -8.53
N HIS A 7 -22.45 -9.47 -7.97
CA HIS A 7 -22.37 -8.26 -7.16
C HIS A 7 -20.99 -7.61 -7.27
N HIS A 8 -20.97 -6.29 -7.20
CA HIS A 8 -19.72 -5.51 -7.14
C HIS A 8 -19.78 -4.59 -5.93
N MET A 9 -18.78 -4.68 -5.05
CA MET A 9 -18.75 -3.90 -3.81
C MET A 9 -17.75 -2.76 -3.91
N PHE A 10 -17.99 -1.71 -3.14
CA PHE A 10 -17.12 -0.53 -3.14
C PHE A 10 -16.15 -0.59 -1.97
N LEU A 11 -14.96 -1.09 -2.24
CA LEU A 11 -13.89 -1.20 -1.24
C LEU A 11 -12.53 -1.03 -1.92
N ASP A 12 -11.52 -0.67 -1.13
CA ASP A 12 -10.18 -0.46 -1.67
C ASP A 12 -9.50 -1.80 -1.91
N ASP A 13 -8.72 -1.86 -2.97
CA ASP A 13 -8.07 -3.10 -3.40
C ASP A 13 -7.02 -3.54 -2.40
N VAL A 14 -6.40 -2.58 -1.71
CA VAL A 14 -5.30 -2.84 -0.80
C VAL A 14 -5.72 -3.79 0.32
N ASN A 15 -6.76 -3.40 1.04
CA ASN A 15 -7.25 -4.14 2.19
C ASN A 15 -7.73 -5.53 1.78
N VAL A 16 -8.59 -5.57 0.76
CA VAL A 16 -9.18 -6.82 0.32
C VAL A 16 -8.12 -7.78 -0.19
N PHE A 17 -7.15 -7.24 -0.90
CA PHE A 17 -6.05 -8.05 -1.44
C PHE A 17 -5.20 -8.65 -0.33
N LEU A 18 -4.71 -7.81 0.57
CA LEU A 18 -3.84 -8.26 1.66
C LEU A 18 -4.59 -9.26 2.56
N ASP A 19 -5.87 -8.97 2.78
CA ASP A 19 -6.73 -9.83 3.59
C ASP A 19 -7.02 -11.14 2.87
N ASP A 20 -7.24 -11.04 1.56
CA ASP A 20 -7.56 -12.21 0.74
C ASP A 20 -6.45 -13.25 0.81
N LEU A 21 -5.21 -12.78 0.75
CA LEU A 21 -4.06 -13.67 0.78
C LEU A 21 -3.83 -14.21 2.19
N ASN A 22 -4.46 -13.59 3.17
CA ASN A 22 -4.42 -14.05 4.55
C ASN A 22 -5.39 -15.20 4.74
N THR A 23 -6.64 -14.95 4.40
CA THR A 23 -7.70 -15.94 4.49
C THR A 23 -7.46 -17.10 3.53
N ASN A 24 -6.97 -16.75 2.36
CA ASN A 24 -6.69 -17.72 1.32
C ASN A 24 -5.18 -17.69 0.99
N PRO A 25 -4.44 -18.75 1.35
CA PRO A 25 -2.96 -18.83 1.20
C PRO A 25 -2.47 -18.80 -0.26
N ILE A 26 -3.30 -18.29 -1.15
CA ILE A 26 -2.92 -18.07 -2.55
C ILE A 26 -1.60 -17.31 -2.63
N THR A 27 -1.46 -16.32 -1.75
CA THR A 27 -0.25 -15.50 -1.63
C THR A 27 0.25 -15.00 -2.99
N ASP A 28 -0.66 -14.78 -3.93
CA ASP A 28 -0.28 -14.29 -5.26
C ASP A 28 -0.05 -12.79 -5.20
N GLU A 29 1.18 -12.41 -4.89
CA GLU A 29 1.57 -11.00 -4.86
C GLU A 29 1.60 -10.43 -6.27
N TRP A 30 1.59 -11.31 -7.26
CA TRP A 30 1.76 -10.91 -8.66
C TRP A 30 0.63 -9.98 -9.11
N TYR A 31 -0.58 -10.18 -8.56
CA TYR A 31 -1.70 -9.28 -8.84
C TYR A 31 -1.33 -7.84 -8.50
N MET A 32 -0.62 -7.69 -7.37
CA MET A 32 -0.28 -6.37 -6.84
C MET A 32 0.57 -5.58 -7.84
N SER A 33 1.56 -6.25 -8.43
CA SER A 33 2.42 -5.61 -9.42
C SER A 33 1.59 -5.18 -10.63
N ASN A 34 0.62 -6.02 -10.98
CA ASN A 34 -0.28 -5.75 -12.09
C ASN A 34 -1.20 -4.57 -11.78
N PHE A 35 -1.64 -4.49 -10.53
CA PHE A 35 -2.54 -3.44 -10.08
C PHE A 35 -1.83 -2.09 -9.98
N ALA A 36 -0.63 -2.11 -9.42
CA ALA A 36 0.16 -0.90 -9.24
C ALA A 36 0.59 -0.31 -10.58
N ASP A 37 1.05 -1.19 -11.47
CA ASP A 37 1.53 -0.77 -12.78
C ASP A 37 0.42 -0.08 -13.59
N LYS A 38 -0.76 -0.68 -13.53
CA LYS A 38 -1.90 -0.23 -14.32
C LYS A 38 -2.86 0.59 -13.45
N HIS A 39 -2.30 1.26 -12.45
CA HIS A 39 -3.10 2.04 -11.49
C HIS A 39 -3.92 3.13 -12.19
N ILE A 40 -3.42 3.63 -13.31
CA ILE A 40 -4.06 4.73 -14.05
C ILE A 40 -4.17 5.99 -13.19
N LYS A 41 -5.23 6.07 -12.39
CA LYS A 41 -5.49 7.25 -11.56
C LYS A 41 -6.52 6.90 -10.49
N ILE A 42 -6.17 7.17 -9.22
CA ILE A 42 -6.98 6.73 -8.09
C ILE A 42 -7.50 7.89 -7.23
N LEU A 43 -6.62 8.82 -6.87
CA LEU A 43 -6.96 9.86 -5.89
C LEU A 43 -6.37 11.21 -6.28
N GLU A 44 -6.68 12.23 -5.48
CA GLU A 44 -6.11 13.56 -5.65
C GLU A 44 -4.75 13.63 -4.96
N SER A 45 -4.10 14.77 -5.04
CA SER A 45 -2.77 14.95 -4.45
C SER A 45 -2.85 14.80 -2.92
N TYR A 46 -3.71 15.60 -2.31
CA TYR A 46 -3.90 15.58 -0.86
C TYR A 46 -4.56 14.28 -0.41
N GLU A 47 -5.47 13.77 -1.25
CA GLU A 47 -6.16 12.50 -0.95
C GLU A 47 -5.15 11.37 -0.83
N ALA A 48 -4.34 11.21 -1.87
CA ALA A 48 -3.35 10.14 -1.89
C ALA A 48 -2.34 10.35 -0.77
N PHE A 49 -1.90 11.60 -0.60
CA PHE A 49 -0.93 11.96 0.43
C PHE A 49 -1.41 11.52 1.81
N ASP A 50 -2.67 11.77 2.09
CA ASP A 50 -3.24 11.44 3.40
C ASP A 50 -3.44 9.94 3.54
N ILE A 51 -3.86 9.31 2.44
CA ILE A 51 -4.00 7.86 2.40
C ILE A 51 -2.63 7.20 2.63
N LEU A 52 -1.56 7.91 2.26
CA LEU A 52 -0.20 7.42 2.51
C LEU A 52 0.01 7.19 4.00
N LYS A 53 -0.24 8.23 4.80
CA LYS A 53 -0.05 8.15 6.26
C LYS A 53 -1.03 7.15 6.87
N GLN A 54 -2.27 7.14 6.37
CA GLN A 54 -3.27 6.18 6.85
C GLN A 54 -2.78 4.75 6.64
N PHE A 55 -2.29 4.46 5.44
CA PHE A 55 -1.78 3.13 5.12
C PHE A 55 -0.48 2.86 5.85
N VAL A 56 0.36 3.88 5.99
CA VAL A 56 1.60 3.76 6.76
C VAL A 56 1.31 3.16 8.14
N ASP A 57 0.40 3.79 8.86
CA ASP A 57 0.04 3.33 10.19
C ASP A 57 -0.63 1.96 10.13
N TYR A 58 -1.62 1.82 9.24
CA TYR A 58 -2.35 0.57 9.10
C TYR A 58 -1.40 -0.61 8.83
N MET A 59 -0.39 -0.35 8.02
CA MET A 59 0.62 -1.37 7.70
C MET A 59 1.50 -1.64 8.91
N ILE A 60 1.86 -0.59 9.64
CA ILE A 60 2.70 -0.75 10.83
C ILE A 60 1.97 -1.58 11.88
N GLU A 61 0.63 -1.49 11.88
CA GLU A 61 -0.19 -2.27 12.81
C GLU A 61 -0.10 -3.77 12.52
N GLU A 62 0.13 -4.13 11.25
CA GLU A 62 0.20 -5.55 10.88
C GLU A 62 1.66 -6.02 10.79
N HIS A 63 2.58 -5.05 10.70
CA HIS A 63 4.02 -5.30 10.81
C HIS A 63 4.47 -6.60 10.13
N ASP A 64 3.94 -6.88 8.94
CA ASP A 64 4.21 -8.15 8.26
C ASP A 64 5.15 -7.92 7.06
N GLU A 65 6.32 -8.56 7.10
CA GLU A 65 7.34 -8.42 6.06
C GLU A 65 6.90 -9.03 4.73
N LYS A 66 5.99 -10.00 4.79
CA LYS A 66 5.58 -10.76 3.60
C LYS A 66 4.82 -9.87 2.61
N SER A 67 4.57 -8.64 3.01
CA SER A 67 3.76 -7.73 2.21
C SER A 67 4.55 -6.49 1.84
N GLU A 68 5.83 -6.46 2.23
CA GLU A 68 6.68 -5.29 1.98
C GLU A 68 6.52 -4.79 0.55
N TYR A 69 6.70 -5.69 -0.41
CA TYR A 69 6.61 -5.35 -1.83
C TYR A 69 5.20 -4.86 -2.17
N GLU A 70 4.20 -5.42 -1.49
CA GLU A 70 2.80 -5.09 -1.78
C GLU A 70 2.51 -3.67 -1.31
N ILE A 71 2.96 -3.38 -0.09
CA ILE A 71 2.82 -2.07 0.50
C ILE A 71 3.53 -1.03 -0.36
N MET A 72 4.72 -1.37 -0.84
CA MET A 72 5.53 -0.46 -1.65
C MET A 72 4.88 -0.20 -3.01
N GLU A 73 4.25 -1.23 -3.60
CA GLU A 73 3.52 -1.05 -4.85
C GLU A 73 2.32 -0.11 -4.64
N ILE A 74 1.61 -0.33 -3.54
CA ILE A 74 0.50 0.53 -3.18
C ILE A 74 1.01 1.97 -2.94
N LEU A 75 2.12 2.09 -2.24
CA LEU A 75 2.67 3.40 -1.89
C LEU A 75 3.25 4.09 -3.11
N ARG A 76 3.81 3.30 -4.01
CA ARG A 76 4.42 3.85 -5.20
C ARG A 76 3.35 4.43 -6.11
N GLN A 77 2.26 3.68 -6.29
CA GLN A 77 1.18 4.14 -7.15
C GLN A 77 0.46 5.34 -6.53
N LEU A 78 0.25 5.29 -5.21
CA LEU A 78 -0.43 6.36 -4.49
C LEU A 78 0.42 7.64 -4.45
N LYS A 79 1.73 7.49 -4.25
CA LYS A 79 2.62 8.64 -4.21
C LYS A 79 2.82 9.22 -5.62
N TYR A 80 2.94 8.32 -6.60
CA TYR A 80 3.07 8.74 -7.99
C TYR A 80 1.78 9.44 -8.42
N GLN A 81 0.67 9.02 -7.82
CA GLN A 81 -0.61 9.68 -7.99
C GLN A 81 -0.61 11.05 -7.29
N ALA A 82 -0.18 11.04 -6.03
CA ALA A 82 -0.13 12.24 -5.21
C ALA A 82 0.76 13.30 -5.85
N ASP A 83 1.66 12.87 -6.74
CA ASP A 83 2.52 13.78 -7.50
C ASP A 83 3.45 14.53 -6.52
N THR A 84 3.80 13.86 -5.43
CA THR A 84 4.62 14.46 -4.40
C THR A 84 5.95 13.71 -4.26
N ASN A 85 6.90 14.39 -3.66
CA ASN A 85 8.23 13.84 -3.41
C ASN A 85 8.39 13.49 -1.93
N GLU A 86 7.47 13.99 -1.11
CA GLU A 86 7.55 13.83 0.35
C GLU A 86 6.90 12.53 0.82
N LYS A 87 6.81 12.37 2.13
CA LYS A 87 6.11 11.25 2.75
C LYS A 87 5.55 11.69 4.09
N PHE A 88 4.56 10.97 4.61
CA PHE A 88 3.86 11.38 5.83
C PHE A 88 3.60 10.17 6.72
N TYR A 89 3.42 10.43 8.01
CA TYR A 89 3.10 9.39 8.99
C TYR A 89 2.26 9.98 10.12
N THR A 90 1.85 9.15 11.06
CA THR A 90 1.01 9.59 12.19
C THR A 90 1.73 9.36 13.51
N ASN A 91 1.11 9.85 14.59
CA ASN A 91 1.69 9.76 15.93
C ASN A 91 1.62 8.31 16.44
N THR A 92 0.61 7.58 15.99
CA THR A 92 0.40 6.20 16.43
C THR A 92 1.63 5.34 16.12
N GLN A 93 2.10 5.41 14.88
CA GLN A 93 3.28 4.67 14.46
C GLN A 93 4.54 5.13 15.22
N LYS A 94 4.72 6.46 15.30
CA LYS A 94 5.89 7.09 15.94
C LYS A 94 7.21 6.37 15.56
N GLN A 95 7.21 5.80 14.35
CA GLN A 95 8.37 5.09 13.79
C GLN A 95 8.38 5.36 12.28
N LYS A 96 9.22 4.64 11.53
CA LYS A 96 9.16 4.70 10.08
C LYS A 96 9.33 3.31 9.49
N ILE A 97 8.43 2.95 8.57
CA ILE A 97 8.41 1.62 7.96
C ILE A 97 9.73 1.34 7.25
N VAL A 98 10.32 2.38 6.70
CA VAL A 98 11.63 2.31 6.04
C VAL A 98 12.65 1.47 6.84
N GLU A 99 12.56 1.52 8.17
CA GLU A 99 13.49 0.80 9.04
C GLU A 99 13.35 -0.72 8.86
N LEU A 100 12.14 -1.19 8.58
CA LEU A 100 11.89 -2.61 8.35
C LEU A 100 12.00 -2.93 6.87
N TYR A 101 11.79 -1.91 6.05
CA TYR A 101 11.87 -2.04 4.59
C TYR A 101 13.24 -2.54 4.12
N LYS A 102 13.22 -3.44 3.15
CA LYS A 102 14.43 -3.90 2.49
C LYS A 102 14.80 -2.94 1.36
N GLN A 103 16.05 -2.50 1.33
CA GLN A 103 16.52 -1.52 0.35
C GLN A 103 16.27 -1.99 -1.09
N GLU A 104 16.40 -3.29 -1.32
CA GLU A 104 16.19 -3.88 -2.64
C GLU A 104 14.74 -3.69 -3.11
N ILE A 105 13.82 -3.67 -2.16
CA ILE A 105 12.41 -3.46 -2.49
C ILE A 105 12.13 -1.99 -2.76
N SER A 106 12.71 -1.13 -1.93
CA SER A 106 12.46 0.31 -2.00
C SER A 106 13.21 0.96 -3.16
N GLN A 107 14.36 0.41 -3.54
CA GLN A 107 15.18 0.98 -4.60
C GLN A 107 14.43 1.07 -5.92
N ASP A 108 13.66 0.04 -6.22
CA ASP A 108 12.97 -0.01 -7.49
C ASP A 108 11.84 1.03 -7.49
N ILE A 109 11.21 1.14 -6.34
CA ILE A 109 10.13 2.11 -6.12
C ILE A 109 10.63 3.53 -6.35
N LEU A 110 11.75 3.87 -5.73
CA LEU A 110 12.36 5.18 -5.88
C LEU A 110 12.81 5.39 -7.32
N ASN A 111 13.30 4.32 -7.93
CA ASN A 111 13.68 4.33 -9.34
C ASN A 111 12.52 4.80 -10.21
N GLU A 112 11.31 4.43 -9.81
CA GLU A 112 10.09 4.77 -10.54
C GLU A 112 9.64 6.20 -10.25
N ILE A 113 9.34 6.46 -8.97
CA ILE A 113 8.73 7.72 -8.58
C ILE A 113 9.70 8.89 -8.72
N PHE A 114 10.94 8.68 -8.32
CA PHE A 114 11.97 9.72 -8.36
C PHE A 114 12.75 9.63 -9.67
N ARG A 115 12.12 9.03 -10.67
CA ARG A 115 12.69 8.89 -12.00
C ARG A 115 12.61 10.23 -12.75
#